data_7NH9
#
_entry.id   7NH9
#
_cell.length_a   1.00
_cell.length_b   1.00
_cell.length_c   1.00
_cell.angle_alpha   90.00
_cell.angle_beta   90.00
_cell.angle_gamma   90.00
#
_symmetry.space_group_name_H-M   'P 1'
#
_entity_poly.entity_id   1
_entity_poly.type   'polypeptide(L)'
_entity_poly.pdbx_seq_one_letter_code
;MGSSHHHHHHSSGLVPRGSHMASMTGGQQMGRGSMQAYESGDERGLIYGYVLNGRGGGRRVGRNQIAVLDLLPEESLWLH
WDRGVPEAQAWLRDSAGLSEFACDLLLEEATRPRLLDLGAESLLVFLRGVNLNPGAEPEDMVSLRVFADARRVISLRLRP
LKAVADLLEDLEAGKGPKTASEVVYYLAHYLTDRVDTLISGIADQLDAVEELVEADERASPDQHQLRTLRRRSAGLRRYL
APQRDIYSQLARYKLSWFVEDDADYWNELNNRLTRNLEELELIRERISVLQEAESRRITERMNRTMYLLGIITGFFLPMS
FVTGLLGINVGGIPGADAPHGFWLACLLIGGVATFQWWVFRRLRWL
;
_entity_poly.pdbx_strand_id   A,B,C,D,E
#
# COMPACT_ATOMS: atom_id res chain seq x y z
N GLU A 39 23.84 -36.69 32.69
CA GLU A 39 24.16 -38.11 32.79
C GLU A 39 24.02 -38.59 34.23
N SER A 40 24.85 -39.55 34.62
CA SER A 40 24.87 -40.02 36.00
C SER A 40 25.27 -38.89 36.93
N GLY A 41 24.59 -38.82 38.07
CA GLY A 41 24.71 -37.67 38.95
C GLY A 41 23.89 -36.50 38.44
N ASP A 42 23.80 -35.48 39.27
CA ASP A 42 22.97 -34.33 38.91
C ASP A 42 23.76 -33.34 38.08
N GLU A 43 23.09 -32.76 37.10
CA GLU A 43 23.70 -31.83 36.16
C GLU A 43 23.28 -30.40 36.51
N ARG A 44 24.22 -29.47 36.42
CA ARG A 44 23.94 -28.09 36.77
C ARG A 44 23.12 -27.41 35.68
N GLY A 45 23.70 -27.25 34.49
CA GLY A 45 22.96 -26.60 33.42
C GLY A 45 23.20 -27.20 32.05
N LEU A 46 24.10 -28.17 31.95
CA LEU A 46 24.59 -28.67 30.67
C LEU A 46 23.62 -29.72 30.14
N ILE A 47 22.90 -29.38 29.09
CA ILE A 47 21.95 -30.33 28.51
C ILE A 47 22.70 -31.45 27.81
N TYR A 48 23.45 -31.12 26.77
CA TYR A 48 24.18 -32.07 25.94
C TYR A 48 25.65 -31.70 25.95
N GLY A 49 26.47 -32.49 26.64
CA GLY A 49 27.89 -32.30 26.56
C GLY A 49 28.53 -33.37 25.71
N TYR A 50 28.85 -33.03 24.46
CA TYR A 50 29.27 -34.02 23.48
C TYR A 50 30.54 -33.55 22.80
N VAL A 51 31.64 -34.29 23.00
CA VAL A 51 32.87 -34.04 22.28
C VAL A 51 32.80 -34.75 20.94
N LEU A 52 33.08 -34.03 19.87
CA LEU A 52 32.97 -34.60 18.53
C LEU A 52 34.15 -35.54 18.31
N ASN A 53 34.29 -36.01 17.07
CA ASN A 53 35.31 -37.00 16.74
C ASN A 53 36.14 -36.65 15.52
N GLY A 54 35.71 -35.71 14.69
CA GLY A 54 36.34 -35.48 13.42
C GLY A 54 35.93 -36.45 12.33
N ARG A 55 35.13 -37.46 12.66
CA ARG A 55 34.65 -38.43 11.69
C ARG A 55 33.16 -38.64 11.79
N GLY A 56 32.43 -37.66 12.34
CA GLY A 56 31.01 -37.80 12.56
C GLY A 56 30.63 -38.48 13.85
N GLY A 57 31.55 -39.20 14.49
CA GLY A 57 31.24 -39.89 15.72
C GLY A 57 31.23 -38.97 16.92
N GLY A 58 31.79 -39.41 18.04
CA GLY A 58 31.92 -38.55 19.18
C GLY A 58 31.71 -39.32 20.47
N ARG A 59 31.39 -38.58 21.52
CA ARG A 59 31.25 -39.11 22.87
C ARG A 59 30.63 -38.04 23.75
N ARG A 60 29.78 -38.44 24.68
CA ARG A 60 29.23 -37.53 25.67
C ARG A 60 30.18 -37.41 26.85
N VAL A 61 30.27 -36.20 27.41
CA VAL A 61 31.28 -35.94 28.43
C VAL A 61 30.63 -35.65 29.78
N GLY A 62 29.44 -35.09 29.78
CA GLY A 62 28.77 -34.75 31.01
C GLY A 62 29.39 -33.56 31.71
N ARG A 63 29.06 -33.43 33.00
CA ARG A 63 29.44 -32.27 33.79
C ARG A 63 30.92 -32.22 34.13
N ASN A 64 31.66 -33.29 33.90
CA ASN A 64 33.10 -33.30 34.16
C ASN A 64 33.86 -33.07 32.85
N GLN A 65 33.75 -31.83 32.36
CA GLN A 65 34.33 -31.46 31.08
C GLN A 65 35.39 -30.39 31.16
N ILE A 66 35.64 -29.81 32.34
CA ILE A 66 36.68 -28.80 32.47
C ILE A 66 38.04 -29.45 32.36
N ALA A 67 38.09 -30.78 32.49
CA ALA A 67 39.36 -31.50 32.51
C ALA A 67 39.52 -32.40 31.28
N VAL A 68 38.81 -32.10 30.20
CA VAL A 68 39.06 -32.81 28.95
C VAL A 68 40.31 -32.22 28.29
N LEU A 69 41.17 -33.10 27.81
CA LEU A 69 42.35 -32.69 27.05
C LEU A 69 42.12 -33.20 25.63
N ASP A 70 41.57 -32.34 24.78
CA ASP A 70 41.31 -32.71 23.41
C ASP A 70 42.61 -33.06 22.71
N LEU A 71 42.60 -34.17 21.98
CA LEU A 71 43.79 -34.62 21.28
C LEU A 71 43.97 -33.75 20.03
N LEU A 72 44.85 -34.19 19.13
CA LEU A 72 45.23 -33.40 17.96
C LEU A 72 43.99 -32.83 17.29
N PRO A 73 44.05 -31.61 16.79
CA PRO A 73 42.82 -30.84 16.55
C PRO A 73 41.98 -31.29 15.37
N GLU A 74 41.35 -32.46 15.48
CA GLU A 74 40.26 -32.81 14.58
C GLU A 74 38.91 -32.82 15.26
N GLU A 75 38.87 -32.98 16.58
CA GLU A 75 37.62 -33.08 17.32
C GLU A 75 37.31 -31.73 17.95
N SER A 76 36.09 -31.26 17.75
CA SER A 76 35.60 -30.05 18.38
C SER A 76 35.08 -30.43 19.76
N LEU A 77 34.33 -29.51 20.36
CA LEU A 77 33.63 -29.78 21.60
C LEU A 77 32.35 -28.98 21.61
N TRP A 78 31.25 -29.65 21.88
CA TRP A 78 29.93 -29.05 21.82
C TRP A 78 29.32 -29.02 23.21
N LEU A 79 28.67 -27.91 23.53
CA LEU A 79 28.01 -27.77 24.83
C LEU A 79 26.67 -27.08 24.60
N HIS A 80 25.60 -27.76 24.96
CA HIS A 80 24.27 -27.21 24.88
C HIS A 80 23.85 -26.81 26.29
N TRP A 81 23.59 -25.53 26.51
CA TRP A 81 23.31 -25.01 27.83
C TRP A 81 21.87 -24.54 27.93
N ASP A 82 21.31 -24.70 29.11
CA ASP A 82 20.01 -24.12 29.43
C ASP A 82 20.21 -22.67 29.86
N ARG A 83 19.70 -21.73 29.06
CA ARG A 83 19.93 -20.32 29.33
C ARG A 83 19.26 -19.86 30.61
N GLY A 84 18.30 -20.63 31.13
CA GLY A 84 17.58 -20.22 32.31
C GLY A 84 18.27 -20.58 33.61
N VAL A 85 18.91 -21.74 33.63
CA VAL A 85 19.55 -22.20 34.88
C VAL A 85 20.67 -21.24 35.24
N PRO A 86 20.72 -20.72 36.47
CA PRO A 86 21.75 -19.73 36.81
C PRO A 86 23.15 -20.29 36.83
N GLU A 87 23.32 -21.60 37.05
CA GLU A 87 24.66 -22.18 37.03
C GLU A 87 25.23 -22.19 35.62
N ALA A 88 24.36 -22.30 34.61
CA ALA A 88 24.82 -22.19 33.23
C ALA A 88 25.42 -20.82 32.96
N GLN A 89 24.71 -19.76 33.36
CA GLN A 89 25.24 -18.41 33.20
C GLN A 89 26.46 -18.20 34.07
N ALA A 90 26.52 -18.88 35.22
CA ALA A 90 27.68 -18.78 36.09
C ALA A 90 28.92 -19.31 35.37
N TRP A 91 28.88 -20.58 34.95
CA TRP A 91 30.00 -21.15 34.21
C TRP A 91 30.28 -20.36 32.93
N LEU A 92 29.24 -19.85 32.28
CA LEU A 92 29.41 -19.14 31.03
C LEU A 92 30.13 -17.81 31.21
N ARG A 93 30.02 -17.20 32.39
CA ARG A 93 30.72 -15.95 32.63
C ARG A 93 32.22 -16.16 32.76
N ASP A 94 32.62 -17.12 33.60
CA ASP A 94 34.03 -17.44 33.76
C ASP A 94 34.31 -18.89 33.41
N SER A 95 34.44 -19.18 32.11
CA SER A 95 34.96 -20.43 31.57
C SER A 95 34.97 -20.33 30.06
N ALA A 96 35.88 -21.06 29.43
CA ALA A 96 36.13 -20.99 27.99
C ALA A 96 36.52 -19.59 27.53
N GLY A 97 36.86 -18.72 28.48
CA GLY A 97 37.39 -17.40 28.16
C GLY A 97 36.59 -16.62 27.15
N LEU A 98 35.35 -16.28 27.47
CA LEU A 98 34.55 -15.42 26.62
C LEU A 98 34.63 -13.99 27.14
N SER A 99 34.74 -13.04 26.21
CA SER A 99 34.71 -11.63 26.59
C SER A 99 33.40 -11.32 27.28
N GLU A 100 33.47 -10.52 28.34
CA GLU A 100 32.27 -10.16 29.09
C GLU A 100 31.24 -9.51 28.18
N PHE A 101 31.69 -8.78 27.18
CA PHE A 101 30.79 -8.26 26.15
C PHE A 101 30.02 -9.39 25.48
N ALA A 102 30.71 -10.45 25.08
CA ALA A 102 30.06 -11.57 24.43
C ALA A 102 29.03 -12.22 25.35
N CYS A 103 29.46 -12.60 26.57
CA CYS A 103 28.55 -13.21 27.53
C CYS A 103 27.30 -12.37 27.72
N ASP A 104 27.48 -11.06 27.92
CA ASP A 104 26.32 -10.19 28.05
C ASP A 104 25.52 -10.10 26.76
N LEU A 105 26.11 -10.48 25.63
CA LEU A 105 25.41 -10.33 24.35
C LEU A 105 24.48 -11.50 24.06
N LEU A 106 24.80 -12.69 24.54
CA LEU A 106 23.97 -13.86 24.28
C LEU A 106 23.19 -14.31 25.49
N LEU A 107 23.30 -13.61 26.62
CA LEU A 107 22.45 -13.85 27.77
C LEU A 107 21.37 -12.79 27.92
N GLU A 108 21.08 -12.06 26.85
CA GLU A 108 20.02 -11.06 26.87
C GLU A 108 18.66 -11.76 27.01
N GLU A 109 17.61 -10.94 27.03
CA GLU A 109 16.24 -11.45 27.09
C GLU A 109 15.57 -11.42 25.73
N ALA A 110 15.58 -10.27 25.06
CA ALA A 110 15.01 -10.14 23.73
C ALA A 110 16.12 -9.96 22.71
N THR A 111 16.03 -10.70 21.61
CA THR A 111 17.03 -10.64 20.56
C THR A 111 16.35 -10.80 19.22
N ARG A 112 17.03 -10.42 18.20
CA ARG A 112 16.64 -10.70 16.82
C ARG A 112 17.76 -11.45 16.12
N PRO A 113 17.43 -12.25 15.10
CA PRO A 113 18.47 -13.06 14.45
C PRO A 113 19.52 -12.20 13.77
N ARG A 114 20.79 -12.50 14.06
CA ARG A 114 21.89 -11.77 13.46
C ARG A 114 23.17 -12.56 13.66
N LEU A 115 24.11 -12.33 12.76
CA LEU A 115 25.46 -12.87 12.86
C LEU A 115 26.40 -11.79 13.37
N LEU A 116 27.39 -12.18 14.15
CA LEU A 116 28.25 -11.20 14.78
C LEU A 116 29.65 -11.78 14.94
N ASP A 117 30.62 -11.18 14.24
CA ASP A 117 32.01 -11.61 14.29
C ASP A 117 32.75 -10.74 15.30
N LEU A 118 33.46 -11.38 16.24
CA LEU A 118 34.27 -10.64 17.19
C LEU A 118 35.68 -11.22 17.29
N GLY A 119 36.50 -10.91 16.28
CA GLY A 119 37.95 -10.91 16.44
C GLY A 119 38.63 -12.21 16.09
N ALA A 120 39.09 -12.36 14.84
CA ALA A 120 40.02 -13.40 14.43
C ALA A 120 39.51 -14.82 14.71
N GLU A 121 38.34 -14.91 15.32
CA GLU A 121 37.75 -16.16 15.78
C GLU A 121 36.37 -15.83 16.33
N SER A 122 35.66 -16.81 16.89
CA SER A 122 34.60 -16.56 17.84
C SER A 122 33.50 -15.66 17.25
N LEU A 123 32.76 -16.23 16.30
CA LEU A 123 31.59 -15.51 15.85
C LEU A 123 30.38 -15.92 16.67
N LEU A 124 29.34 -15.08 16.64
CA LEU A 124 28.11 -15.29 17.38
C LEU A 124 26.93 -15.31 16.41
N VAL A 125 26.11 -16.35 16.49
CA VAL A 125 24.95 -16.49 15.63
C VAL A 125 23.72 -16.60 16.51
N PHE A 126 22.66 -15.88 16.16
CA PHE A 126 21.40 -15.94 16.88
C PHE A 126 20.33 -16.47 15.93
N LEU A 127 19.92 -17.72 16.16
CA LEU A 127 18.98 -18.40 15.28
C LEU A 127 17.65 -18.60 15.99
N ARG A 128 16.63 -18.89 15.19
CA ARG A 128 15.26 -19.04 15.66
C ARG A 128 14.71 -20.37 15.19
N GLY A 129 14.31 -21.22 16.13
CA GLY A 129 13.70 -22.50 15.81
C GLY A 129 12.30 -22.35 15.25
N VAL A 130 11.44 -23.35 15.46
CA VAL A 130 10.07 -23.27 14.99
C VAL A 130 9.08 -23.70 16.06
N ASN A 131 9.55 -24.01 17.28
CA ASN A 131 8.70 -24.17 18.44
C ASN A 131 7.70 -25.31 18.27
N LEU A 132 8.22 -26.52 18.12
CA LEU A 132 7.37 -27.70 18.17
C LEU A 132 7.27 -28.24 19.59
N ASN A 133 6.99 -27.38 20.49
CA ASN A 133 6.83 -27.76 21.89
C ASN A 133 5.40 -28.19 22.15
N PRO A 134 5.17 -29.05 23.14
CA PRO A 134 3.80 -29.51 23.41
C PRO A 134 2.82 -28.39 23.69
N GLY A 135 3.29 -27.21 24.03
CA GLY A 135 2.36 -26.15 24.39
C GLY A 135 1.53 -25.64 23.24
N ALA A 136 2.14 -24.87 22.34
CA ALA A 136 1.37 -24.22 21.27
C ALA A 136 2.25 -23.43 20.32
N GLU A 137 1.63 -22.80 19.32
CA GLU A 137 2.25 -21.72 18.57
C GLU A 137 3.52 -22.11 17.82
N PRO A 138 3.40 -22.73 16.65
CA PRO A 138 4.58 -22.89 15.79
C PRO A 138 5.33 -21.58 15.56
N GLU A 139 4.63 -20.47 15.29
CA GLU A 139 5.31 -19.19 15.30
C GLU A 139 5.64 -18.87 16.76
N ASP A 140 6.15 -17.68 17.05
CA ASP A 140 6.77 -17.43 18.36
C ASP A 140 7.92 -18.42 18.52
N MET A 141 8.90 -18.27 17.66
CA MET A 141 9.91 -19.29 17.43
C MET A 141 10.92 -19.33 18.56
N VAL A 142 11.27 -20.55 18.99
CA VAL A 142 12.32 -20.73 19.98
C VAL A 142 13.60 -20.12 19.45
N SER A 143 14.36 -19.48 20.34
CA SER A 143 15.60 -18.82 19.94
C SER A 143 16.80 -19.65 20.36
N LEU A 144 17.68 -19.91 19.41
CA LEU A 144 18.92 -20.65 19.64
C LEU A 144 20.09 -19.71 19.40
N ARG A 145 20.99 -19.60 20.36
CA ARG A 145 22.12 -18.70 20.30
C ARG A 145 23.41 -19.50 20.33
N VAL A 146 24.25 -19.31 19.32
CA VAL A 146 25.45 -20.12 19.13
C VAL A 146 26.67 -19.22 19.25
N PHE A 147 27.69 -19.71 19.95
CA PHE A 147 29.00 -19.09 19.96
C PHE A 147 29.96 -20.07 19.30
N ALA A 148 30.38 -19.75 18.09
CA ALA A 148 31.18 -20.66 17.29
C ALA A 148 32.64 -20.24 17.33
N ASP A 149 33.49 -21.15 17.78
CA ASP A 149 34.93 -20.98 17.76
C ASP A 149 35.52 -21.87 16.67
N ALA A 150 36.85 -21.88 16.59
CA ALA A 150 37.49 -22.80 15.66
C ALA A 150 37.49 -24.23 16.19
N ARG A 151 37.37 -24.40 17.51
CA ARG A 151 37.39 -25.73 18.10
C ARG A 151 36.35 -25.90 19.20
N ARG A 152 35.40 -24.97 19.35
CA ARG A 152 34.36 -25.10 20.35
C ARG A 152 33.08 -24.51 19.80
N VAL A 153 31.96 -25.11 20.18
CA VAL A 153 30.64 -24.56 19.91
C VAL A 153 29.88 -24.57 21.22
N ILE A 154 29.24 -23.46 21.56
CA ILE A 154 28.47 -23.32 22.78
C ILE A 154 27.11 -22.77 22.39
N SER A 155 26.07 -23.53 22.67
CA SER A 155 24.73 -23.19 22.23
C SER A 155 23.82 -22.99 23.44
N LEU A 156 22.93 -22.01 23.34
CA LEU A 156 22.08 -21.61 24.44
C LEU A 156 20.62 -21.69 24.00
N ARG A 157 19.74 -22.06 24.92
CA ARG A 157 18.32 -22.08 24.63
C ARG A 157 17.54 -22.03 25.93
N LEU A 158 16.33 -21.48 25.85
CA LEU A 158 15.38 -21.52 26.95
C LEU A 158 14.44 -22.71 26.85
N ARG A 159 13.65 -22.78 25.79
CA ARG A 159 12.71 -23.82 25.44
C ARG A 159 13.36 -24.86 24.55
N PRO A 160 13.08 -26.15 24.76
CA PRO A 160 13.79 -27.18 24.01
C PRO A 160 13.54 -27.04 22.51
N LEU A 161 14.51 -27.48 21.73
CA LEU A 161 14.47 -27.41 20.27
C LEU A 161 14.52 -28.81 19.71
N LYS A 162 13.82 -29.03 18.60
CA LYS A 162 13.90 -30.32 17.93
C LYS A 162 15.24 -30.48 17.22
N ALA A 163 15.67 -29.44 16.51
CA ALA A 163 16.89 -29.50 15.71
C ALA A 163 18.07 -30.04 16.51
N VAL A 164 18.13 -29.71 17.79
CA VAL A 164 19.25 -30.17 18.61
C VAL A 164 19.17 -31.65 18.88
N ALA A 165 17.97 -32.18 19.16
CA ALA A 165 17.84 -33.62 19.32
C ALA A 165 18.15 -34.33 18.01
N ASP A 166 17.72 -33.74 16.89
CA ASP A 166 18.07 -34.28 15.58
C ASP A 166 19.58 -34.39 15.43
N LEU A 167 20.28 -33.30 15.72
CA LEU A 167 21.73 -33.29 15.59
C LEU A 167 22.38 -34.30 16.52
N LEU A 168 21.83 -34.47 17.72
CA LEU A 168 22.42 -35.41 18.66
C LEU A 168 22.27 -36.84 18.16
N GLU A 169 21.03 -37.27 17.90
CA GLU A 169 20.80 -38.61 17.39
C GLU A 169 21.53 -38.83 16.08
N ASP A 170 21.76 -37.77 15.31
CA ASP A 170 22.63 -37.84 14.15
C ASP A 170 24.05 -38.20 14.56
N LEU A 171 24.56 -37.50 15.57
CA LEU A 171 25.94 -37.70 16.03
C LEU A 171 26.17 -39.12 16.52
N GLU A 172 25.43 -39.54 17.55
CA GLU A 172 25.71 -40.87 18.08
C GLU A 172 25.35 -41.97 17.09
N ALA A 173 24.67 -41.66 15.99
CA ALA A 173 24.50 -42.62 14.92
C ALA A 173 25.75 -42.79 14.08
N GLY A 174 26.78 -41.97 14.30
CA GLY A 174 28.01 -42.07 13.55
C GLY A 174 28.03 -41.32 12.24
N LYS A 175 27.03 -40.48 11.97
CA LYS A 175 26.98 -39.73 10.72
C LYS A 175 26.73 -38.24 10.95
N GLY A 176 27.06 -37.74 12.13
CA GLY A 176 26.85 -36.34 12.43
C GLY A 176 27.99 -35.48 11.93
N PRO A 177 28.04 -34.24 12.40
CA PRO A 177 29.11 -33.34 11.97
C PRO A 177 30.45 -33.76 12.54
N LYS A 178 31.50 -33.08 12.10
CA LYS A 178 32.83 -33.39 12.59
C LYS A 178 33.65 -32.17 12.99
N THR A 179 33.23 -30.95 12.64
CA THR A 179 33.90 -29.75 13.11
C THR A 179 32.86 -28.70 13.46
N ALA A 180 33.35 -27.59 14.03
CA ALA A 180 32.47 -26.55 14.56
C ALA A 180 31.57 -25.97 13.48
N SER A 181 32.16 -25.59 12.34
CA SER A 181 31.36 -25.08 11.24
C SER A 181 30.30 -26.08 10.83
N GLU A 182 30.63 -27.36 10.85
CA GLU A 182 29.65 -28.38 10.49
C GLU A 182 28.52 -28.43 11.51
N VAL A 183 28.83 -28.22 12.79
CA VAL A 183 27.77 -28.20 13.81
C VAL A 183 26.82 -27.04 13.57
N VAL A 184 27.36 -25.85 13.33
CA VAL A 184 26.49 -24.71 13.08
C VAL A 184 25.67 -24.94 11.82
N TYR A 185 26.28 -25.53 10.79
CA TYR A 185 25.55 -25.78 9.55
C TYR A 185 24.43 -26.79 9.78
N TYR A 186 24.70 -27.83 10.56
CA TYR A 186 23.66 -28.82 10.82
C TYR A 186 22.49 -28.19 11.57
N LEU A 187 22.80 -27.37 12.57
CA LEU A 187 21.73 -26.70 13.31
C LEU A 187 20.87 -25.85 12.38
N ALA A 188 21.52 -25.04 11.54
CA ALA A 188 20.76 -24.19 10.64
C ALA A 188 19.97 -25.02 9.63
N HIS A 189 20.57 -26.10 9.15
CA HIS A 189 19.91 -26.97 8.18
C HIS A 189 18.64 -27.56 8.75
N TYR A 190 18.71 -28.04 9.99
CA TYR A 190 17.52 -28.64 10.60
C TYR A 190 16.46 -27.59 10.88
N LEU A 191 16.87 -26.42 11.37
CA LEU A 191 15.89 -25.35 11.59
C LEU A 191 15.14 -25.03 10.29
N THR A 192 15.86 -24.98 9.17
CA THR A 192 15.19 -24.72 7.91
C THR A 192 14.34 -25.89 7.44
N ASP A 193 14.83 -27.12 7.62
CA ASP A 193 14.07 -28.29 7.22
C ASP A 193 12.75 -28.36 7.97
N ARG A 194 12.67 -27.73 9.14
CA ARG A 194 11.39 -27.69 9.83
C ARG A 194 10.56 -26.47 9.49
N VAL A 195 11.19 -25.32 9.24
CA VAL A 195 10.39 -24.15 8.88
C VAL A 195 9.71 -24.37 7.53
N ASP A 196 10.36 -25.08 6.61
CA ASP A 196 9.71 -25.26 5.32
C ASP A 196 8.60 -26.29 5.41
N THR A 197 8.76 -27.30 6.25
CA THR A 197 7.66 -28.22 6.54
C THR A 197 6.46 -27.47 7.07
N LEU A 198 6.68 -26.56 8.02
CA LEU A 198 5.57 -25.79 8.56
C LEU A 198 4.90 -24.94 7.48
N ILE A 199 5.70 -24.31 6.62
CA ILE A 199 5.10 -23.42 5.61
C ILE A 199 4.33 -24.23 4.58
N SER A 200 4.84 -25.41 4.21
CA SER A 200 4.10 -26.25 3.28
C SER A 200 2.80 -26.75 3.91
N GLY A 201 2.83 -27.02 5.22
CA GLY A 201 1.59 -27.34 5.91
C GLY A 201 0.59 -26.21 5.85
N ILE A 202 1.04 -24.98 6.06
CA ILE A 202 0.16 -23.82 5.93
C ILE A 202 -0.44 -23.76 4.54
N ALA A 203 0.39 -24.03 3.52
CA ALA A 203 -0.09 -23.94 2.15
C ALA A 203 -1.15 -24.99 1.86
N ASP A 204 -0.95 -26.22 2.34
CA ASP A 204 -1.98 -27.24 2.14
C ASP A 204 -3.24 -26.93 2.93
N GLN A 205 -3.11 -26.31 4.10
CA GLN A 205 -4.30 -25.89 4.83
C GLN A 205 -5.10 -24.88 4.05
N LEU A 206 -4.43 -23.86 3.51
CA LEU A 206 -5.14 -22.90 2.67
C LEU A 206 -5.75 -23.58 1.44
N ASP A 207 -5.04 -24.57 0.88
CA ASP A 207 -5.58 -25.26 -0.28
C ASP A 207 -6.88 -25.98 0.06
N ALA A 208 -6.90 -26.67 1.21
CA ALA A 208 -8.13 -27.34 1.63
C ALA A 208 -9.24 -26.34 1.86
N VAL A 209 -8.94 -25.22 2.53
CA VAL A 209 -9.96 -24.21 2.78
C VAL A 209 -10.54 -23.70 1.46
N GLU A 210 -9.67 -23.36 0.51
CA GLU A 210 -10.14 -22.82 -0.76
C GLU A 210 -10.96 -23.85 -1.51
N GLU A 211 -10.46 -25.07 -1.61
CA GLU A 211 -11.19 -26.06 -2.41
C GLU A 211 -12.55 -26.35 -1.79
N LEU A 212 -12.64 -26.31 -0.45
CA LEU A 212 -13.95 -26.43 0.19
C LEU A 212 -14.85 -25.25 -0.18
N VAL A 213 -14.33 -24.04 -0.05
CA VAL A 213 -15.13 -22.84 -0.28
C VAL A 213 -15.67 -22.82 -1.70
N GLU A 214 -14.83 -23.15 -2.68
CA GLU A 214 -15.29 -23.07 -4.07
C GLU A 214 -16.05 -24.32 -4.51
N ALA A 215 -15.78 -25.47 -3.90
CA ALA A 215 -16.59 -26.65 -4.16
C ALA A 215 -18.03 -26.41 -3.74
N ASP A 216 -18.22 -26.04 -2.48
CA ASP A 216 -19.53 -25.59 -2.07
C ASP A 216 -19.77 -24.18 -2.61
N GLU A 217 -20.95 -23.64 -2.30
CA GLU A 217 -21.26 -22.26 -2.64
C GLU A 217 -21.90 -21.61 -1.42
N ARG A 218 -21.86 -20.27 -1.40
CA ARG A 218 -22.32 -19.44 -0.29
C ARG A 218 -21.85 -20.00 1.06
N ALA A 219 -20.66 -20.59 1.08
CA ALA A 219 -20.06 -21.13 2.28
C ALA A 219 -18.92 -20.22 2.70
N SER A 220 -19.02 -19.66 3.89
CA SER A 220 -17.97 -18.77 4.36
C SER A 220 -16.73 -19.59 4.74
N PRO A 221 -15.54 -19.08 4.47
CA PRO A 221 -14.33 -19.74 4.97
C PRO A 221 -14.30 -19.69 6.48
N ASP A 222 -13.71 -20.72 7.08
CA ASP A 222 -13.69 -20.81 8.53
C ASP A 222 -12.79 -19.72 9.09
N GLN A 223 -13.41 -18.66 9.61
CA GLN A 223 -12.65 -17.67 10.35
C GLN A 223 -12.05 -18.33 11.59
N HIS A 224 -11.21 -17.56 12.29
CA HIS A 224 -10.47 -18.08 13.44
C HIS A 224 -9.48 -19.15 13.00
N GLN A 225 -9.47 -19.44 11.70
CA GLN A 225 -8.41 -20.20 11.07
C GLN A 225 -7.63 -19.37 10.08
N LEU A 226 -8.31 -18.60 9.25
CA LEU A 226 -7.60 -17.61 8.44
C LEU A 226 -6.84 -16.63 9.32
N ARG A 227 -7.41 -16.28 10.47
CA ARG A 227 -6.72 -15.38 11.38
C ARG A 227 -5.45 -16.01 11.92
N THR A 228 -5.53 -17.28 12.32
CA THR A 228 -4.34 -17.95 12.83
C THR A 228 -3.29 -18.12 11.75
N LEU A 229 -3.72 -18.42 10.53
CA LEU A 229 -2.75 -18.57 9.44
C LEU A 229 -2.08 -17.24 9.11
N ARG A 230 -2.83 -16.15 9.16
CA ARG A 230 -2.24 -14.84 8.91
C ARG A 230 -1.25 -14.48 10.01
N ARG A 231 -1.65 -14.68 11.27
CA ARG A 231 -0.74 -14.45 12.38
C ARG A 231 0.52 -15.29 12.22
N ARG A 232 0.36 -16.54 11.80
CA ARG A 232 1.49 -17.43 11.67
C ARG A 232 2.43 -16.97 10.58
N SER A 233 1.90 -16.57 9.43
CA SER A 233 2.75 -16.08 8.35
C SER A 233 3.50 -14.83 8.79
N ALA A 234 2.82 -13.91 9.46
CA ALA A 234 3.49 -12.69 9.90
C ALA A 234 4.60 -13.00 10.91
N GLY A 235 4.28 -13.80 11.93
CA GLY A 235 5.27 -14.12 12.94
C GLY A 235 6.42 -14.94 12.41
N LEU A 236 6.19 -15.69 11.32
CA LEU A 236 7.27 -16.41 10.70
C LEU A 236 8.18 -15.47 9.91
N ARG A 237 7.59 -14.60 9.09
CA ARG A 237 8.39 -13.68 8.31
C ARG A 237 9.23 -12.77 9.21
N ARG A 238 8.66 -12.34 10.34
CA ARG A 238 9.36 -11.40 11.22
C ARG A 238 10.73 -11.93 11.63
N TYR A 239 10.87 -13.25 11.76
CA TYR A 239 12.14 -13.85 12.13
C TYR A 239 12.88 -14.49 10.97
N LEU A 240 12.19 -14.78 9.87
CA LEU A 240 12.87 -15.41 8.74
C LEU A 240 13.59 -14.39 7.88
N ALA A 241 13.09 -13.15 7.88
CA ALA A 241 13.77 -12.12 7.11
C ALA A 241 15.22 -11.89 7.54
N PRO A 242 15.58 -11.89 8.83
CA PRO A 242 16.99 -11.70 9.17
C PRO A 242 17.83 -12.97 9.02
N GLN A 243 17.23 -14.16 9.15
CA GLN A 243 18.03 -15.36 9.02
C GLN A 243 18.51 -15.55 7.58
N ARG A 244 17.71 -15.16 6.61
CA ARG A 244 18.18 -15.19 5.23
C ARG A 244 19.46 -14.38 5.09
N ASP A 245 19.52 -13.23 5.76
CA ASP A 245 20.72 -12.41 5.69
C ASP A 245 21.87 -13.05 6.46
N ILE A 246 21.57 -13.71 7.58
CA ILE A 246 22.60 -14.45 8.29
C ILE A 246 23.25 -15.46 7.36
N TYR A 247 22.43 -16.21 6.62
CA TYR A 247 22.95 -17.25 5.74
C TYR A 247 23.72 -16.64 4.58
N SER A 248 23.20 -15.55 4.01
CA SER A 248 23.92 -14.88 2.93
C SER A 248 25.31 -14.44 3.40
N GLN A 249 25.38 -13.81 4.58
CA GLN A 249 26.66 -13.38 5.11
C GLN A 249 27.58 -14.57 5.35
N LEU A 250 27.03 -15.67 5.87
CA LEU A 250 27.85 -16.85 6.14
C LEU A 250 28.32 -17.48 4.85
N ALA A 251 27.66 -17.14 3.74
CA ALA A 251 28.00 -17.71 2.45
C ALA A 251 29.01 -16.91 1.65
N ARG A 252 29.23 -15.63 1.97
CA ARG A 252 29.99 -14.82 1.03
C ARG A 252 31.50 -15.05 1.16
N TYR A 253 32.10 -14.69 2.30
CA TYR A 253 33.53 -14.98 2.39
C TYR A 253 33.87 -15.93 3.53
N LYS A 254 33.68 -15.49 4.78
CA LYS A 254 33.92 -16.25 6.00
C LYS A 254 35.05 -17.28 5.82
N LEU A 255 36.19 -16.78 5.34
CA LEU A 255 37.28 -17.65 4.90
C LEU A 255 37.79 -18.56 6.01
N SER A 256 38.31 -17.95 7.08
CA SER A 256 39.06 -18.73 8.06
C SER A 256 38.14 -19.58 8.90
N TRP A 257 37.01 -19.02 9.33
CA TRP A 257 36.15 -19.74 10.26
C TRP A 257 35.46 -20.90 9.60
N PHE A 258 34.59 -20.60 8.64
CA PHE A 258 33.66 -21.56 8.07
C PHE A 258 34.08 -21.81 6.63
N VAL A 259 35.00 -22.76 6.46
CA VAL A 259 35.74 -22.89 5.21
C VAL A 259 34.77 -22.99 4.04
N GLU A 260 35.19 -22.48 2.88
CA GLU A 260 34.26 -22.33 1.76
C GLU A 260 33.76 -23.68 1.26
N ASP A 261 34.29 -24.77 1.83
CA ASP A 261 33.71 -26.08 1.59
C ASP A 261 32.21 -26.05 1.81
N ASP A 262 31.75 -25.26 2.78
CA ASP A 262 30.33 -25.09 3.05
C ASP A 262 29.78 -23.76 2.57
N ALA A 263 30.54 -22.99 1.79
CA ALA A 263 30.04 -21.72 1.32
C ALA A 263 28.80 -21.91 0.46
N ASP A 264 28.85 -22.86 -0.47
CA ASP A 264 27.71 -23.13 -1.33
C ASP A 264 26.55 -23.74 -0.56
N TYR A 265 26.85 -24.49 0.51
CA TYR A 265 25.78 -25.02 1.35
C TYR A 265 25.04 -23.90 2.06
N TRP A 266 25.78 -22.96 2.64
CA TRP A 266 25.14 -21.79 3.23
C TRP A 266 24.37 -21.01 2.17
N ASN A 267 24.90 -20.97 0.95
CA ASN A 267 24.20 -20.27 -0.13
C ASN A 267 22.85 -20.93 -0.42
N GLU A 268 22.82 -22.26 -0.48
CA GLU A 268 21.55 -22.92 -0.79
C GLU A 268 20.59 -22.85 0.38
N LEU A 269 21.11 -22.74 1.62
CA LEU A 269 20.23 -22.45 2.74
C LEU A 269 19.60 -21.07 2.58
N ASN A 270 20.41 -20.09 2.17
CA ASN A 270 19.89 -18.78 1.81
C ASN A 270 18.78 -18.90 0.76
N ASN A 271 19.02 -19.71 -0.26
CA ASN A 271 18.03 -19.91 -1.31
C ASN A 271 16.74 -20.47 -0.75
N ARG A 272 16.85 -21.47 0.12
CA ARG A 272 15.66 -22.10 0.66
C ARG A 272 14.85 -21.13 1.50
N LEU A 273 15.52 -20.30 2.30
CA LEU A 273 14.76 -19.29 3.03
C LEU A 273 14.15 -18.25 2.10
N THR A 274 14.82 -17.91 1.00
CA THR A 274 14.23 -16.99 0.03
C THR A 274 12.96 -17.58 -0.55
N ARG A 275 13.01 -18.85 -0.92
CA ARG A 275 11.83 -19.53 -1.46
C ARG A 275 10.72 -19.55 -0.44
N ASN A 276 11.05 -19.81 0.83
CA ASN A 276 10.02 -19.88 1.86
C ASN A 276 9.40 -18.51 2.10
N LEU A 277 10.19 -17.44 2.01
CA LEU A 277 9.62 -16.11 2.15
C LEU A 277 8.69 -15.78 0.99
N GLU A 278 9.07 -16.20 -0.23
CA GLU A 278 8.18 -16.05 -1.36
C GLU A 278 6.86 -16.78 -1.11
N GLU A 279 6.94 -18.00 -0.60
CA GLU A 279 5.74 -18.75 -0.30
C GLU A 279 4.91 -18.06 0.77
N LEU A 280 5.56 -17.44 1.75
CA LEU A 280 4.82 -16.73 2.78
C LEU A 280 4.06 -15.54 2.21
N GLU A 281 4.70 -14.79 1.32
CA GLU A 281 4.00 -13.66 0.71
C GLU A 281 2.83 -14.14 -0.14
N LEU A 282 3.03 -15.23 -0.89
CA LEU A 282 1.94 -15.80 -1.67
C LEU A 282 0.79 -16.25 -0.77
N ILE A 283 1.12 -16.82 0.39
CA ILE A 283 0.09 -17.29 1.30
C ILE A 283 -0.69 -16.11 1.87
N ARG A 284 0.02 -15.05 2.24
CA ARG A 284 -0.67 -13.86 2.74
C ARG A 284 -1.61 -13.28 1.69
N GLU A 285 -1.17 -13.24 0.43
CA GLU A 285 -2.02 -12.68 -0.60
C GLU A 285 -3.23 -13.59 -0.85
N ARG A 286 -3.05 -14.91 -0.79
CA ARG A 286 -4.19 -15.80 -0.91
C ARG A 286 -5.18 -15.61 0.22
N ILE A 287 -4.69 -15.41 1.45
CA ILE A 287 -5.60 -15.18 2.56
C ILE A 287 -6.36 -13.89 2.36
N SER A 288 -5.69 -12.84 1.88
CA SER A 288 -6.38 -11.59 1.64
C SER A 288 -7.44 -11.74 0.56
N VAL A 289 -7.16 -12.54 -0.47
CA VAL A 289 -8.17 -12.80 -1.49
C VAL A 289 -9.37 -13.51 -0.89
N LEU A 290 -9.13 -14.52 -0.03
CA LEU A 290 -10.25 -15.20 0.60
C LEU A 290 -11.08 -14.25 1.45
N GLN A 291 -10.42 -13.35 2.19
CA GLN A 291 -11.14 -12.41 3.04
C GLN A 291 -12.00 -11.45 2.21
N GLU A 292 -11.42 -10.92 1.13
CA GLU A 292 -12.20 -10.02 0.28
C GLU A 292 -13.37 -10.75 -0.35
N ALA A 293 -13.17 -11.98 -0.78
CA ALA A 293 -14.28 -12.75 -1.34
C ALA A 293 -15.38 -12.93 -0.32
N GLU A 294 -15.03 -13.25 0.92
CA GLU A 294 -16.05 -13.43 1.95
C GLU A 294 -16.79 -12.14 2.25
N SER A 295 -16.06 -11.03 2.33
CA SER A 295 -16.71 -9.75 2.60
C SER A 295 -17.67 -9.37 1.48
N ARG A 296 -17.23 -9.54 0.23
CA ARG A 296 -18.11 -9.28 -0.90
C ARG A 296 -19.33 -10.18 -0.86
N ARG A 297 -19.15 -11.44 -0.45
CA ARG A 297 -20.28 -12.37 -0.40
C ARG A 297 -21.30 -11.92 0.63
N ILE A 298 -20.85 -11.52 1.82
CA ILE A 298 -21.82 -11.13 2.85
C ILE A 298 -22.48 -9.82 2.46
N THR A 299 -21.76 -8.92 1.80
CA THR A 299 -22.38 -7.67 1.38
C THR A 299 -23.44 -7.91 0.30
N GLU A 300 -23.15 -8.81 -0.64
CA GLU A 300 -24.12 -9.08 -1.69
C GLU A 300 -25.33 -9.81 -1.12
N ARG A 301 -25.12 -10.69 -0.15
CA ARG A 301 -26.26 -11.34 0.50
C ARG A 301 -27.09 -10.34 1.27
N MET A 302 -26.43 -9.37 1.90
CA MET A 302 -27.13 -8.28 2.57
C MET A 302 -28.00 -7.51 1.59
N ASN A 303 -27.45 -7.17 0.44
CA ASN A 303 -28.23 -6.49 -0.60
C ASN A 303 -29.40 -7.35 -1.07
N ARG A 304 -29.18 -8.66 -1.18
CA ARG A 304 -30.25 -9.55 -1.65
C ARG A 304 -31.39 -9.60 -0.65
N THR A 305 -31.08 -9.75 0.64
CA THR A 305 -32.15 -9.80 1.62
C THR A 305 -32.85 -8.47 1.77
N MET A 306 -32.13 -7.37 1.56
CA MET A 306 -32.80 -6.07 1.53
C MET A 306 -33.75 -5.98 0.35
N TYR A 307 -33.36 -6.53 -0.80
CA TYR A 307 -34.25 -6.54 -1.96
C TYR A 307 -35.52 -7.33 -1.65
N LEU A 308 -35.35 -8.52 -1.08
CA LEU A 308 -36.52 -9.33 -0.72
C LEU A 308 -37.41 -8.62 0.29
N LEU A 309 -36.80 -7.94 1.26
CA LEU A 309 -37.58 -7.17 2.23
C LEU A 309 -38.39 -6.08 1.54
N GLY A 310 -37.75 -5.34 0.64
CA GLY A 310 -38.48 -4.31 -0.10
C GLY A 310 -39.61 -4.89 -0.91
N ILE A 311 -39.40 -6.06 -1.50
CA ILE A 311 -40.48 -6.70 -2.27
C ILE A 311 -41.65 -7.04 -1.36
N ILE A 312 -41.35 -7.69 -0.23
CA ILE A 312 -42.40 -8.10 0.70
C ILE A 312 -43.22 -6.91 1.15
N THR A 313 -42.55 -5.81 1.50
CA THR A 313 -43.29 -4.62 1.93
C THR A 313 -44.08 -4.01 0.78
N GLY A 314 -43.38 -3.63 -0.28
CA GLY A 314 -44.02 -2.91 -1.37
C GLY A 314 -45.16 -3.67 -2.01
N PHE A 315 -45.19 -4.99 -1.85
CA PHE A 315 -46.34 -5.73 -2.34
C PHE A 315 -47.52 -5.64 -1.37
N PHE A 316 -47.25 -5.73 -0.07
CA PHE A 316 -48.30 -5.91 0.93
C PHE A 316 -48.69 -4.64 1.65
N LEU A 317 -47.75 -3.74 1.93
CA LEU A 317 -48.09 -2.47 2.55
C LEU A 317 -49.14 -1.70 1.77
N PRO A 318 -49.04 -1.52 0.45
CA PRO A 318 -50.14 -0.88 -0.27
C PRO A 318 -51.38 -1.74 -0.31
N MET A 319 -51.20 -3.03 -0.61
CA MET A 319 -52.36 -3.92 -0.71
C MET A 319 -53.11 -4.00 0.60
N SER A 320 -52.41 -3.96 1.72
CA SER A 320 -53.08 -3.92 3.01
C SER A 320 -53.73 -2.57 3.29
N PHE A 321 -53.35 -1.52 2.57
CA PHE A 321 -53.99 -0.24 2.75
C PHE A 321 -55.23 -0.10 1.87
N VAL A 322 -55.16 -0.54 0.62
CA VAL A 322 -56.31 -0.42 -0.27
C VAL A 322 -57.44 -1.33 0.20
N THR A 323 -57.10 -2.46 0.82
CA THR A 323 -58.13 -3.31 1.40
C THR A 323 -58.78 -2.68 2.62
N GLY A 324 -58.24 -1.54 3.08
CA GLY A 324 -58.80 -0.86 4.23
C GLY A 324 -60.23 -0.41 3.97
N LEU A 325 -60.43 0.35 2.90
CA LEU A 325 -61.77 0.77 2.54
C LEU A 325 -62.52 -0.25 1.71
N LEU A 326 -61.98 -1.45 1.53
CA LEU A 326 -62.67 -2.50 0.80
C LEU A 326 -64.03 -2.79 1.47
N GLY A 327 -64.94 -3.34 0.69
CA GLY A 327 -66.26 -3.67 1.20
C GLY A 327 -66.26 -4.84 2.15
N ILE A 328 -67.37 -5.59 2.18
CA ILE A 328 -67.48 -6.74 3.07
C ILE A 328 -66.39 -7.74 2.75
N ASN A 329 -65.67 -8.17 3.78
CA ASN A 329 -64.51 -9.04 3.61
C ASN A 329 -64.89 -10.51 3.43
N VAL A 330 -66.19 -10.81 3.30
CA VAL A 330 -66.65 -12.16 3.01
C VAL A 330 -67.17 -12.18 1.58
N GLY A 331 -66.97 -13.31 0.91
CA GLY A 331 -67.22 -13.40 -0.52
C GLY A 331 -68.69 -13.53 -0.88
N GLY A 332 -69.08 -12.79 -1.91
CA GLY A 332 -70.40 -12.89 -2.49
C GLY A 332 -71.55 -12.66 -1.52
N ILE A 333 -71.69 -11.44 -1.04
CA ILE A 333 -72.76 -11.12 -0.09
C ILE A 333 -74.12 -11.27 -0.77
N PRO A 334 -74.44 -10.50 -1.85
CA PRO A 334 -75.72 -10.68 -2.53
C PRO A 334 -75.66 -11.74 -3.64
N GLY A 335 -75.09 -12.89 -3.33
CA GLY A 335 -75.08 -14.02 -4.25
C GLY A 335 -74.18 -13.85 -5.46
N ALA A 336 -74.55 -12.94 -6.37
CA ALA A 336 -73.85 -12.84 -7.65
C ALA A 336 -72.56 -12.05 -7.53
N ASP A 337 -72.65 -10.80 -7.11
CA ASP A 337 -71.49 -9.93 -7.06
C ASP A 337 -71.43 -9.25 -5.70
N ALA A 338 -70.32 -9.42 -5.00
CA ALA A 338 -70.18 -8.93 -3.62
C ALA A 338 -70.33 -7.42 -3.50
N PRO A 339 -69.62 -6.58 -4.25
CA PRO A 339 -69.71 -5.14 -4.01
C PRO A 339 -70.88 -4.48 -4.73
N HIS A 340 -71.40 -3.44 -4.08
CA HIS A 340 -72.46 -2.61 -4.64
C HIS A 340 -72.10 -1.15 -4.43
N GLY A 341 -72.37 -0.33 -5.45
CA GLY A 341 -71.99 1.06 -5.42
C GLY A 341 -70.52 1.33 -5.63
N PHE A 342 -69.76 0.34 -6.09
CA PHE A 342 -68.31 0.47 -6.21
C PHE A 342 -67.90 1.49 -7.28
N TRP A 343 -68.80 1.81 -8.22
CA TRP A 343 -68.45 2.68 -9.33
C TRP A 343 -67.90 4.03 -8.88
N LEU A 344 -68.17 4.44 -7.64
CA LEU A 344 -67.70 5.73 -7.17
C LEU A 344 -66.22 5.68 -6.78
N ALA A 345 -65.86 4.77 -5.87
CA ALA A 345 -64.55 4.78 -5.26
C ALA A 345 -63.63 3.65 -5.72
N CYS A 346 -64.07 2.82 -6.68
CA CYS A 346 -63.25 1.69 -7.12
C CYS A 346 -62.01 2.13 -7.88
N LEU A 347 -61.89 3.43 -8.22
CA LEU A 347 -60.74 3.90 -8.97
C LEU A 347 -59.46 3.78 -8.17
N LEU A 348 -59.55 3.59 -6.85
CA LEU A 348 -58.37 3.55 -6.01
C LEU A 348 -57.55 2.28 -6.23
N ILE A 349 -58.21 1.15 -6.53
CA ILE A 349 -57.47 -0.10 -6.70
C ILE A 349 -56.54 0.00 -7.89
N GLY A 350 -56.83 0.90 -8.84
CA GLY A 350 -55.91 1.10 -9.95
C GLY A 350 -54.67 1.88 -9.54
N GLY A 351 -54.84 2.87 -8.66
CA GLY A 351 -53.72 3.73 -8.30
C GLY A 351 -52.63 2.99 -7.57
N VAL A 352 -53.02 2.19 -6.56
CA VAL A 352 -52.02 1.46 -5.80
C VAL A 352 -51.41 0.35 -6.65
N ALA A 353 -52.14 -0.17 -7.63
CA ALA A 353 -51.57 -1.15 -8.55
C ALA A 353 -50.53 -0.52 -9.45
N THR A 354 -50.83 0.69 -9.96
CA THR A 354 -49.85 1.43 -10.73
C THR A 354 -48.61 1.72 -9.90
N PHE A 355 -48.80 2.14 -8.65
CA PHE A 355 -47.66 2.38 -7.76
C PHE A 355 -46.85 1.10 -7.57
N GLN A 356 -47.54 -0.02 -7.38
CA GLN A 356 -46.86 -1.30 -7.15
C GLN A 356 -46.01 -1.68 -8.34
N TRP A 357 -46.59 -1.66 -9.54
CA TRP A 357 -45.83 -2.04 -10.72
C TRP A 357 -44.72 -1.03 -11.01
N TRP A 358 -44.95 0.24 -10.67
CA TRP A 358 -43.91 1.25 -10.81
C TRP A 358 -42.70 0.92 -9.94
N VAL A 359 -42.93 0.75 -8.64
CA VAL A 359 -41.83 0.49 -7.72
C VAL A 359 -41.19 -0.86 -8.04
N PHE A 360 -41.98 -1.81 -8.54
CA PHE A 360 -41.40 -3.10 -8.92
C PHE A 360 -40.45 -2.94 -10.09
N ARG A 361 -40.87 -2.22 -11.13
CA ARG A 361 -39.94 -1.86 -12.20
C ARG A 361 -38.84 -0.96 -11.68
N ARG A 362 -39.14 -0.16 -10.65
CA ARG A 362 -38.11 0.69 -10.06
C ARG A 362 -37.14 -0.11 -9.21
N LEU A 363 -37.57 -1.26 -8.70
CA LEU A 363 -36.66 -2.10 -7.94
C LEU A 363 -35.78 -2.96 -8.84
N ARG A 364 -36.32 -3.45 -9.96
CA ARG A 364 -35.52 -4.27 -10.86
C ARG A 364 -34.37 -3.47 -11.47
N TRP A 365 -34.63 -2.23 -11.86
CA TRP A 365 -33.63 -1.42 -12.54
C TRP A 365 -33.40 -0.10 -11.81
N GLU B 39 22.60 23.75 43.72
CA GLU B 39 23.11 23.46 45.06
C GLU B 39 22.78 24.60 46.02
N SER B 40 23.66 24.83 46.99
CA SER B 40 23.49 25.95 47.90
C SER B 40 23.55 27.26 47.14
N GLY B 41 22.67 28.18 47.52
CA GLY B 41 22.47 29.39 46.74
C GLY B 41 21.59 29.12 45.53
N ASP B 42 21.20 30.19 44.87
CA ASP B 42 20.28 30.05 43.74
C ASP B 42 21.06 29.78 42.45
N GLU B 43 20.49 28.91 41.62
CA GLU B 43 21.11 28.48 40.39
C GLU B 43 20.45 29.16 39.21
N ARG B 44 21.24 29.59 38.24
CA ARG B 44 20.70 30.30 37.09
C ARG B 44 20.00 29.33 36.13
N GLY B 45 20.75 28.43 35.53
CA GLY B 45 20.15 27.48 34.61
C GLY B 45 20.70 26.07 34.67
N LEU B 46 21.74 25.88 35.48
CA LEU B 46 22.52 24.64 35.48
C LEU B 46 21.82 23.60 36.35
N ILE B 47 21.26 22.58 35.72
CA ILE B 47 20.59 21.53 36.48
C ILE B 47 21.61 20.69 37.23
N TYR B 48 22.49 20.02 36.49
CA TYR B 48 23.47 19.11 37.05
C TYR B 48 24.85 19.55 36.58
N GLY B 49 25.63 20.11 37.50
CA GLY B 49 27.01 20.42 37.20
C GLY B 49 27.94 19.43 37.85
N TYR B 50 28.43 18.46 37.09
CA TYR B 50 29.16 17.32 37.63
C TYR B 50 30.45 17.13 36.86
N VAL B 51 31.58 17.31 37.53
CA VAL B 51 32.89 17.00 36.95
C VAL B 51 33.15 15.53 37.16
N LEU B 52 33.52 14.84 36.09
CA LEU B 52 33.74 13.40 36.18
C LEU B 52 35.06 13.14 36.90
N ASN B 53 35.50 11.89 36.90
CA ASN B 53 36.69 11.50 37.62
C ASN B 53 37.67 10.66 36.82
N GLY B 54 37.25 10.11 35.69
CA GLY B 54 38.07 9.14 34.98
C GLY B 54 38.00 7.75 35.53
N ARG B 55 37.32 7.55 36.66
CA ARG B 55 37.18 6.23 37.27
C ARG B 55 35.73 5.93 37.61
N GLY B 56 34.78 6.58 36.95
CA GLY B 56 33.38 6.43 37.26
C GLY B 56 32.88 7.33 38.37
N GLY B 57 33.76 7.88 39.18
CA GLY B 57 33.34 8.73 40.29
C GLY B 57 32.97 10.12 39.85
N GLY B 58 33.38 11.13 40.60
CA GLY B 58 33.18 12.49 40.18
C GLY B 58 32.86 13.38 41.36
N ARG B 59 32.24 14.52 41.05
CA ARG B 59 31.94 15.56 42.02
C ARG B 59 31.02 16.57 41.37
N ARG B 60 30.09 17.12 42.14
CA ARG B 60 29.24 18.20 41.67
C ARG B 60 29.93 19.53 41.90
N VAL B 61 29.74 20.45 40.96
CA VAL B 61 30.49 21.71 40.99
C VAL B 61 29.58 22.90 41.23
N GLY B 62 28.34 22.81 40.79
CA GLY B 62 27.41 23.92 40.95
C GLY B 62 27.72 25.08 40.03
N ARG B 63 27.14 26.23 40.39
CA ARG B 63 27.20 27.42 39.55
C ARG B 63 28.57 28.07 39.49
N ASN B 64 29.50 27.67 40.37
CA ASN B 64 30.84 28.23 40.35
C ASN B 64 31.78 27.28 39.62
N GLN B 65 31.58 27.20 38.31
CA GLN B 65 32.32 26.25 37.48
C GLN B 65 33.20 26.92 36.42
N ILE B 66 33.13 28.23 36.26
CA ILE B 66 33.97 28.92 35.28
C ILE B 66 35.42 28.91 35.75
N ALA B 67 35.64 28.60 37.03
CA ALA B 67 36.96 28.67 37.61
C ALA B 67 37.47 27.30 38.03
N VAL B 68 36.94 26.23 37.43
CA VAL B 68 37.52 24.91 37.64
C VAL B 68 38.76 24.76 36.76
N LEU B 69 39.81 24.22 37.35
CA LEU B 69 41.03 23.91 36.61
C LEU B 69 41.14 22.39 36.62
N ASP B 70 40.63 21.78 35.56
CA ASP B 70 40.69 20.33 35.45
C ASP B 70 42.13 19.87 35.44
N LEU B 71 42.41 18.83 36.22
CA LEU B 71 43.77 18.30 36.31
C LEU B 71 44.04 17.47 35.06
N LEU B 72 45.13 16.70 35.08
CA LEU B 72 45.59 15.95 33.91
C LEU B 72 44.42 15.23 33.25
N PRO B 73 44.39 15.19 31.92
CA PRO B 73 43.12 14.95 31.21
C PRO B 73 42.58 13.54 31.30
N GLU B 74 42.11 13.12 32.48
CA GLU B 74 41.28 11.94 32.57
C GLU B 74 39.84 12.27 32.92
N GLU B 75 39.58 13.42 33.54
CA GLU B 75 38.26 13.79 33.98
C GLU B 75 37.64 14.74 32.97
N SER B 76 36.42 14.43 32.54
CA SER B 76 35.66 15.30 31.67
C SER B 76 34.95 16.34 32.54
N LEU B 77 33.99 17.03 31.94
CA LEU B 77 33.12 17.92 32.68
C LEU B 77 31.75 17.90 32.03
N TRP B 78 30.73 17.70 32.84
CA TRP B 78 29.37 17.54 32.36
C TRP B 78 28.52 18.69 32.86
N LEU B 79 27.66 19.21 31.98
CA LEU B 79 26.77 20.30 32.34
C LEU B 79 25.41 20.02 31.73
N HIS B 80 24.40 19.89 32.57
CA HIS B 80 23.03 19.71 32.13
C HIS B 80 22.32 21.04 32.28
N TRP B 81 21.84 21.59 31.17
CA TRP B 81 21.25 22.92 31.17
C TRP B 81 19.76 22.85 30.87
N ASP B 82 19.02 23.77 31.47
CA ASP B 82 17.62 23.96 31.14
C ASP B 82 17.53 24.87 29.91
N ARG B 83 17.05 24.32 28.80
CA ARG B 83 17.01 25.07 27.56
C ARG B 83 16.05 26.24 27.62
N GLY B 84 15.14 26.27 28.59
CA GLY B 84 14.16 27.33 28.67
C GLY B 84 14.67 28.56 29.40
N VAL B 85 15.44 28.35 30.45
CA VAL B 85 15.91 29.49 31.25
C VAL B 85 16.80 30.38 30.40
N PRO B 86 16.55 31.69 30.34
CA PRO B 86 17.33 32.54 29.45
C PRO B 86 18.79 32.69 29.88
N GLU B 87 19.10 32.52 31.16
CA GLU B 87 20.48 32.60 31.59
C GLU B 87 21.30 31.43 31.07
N ALA B 88 20.65 30.27 30.89
CA ALA B 88 21.34 29.14 30.28
C ALA B 88 21.76 29.47 28.86
N GLN B 89 20.84 30.01 28.06
CA GLN B 89 21.18 30.41 26.70
C GLN B 89 22.19 31.56 26.71
N ALA B 90 22.14 32.41 27.74
CA ALA B 90 23.10 33.49 27.86
C ALA B 90 24.51 32.94 28.01
N TRP B 91 24.74 32.14 29.05
CA TRP B 91 26.04 31.50 29.25
C TRP B 91 26.42 30.65 28.05
N LEU B 92 25.45 30.00 27.41
CA LEU B 92 25.74 29.10 26.30
C LEU B 92 26.22 29.86 25.08
N ARG B 93 25.81 31.11 24.93
CA ARG B 93 26.26 31.89 23.78
C ARG B 93 27.73 32.27 23.91
N ASP B 94 28.11 32.82 25.06
CA ASP B 94 29.50 33.18 25.31
C ASP B 94 30.04 32.45 26.52
N SER B 95 30.45 31.20 26.33
CA SER B 95 31.23 30.41 27.28
C SER B 95 31.50 29.04 26.66
N ALA B 96 32.61 28.43 27.05
CA ALA B 96 33.09 27.18 26.48
C ALA B 96 33.36 27.30 24.98
N GLY B 97 33.39 28.53 24.46
CA GLY B 97 33.77 28.77 23.08
C GLY B 97 33.06 27.92 22.06
N LEU B 98 31.74 28.05 21.95
CA LEU B 98 31.00 27.38 20.92
C LEU B 98 30.77 28.33 19.75
N SER B 99 30.90 27.80 18.54
CA SER B 99 30.61 28.59 17.36
C SER B 99 29.15 29.04 17.40
N GLU B 100 28.91 30.29 17.02
CA GLU B 100 27.56 30.83 17.03
C GLU B 100 26.62 29.99 16.19
N PHE B 101 27.14 29.39 15.12
CA PHE B 101 26.36 28.42 14.35
C PHE B 101 25.90 27.27 15.23
N ALA B 102 26.81 26.72 16.03
CA ALA B 102 26.46 25.60 16.91
C ALA B 102 25.38 26.02 17.91
N CYS B 103 25.64 27.11 18.64
CA CYS B 103 24.67 27.60 19.62
C CYS B 103 23.29 27.77 18.99
N ASP B 104 23.24 28.42 17.83
CA ASP B 104 21.96 28.56 17.15
C ASP B 104 21.40 27.23 16.69
N LEU B 105 22.24 26.19 16.60
CA LEU B 105 21.76 24.91 16.08
C LEU B 105 21.09 24.06 17.13
N LEU B 106 21.49 24.18 18.39
CA LEU B 106 20.90 23.38 19.45
C LEU B 106 19.99 24.19 20.36
N LEU B 107 19.79 25.47 20.09
CA LEU B 107 18.79 26.28 20.78
C LEU B 107 17.55 26.51 19.91
N GLU B 108 17.36 25.70 18.88
CA GLU B 108 16.18 25.81 18.05
C GLU B 108 14.93 25.42 18.84
N GLU B 109 13.79 25.47 18.17
CA GLU B 109 12.52 25.06 18.77
C GLU B 109 12.11 23.66 18.32
N ALA B 110 12.08 23.42 17.02
CA ALA B 110 11.73 22.12 16.48
C ALA B 110 12.97 21.47 15.86
N THR B 111 13.20 20.21 16.20
CA THR B 111 14.36 19.48 15.69
C THR B 111 13.96 18.04 15.43
N ARG B 112 14.74 17.37 14.67
CA ARG B 112 14.65 15.93 14.49
C ARG B 112 15.98 15.28 14.87
N PRO B 113 15.97 14.02 15.29
CA PRO B 113 17.21 13.38 15.74
C PRO B 113 18.23 13.27 14.62
N ARG B 114 19.46 13.71 14.91
CA ARG B 114 20.53 13.65 13.92
C ARG B 114 21.85 13.85 14.63
N LEU B 115 22.90 13.31 14.03
CA LEU B 115 24.27 13.51 14.48
C LEU B 115 24.92 14.54 13.57
N LEU B 116 25.81 15.35 14.12
CA LEU B 116 26.39 16.45 13.36
C LEU B 116 27.81 16.71 13.84
N ASP B 117 28.78 16.48 12.98
CA ASP B 117 30.18 16.69 13.28
C ASP B 117 30.60 18.06 12.77
N LEU B 118 31.22 18.87 13.62
CA LEU B 118 31.73 20.17 13.20
C LEU B 118 33.17 20.38 13.67
N GLY B 119 34.10 19.73 12.98
CA GLY B 119 35.48 20.20 12.92
C GLY B 119 36.39 19.60 13.96
N ALA B 120 37.08 18.52 13.63
CA ALA B 120 38.22 18.00 14.39
C ALA B 120 37.88 17.69 15.86
N GLU B 121 36.65 17.96 16.24
CA GLU B 121 36.18 17.85 17.62
C GLU B 121 34.69 18.17 17.60
N SER B 122 34.04 18.21 18.76
CA SER B 122 32.79 18.93 18.94
C SER B 122 31.71 18.43 17.99
N LEU B 123 31.25 17.22 18.25
CA LEU B 123 30.07 16.78 17.50
C LEU B 123 28.80 17.13 18.26
N LEU B 124 27.68 17.14 17.54
CA LEU B 124 26.38 17.48 18.10
C LEU B 124 25.42 16.34 17.86
N VAL B 125 24.75 15.89 18.93
CA VAL B 125 23.80 14.79 18.85
C VAL B 125 22.46 15.29 19.37
N PHE B 126 21.39 14.97 18.65
CA PHE B 126 20.04 15.34 19.04
C PHE B 126 19.26 14.06 19.31
N LEU B 127 19.00 13.77 20.57
CA LEU B 127 18.34 12.54 20.98
C LEU B 127 16.95 12.84 21.52
N ARG B 128 16.15 11.79 21.59
CA ARG B 128 14.75 11.87 21.99
C ARG B 128 14.50 10.89 23.12
N GLY B 129 14.06 11.39 24.27
CA GLY B 129 13.71 10.55 25.39
C GLY B 129 12.44 9.78 25.18
N VAL B 130 11.70 9.46 26.25
CA VAL B 130 10.45 8.75 26.12
C VAL B 130 9.35 9.38 26.97
N ASN B 131 9.64 10.50 27.63
CA ASN B 131 8.61 11.34 28.26
C ASN B 131 7.84 10.59 29.34
N LEU B 132 8.55 10.18 30.38
CA LEU B 132 7.90 9.66 31.57
C LEU B 132 7.62 10.76 32.58
N ASN B 133 7.06 11.81 32.10
CA ASN B 133 6.71 12.94 32.95
C ASN B 133 5.33 12.72 33.54
N PRO B 134 5.05 13.31 34.72
CA PRO B 134 3.75 13.10 35.34
C PRO B 134 2.58 13.51 34.48
N GLY B 135 2.80 14.32 33.44
CA GLY B 135 1.67 14.78 32.66
C GLY B 135 1.00 13.70 31.84
N ALA B 136 1.63 13.26 30.76
CA ALA B 136 1.00 12.31 29.85
C ALA B 136 1.91 11.88 28.71
N GLU B 137 1.39 11.02 27.83
CA GLU B 137 1.96 10.81 26.51
C GLU B 137 3.39 10.29 26.51
N PRO B 138 3.57 8.98 26.70
CA PRO B 138 4.91 8.40 26.45
C PRO B 138 5.48 8.78 25.10
N GLU B 139 4.69 8.74 24.03
CA GLU B 139 5.17 9.31 22.78
C GLU B 139 5.17 10.82 22.95
N ASP B 140 5.43 11.59 21.90
CA ASP B 140 5.76 12.99 22.08
C ASP B 140 7.01 13.09 22.97
N MET B 141 8.10 12.55 22.44
CA MET B 141 9.26 12.24 23.26
C MET B 141 10.05 13.49 23.60
N VAL B 142 10.48 13.57 24.86
CA VAL B 142 11.35 14.65 25.29
C VAL B 142 12.60 14.64 24.44
N SER B 143 13.10 15.83 24.09
CA SER B 143 14.26 15.96 23.25
C SER B 143 15.48 16.34 24.07
N LEU B 144 16.56 15.58 23.92
CA LEU B 144 17.82 15.83 24.59
C LEU B 144 18.86 16.16 23.53
N ARG B 145 19.55 17.27 23.71
CA ARG B 145 20.54 17.76 22.75
C ARG B 145 21.89 17.80 23.41
N VAL B 146 22.88 17.13 22.82
CA VAL B 146 24.19 16.95 23.41
C VAL B 146 25.22 17.62 22.53
N PHE B 147 26.15 18.34 23.14
CA PHE B 147 27.34 18.84 22.48
C PHE B 147 28.53 18.12 23.09
N ALA B 148 29.12 17.21 22.33
CA ALA B 148 30.17 16.35 22.84
C ALA B 148 31.53 16.84 22.36
N ASP B 149 32.40 17.16 23.30
CA ASP B 149 33.79 17.51 23.02
C ASP B 149 34.68 16.35 23.44
N ALA B 150 35.99 16.55 23.31
CA ALA B 150 36.92 15.54 23.81
C ALA B 150 37.03 15.58 25.32
N ARG B 151 36.70 16.70 25.95
CA ARG B 151 36.80 16.83 27.39
C ARG B 151 35.62 17.55 28.02
N ARG B 152 34.55 17.78 27.27
CA ARG B 152 33.36 18.44 27.81
C ARG B 152 32.13 17.84 27.17
N VAL B 153 31.06 17.75 27.95
CA VAL B 153 29.75 17.40 27.44
C VAL B 153 28.77 18.42 27.96
N ILE B 154 27.93 18.94 27.09
CA ILE B 154 26.93 19.95 27.43
C ILE B 154 25.60 19.47 26.89
N SER B 155 24.64 19.25 27.79
CA SER B 155 23.37 18.67 27.42
C SER B 155 22.24 19.63 27.72
N LEU B 156 21.26 19.68 26.84
CA LEU B 156 20.17 20.62 26.90
C LEU B 156 18.84 19.88 26.94
N ARG B 157 17.88 20.41 27.67
CA ARG B 157 16.55 19.81 27.70
C ARG B 157 15.54 20.86 28.16
N LEU B 158 14.30 20.70 27.72
CA LEU B 158 13.19 21.50 28.20
C LEU B 158 12.47 20.82 29.36
N ARG B 159 11.91 19.64 29.11
CA ARG B 159 11.19 18.78 30.05
C ARG B 159 12.15 17.76 30.66
N PRO B 160 12.03 17.48 31.96
CA PRO B 160 12.99 16.61 32.61
C PRO B 160 13.00 15.22 31.98
N LEU B 161 14.16 14.57 32.04
CA LEU B 161 14.37 13.25 31.48
C LEU B 161 14.73 12.28 32.59
N LYS B 162 14.29 11.03 32.46
CA LYS B 162 14.68 10.02 33.44
C LYS B 162 16.12 9.61 33.23
N ALA B 163 16.52 9.40 31.98
CA ALA B 163 17.86 8.91 31.66
C ALA B 163 18.94 9.72 32.36
N VAL B 164 18.72 11.02 32.50
CA VAL B 164 19.73 11.87 33.10
C VAL B 164 19.83 11.63 34.60
N ALA B 165 18.69 11.45 35.27
CA ALA B 165 18.74 11.11 36.69
C ALA B 165 19.37 9.74 36.89
N ASP B 166 19.09 8.80 35.99
CA ASP B 166 19.74 7.50 36.00
C ASP B 166 21.25 7.66 35.94
N LEU B 167 21.71 8.43 34.96
CA LEU B 167 23.15 8.64 34.80
C LEU B 167 23.75 9.30 36.02
N LEU B 168 23.03 10.24 36.63
CA LEU B 168 23.57 10.93 37.79
C LEU B 168 23.74 9.98 38.97
N GLU B 169 22.64 9.33 39.37
CA GLU B 169 22.69 8.37 40.47
C GLU B 169 23.68 7.26 40.17
N ASP B 170 23.88 6.94 38.89
CA ASP B 170 24.95 6.04 38.49
C ASP B 170 26.31 6.62 38.85
N LEU B 171 26.53 7.89 38.53
CA LEU B 171 27.81 8.54 38.75
C LEU B 171 28.14 8.59 40.23
N GLU B 172 27.31 9.24 41.03
CA GLU B 172 27.68 9.36 42.45
C GLU B 172 27.67 8.02 43.16
N ALA B 173 27.16 6.97 42.54
CA ALA B 173 27.33 5.63 43.08
C ALA B 173 28.73 5.08 42.86
N GLY B 174 29.56 5.76 42.08
CA GLY B 174 30.91 5.31 41.83
C GLY B 174 31.06 4.35 40.67
N LYS B 175 30.01 4.15 39.87
CA LYS B 175 30.08 3.23 38.73
C LYS B 175 29.58 3.87 37.44
N GLY B 176 29.61 5.19 37.35
CA GLY B 176 29.15 5.87 36.18
C GLY B 176 30.21 5.93 35.10
N PRO B 177 30.00 6.78 34.10
CA PRO B 177 30.99 6.91 33.03
C PRO B 177 32.25 7.59 33.51
N LYS B 178 33.25 7.64 32.64
CA LYS B 178 34.50 8.28 32.99
C LYS B 178 35.04 9.23 31.94
N THR B 179 34.53 9.21 30.72
CA THR B 179 34.91 10.17 29.70
C THR B 179 33.68 10.60 28.91
N ALA B 180 33.89 11.59 28.03
CA ALA B 180 32.79 12.22 27.32
C ALA B 180 32.02 11.20 26.47
N SER B 181 32.74 10.43 25.66
CA SER B 181 32.10 9.39 24.88
C SER B 181 31.28 8.46 25.75
N GLU B 182 31.79 8.14 26.94
CA GLU B 182 31.05 7.26 27.84
C GLU B 182 29.77 7.94 28.33
N VAL B 183 29.81 9.26 28.53
CA VAL B 183 28.60 9.96 28.96
C VAL B 183 27.54 9.90 27.87
N VAL B 184 27.93 10.19 26.63
CA VAL B 184 26.97 10.13 25.55
C VAL B 184 26.44 8.71 25.38
N TYR B 185 27.30 7.72 25.53
CA TYR B 185 26.85 6.34 25.40
C TYR B 185 25.88 5.98 26.50
N TYR B 186 26.14 6.42 27.72
CA TYR B 186 25.23 6.11 28.83
C TYR B 186 23.87 6.75 28.59
N LEU B 187 23.85 8.00 28.14
CA LEU B 187 22.59 8.66 27.85
C LEU B 187 21.80 7.89 26.80
N ALA B 188 22.47 7.52 25.70
CA ALA B 188 21.77 6.79 24.65
C ALA B 188 21.31 5.43 25.15
N HIS B 189 22.13 4.76 25.94
CA HIS B 189 21.79 3.45 26.46
C HIS B 189 20.54 3.51 27.31
N TYR B 190 20.45 4.51 28.18
CA TYR B 190 19.28 4.62 29.05
C TYR B 190 18.04 4.99 28.25
N LEU B 191 18.18 5.90 27.29
CA LEU B 191 17.03 6.22 26.44
C LEU B 191 16.49 4.98 25.76
N THR B 192 17.38 4.11 25.26
CA THR B 192 16.92 2.89 24.63
C THR B 192 16.35 1.89 25.63
N ASP B 193 16.97 1.77 26.80
CA ASP B 193 16.47 0.86 27.82
C ASP B 193 15.06 1.23 28.24
N ARG B 194 14.69 2.50 28.07
CA ARG B 194 13.31 2.86 28.38
C ARG B 194 12.39 2.76 27.17
N VAL B 195 12.87 3.04 25.97
CA VAL B 195 12.00 2.91 24.81
C VAL B 195 11.60 1.45 24.61
N ASP B 196 12.51 0.51 24.90
CA ASP B 196 12.14 -0.88 24.67
C ASP B 196 11.18 -1.38 25.74
N THR B 197 11.34 -0.89 26.97
CA THR B 197 10.36 -1.17 28.01
C THR B 197 8.98 -0.70 27.59
N LEU B 198 8.90 0.52 27.04
CA LEU B 198 7.61 1.03 26.60
C LEU B 198 7.02 0.16 25.48
N ILE B 199 7.86 -0.26 24.54
CA ILE B 199 7.34 -1.02 23.41
C ILE B 199 6.89 -2.42 23.86
N SER B 200 7.62 -3.02 24.80
CA SER B 200 7.19 -4.31 25.32
C SER B 200 5.89 -4.17 26.10
N GLY B 201 5.72 -3.05 26.81
CA GLY B 201 4.44 -2.79 27.44
C GLY B 201 3.30 -2.70 26.44
N ILE B 202 3.53 -2.01 25.32
CA ILE B 202 2.52 -1.95 24.27
C ILE B 202 2.19 -3.34 23.77
N ALA B 203 3.21 -4.18 23.61
CA ALA B 203 2.99 -5.53 23.09
C ALA B 203 2.16 -6.36 24.05
N ASP B 204 2.45 -6.27 25.35
CA ASP B 204 1.64 -7.01 26.32
C ASP B 204 0.22 -6.47 26.40
N GLN B 205 0.05 -5.16 26.21
CA GLN B 205 -1.31 -4.61 26.17
C GLN B 205 -2.09 -5.18 25.01
N LEU B 206 -1.50 -5.21 23.82
CA LEU B 206 -2.17 -5.82 22.69
C LEU B 206 -2.43 -7.30 22.95
N ASP B 207 -1.52 -7.98 23.62
CA ASP B 207 -1.71 -9.40 23.91
C ASP B 207 -2.93 -9.60 24.80
N ALA B 208 -3.07 -8.77 25.84
CA ALA B 208 -4.23 -8.87 26.71
C ALA B 208 -5.51 -8.58 25.94
N VAL B 209 -5.50 -7.54 25.10
CA VAL B 209 -6.68 -7.20 24.32
C VAL B 209 -7.08 -8.38 23.43
N GLU B 210 -6.12 -8.95 22.71
CA GLU B 210 -6.42 -10.05 21.81
C GLU B 210 -6.93 -11.26 22.57
N GLU B 211 -6.26 -11.64 23.64
CA GLU B 211 -6.67 -12.84 24.35
C GLU B 211 -8.06 -12.67 24.94
N LEU B 212 -8.40 -11.45 25.38
CA LEU B 212 -9.77 -11.18 25.81
C LEU B 212 -10.76 -11.35 24.65
N VAL B 213 -10.45 -10.72 23.52
CA VAL B 213 -11.36 -10.72 22.38
C VAL B 213 -11.63 -12.14 21.91
N GLU B 214 -10.59 -12.97 21.81
CA GLU B 214 -10.80 -14.32 21.30
C GLU B 214 -11.27 -15.28 22.38
N ALA B 215 -10.94 -15.04 23.64
CA ALA B 215 -11.51 -15.84 24.71
C ALA B 215 -13.03 -15.69 24.75
N ASP B 216 -13.50 -14.46 24.84
CA ASP B 216 -14.91 -14.22 24.67
C ASP B 216 -15.26 -14.31 23.18
N GLU B 217 -16.53 -14.12 22.87
CA GLU B 217 -16.98 -14.05 21.49
C GLU B 217 -17.92 -12.87 21.34
N ARG B 218 -18.09 -12.40 20.10
CA ARG B 218 -18.84 -11.21 19.75
C ARG B 218 -18.55 -10.04 20.69
N ALA B 219 -17.31 -9.97 21.17
CA ALA B 219 -16.87 -8.89 22.04
C ALA B 219 -15.98 -7.96 21.24
N SER B 220 -16.36 -6.70 21.14
CA SER B 220 -15.55 -5.76 20.39
C SER B 220 -14.30 -5.40 21.20
N PRO B 221 -13.17 -5.22 20.54
CA PRO B 221 -11.99 -4.71 21.23
C PRO B 221 -12.25 -3.29 21.70
N ASP B 222 -11.63 -2.95 22.83
CA ASP B 222 -11.85 -1.63 23.42
C ASP B 222 -11.25 -0.58 22.51
N GLN B 223 -12.09 0.11 21.75
CA GLN B 223 -11.63 1.28 21.03
C GLN B 223 -11.17 2.34 22.02
N HIS B 224 -10.60 3.41 21.48
CA HIS B 224 -10.02 4.48 22.31
C HIS B 224 -8.82 3.94 23.07
N GLN B 225 -8.53 2.66 22.90
CA GLN B 225 -7.27 2.06 23.32
C GLN B 225 -6.44 1.59 22.13
N LEU B 226 -7.07 0.93 21.17
CA LEU B 226 -6.38 0.64 19.92
C LEU B 226 -5.95 1.94 19.25
N ARG B 227 -6.76 2.99 19.36
CA ARG B 227 -6.39 4.27 18.78
C ARG B 227 -5.15 4.84 19.46
N THR B 228 -5.12 4.78 20.79
CA THR B 228 -3.96 5.30 21.50
C THR B 228 -2.72 4.48 21.21
N LEU B 229 -2.87 3.16 21.10
CA LEU B 229 -1.71 2.33 20.80
C LEU B 229 -1.19 2.60 19.38
N ARG B 230 -2.09 2.83 18.44
CA ARG B 230 -1.66 3.15 17.08
C ARG B 230 -0.95 4.51 17.04
N ARG B 231 -1.54 5.51 17.70
CA ARG B 231 -0.89 6.81 17.80
C ARG B 231 0.49 6.67 18.43
N ARG B 232 0.59 5.85 19.47
CA ARG B 232 1.85 5.68 20.17
C ARG B 232 2.89 5.03 19.29
N SER B 233 2.53 3.98 18.56
CA SER B 233 3.47 3.34 17.66
C SER B 233 3.95 4.30 16.58
N ALA B 234 3.03 5.09 16.01
CA ALA B 234 3.41 6.02 14.98
C ALA B 234 4.34 7.10 15.52
N GLY B 235 3.98 7.70 16.65
CA GLY B 235 4.81 8.75 17.22
C GLY B 235 6.14 8.24 17.72
N LEU B 236 6.22 6.96 18.05
CA LEU B 236 7.50 6.38 18.44
C LEU B 236 8.37 6.16 17.21
N ARG B 237 7.82 5.57 16.17
CA ARG B 237 8.61 5.32 14.96
C ARG B 237 9.13 6.62 14.37
N ARG B 238 8.31 7.67 14.40
CA ARG B 238 8.69 8.94 13.78
C ARG B 238 10.03 9.44 14.31
N TYR B 239 10.34 9.18 15.57
CA TYR B 239 11.59 9.61 16.16
C TYR B 239 12.61 8.49 16.31
N LEU B 240 12.19 7.23 16.26
CA LEU B 240 13.15 6.15 16.40
C LEU B 240 13.84 5.84 15.08
N ALA B 241 13.19 6.12 13.96
CA ALA B 241 13.84 5.90 12.68
C ALA B 241 15.13 6.69 12.50
N PRO B 242 15.24 7.95 12.92
CA PRO B 242 16.53 8.63 12.76
C PRO B 242 17.56 8.28 13.83
N GLN B 243 17.12 7.88 15.02
CA GLN B 243 18.10 7.54 16.05
C GLN B 243 18.87 6.28 15.69
N ARG B 244 18.19 5.32 15.05
CA ARG B 244 18.91 4.15 14.56
C ARG B 244 20.06 4.57 13.66
N ASP B 245 19.83 5.56 12.81
CA ASP B 245 20.89 6.02 11.93
C ASP B 245 21.97 6.78 12.69
N ILE B 246 21.56 7.53 13.73
CA ILE B 246 22.55 8.17 14.60
C ILE B 246 23.50 7.14 15.16
N TYR B 247 22.94 6.04 15.68
CA TYR B 247 23.76 5.01 16.30
C TYR B 247 24.62 4.30 15.27
N SER B 248 24.07 4.00 14.10
CA SER B 248 24.87 3.39 13.04
C SER B 248 26.06 4.28 12.68
N GLN B 249 25.82 5.57 12.50
CA GLN B 249 26.91 6.49 12.18
C GLN B 249 27.94 6.52 13.31
N LEU B 250 27.48 6.53 14.55
CA LEU B 250 28.39 6.58 15.69
C LEU B 250 29.18 5.28 15.80
N ALA B 251 28.69 4.24 15.14
CA ALA B 251 29.33 2.94 15.21
C ALA B 251 30.35 2.68 14.11
N ARG B 252 30.31 3.43 13.01
CA ARG B 252 31.10 3.00 11.86
C ARG B 252 32.57 3.37 12.00
N TYR B 253 32.91 4.67 12.01
CA TYR B 253 34.31 4.97 12.20
C TYR B 253 34.58 5.79 13.46
N LYS B 254 34.11 7.04 13.49
CA LYS B 254 34.23 7.98 14.62
C LYS B 254 35.52 7.73 15.42
N LEU B 255 36.64 7.70 14.70
CA LEU B 255 37.90 7.25 15.29
C LEU B 255 38.34 8.10 16.47
N SER B 256 38.56 9.39 16.24
CA SER B 256 39.23 10.20 17.24
C SER B 256 38.30 10.51 18.41
N TRP B 257 37.05 10.84 18.12
CA TRP B 257 36.14 11.27 19.17
C TRP B 257 35.75 10.13 20.09
N PHE B 258 35.05 9.15 19.54
CA PHE B 258 34.39 8.12 20.31
C PHE B 258 35.09 6.81 20.03
N VAL B 259 36.16 6.54 20.79
CA VAL B 259 37.12 5.51 20.41
C VAL B 259 36.40 4.18 20.17
N GLU B 260 36.95 3.38 19.27
CA GLU B 260 36.22 2.19 18.81
C GLU B 260 36.03 1.19 19.93
N ASP B 261 36.60 1.47 21.11
CA ASP B 261 36.27 0.70 22.30
C ASP B 261 34.77 0.59 22.46
N ASP B 262 34.03 1.63 22.09
CA ASP B 262 32.58 1.62 22.14
C ASP B 262 31.94 1.49 20.78
N ALA B 263 32.71 1.19 19.72
CA ALA B 263 32.11 1.05 18.40
C ALA B 263 31.08 -0.08 18.38
N ASP B 264 31.45 -1.23 18.95
CA ASP B 264 30.53 -2.35 18.98
C ASP B 264 29.35 -2.10 19.92
N TYR B 265 29.56 -1.28 20.96
CA TYR B 265 28.45 -0.91 21.82
C TYR B 265 27.43 -0.06 21.09
N TRP B 266 27.91 0.94 20.35
CA TRP B 266 27.01 1.71 19.51
C TRP B 266 26.34 0.82 18.48
N ASN B 267 27.06 -0.17 17.97
CA ASN B 267 26.48 -1.10 17.00
C ASN B 267 25.32 -1.88 17.62
N GLU B 268 25.49 -2.37 18.85
CA GLU B 268 24.41 -3.14 19.45
C GLU B 268 23.26 -2.24 19.88
N LEU B 269 23.53 -0.97 20.16
CA LEU B 269 22.42 -0.03 20.34
C LEU B 269 21.63 0.12 19.04
N ASN B 270 22.36 0.25 17.92
CA ASN B 270 21.71 0.21 16.61
C ASN B 270 20.86 -1.03 16.45
N ASN B 271 21.39 -2.18 16.83
CA ASN B 271 20.64 -3.43 16.72
C ASN B 271 19.36 -3.37 17.55
N ARG B 272 19.47 -2.87 18.78
CA ARG B 272 18.30 -2.85 19.64
C ARG B 272 17.22 -1.93 19.09
N LEU B 273 17.60 -0.79 18.54
CA LEU B 273 16.59 0.05 17.91
C LEU B 273 16.01 -0.60 16.65
N THR B 274 16.81 -1.37 15.91
CA THR B 274 16.27 -2.09 14.76
C THR B 274 15.23 -3.10 15.20
N ARG B 275 15.53 -3.84 16.26
CA ARG B 275 14.59 -4.81 16.80
C ARG B 275 13.32 -4.11 17.27
N ASN B 276 13.46 -2.96 17.92
CA ASN B 276 12.27 -2.27 18.41
C ASN B 276 11.42 -1.74 17.26
N LEU B 277 12.05 -1.31 16.18
CA LEU B 277 11.27 -0.87 15.02
C LEU B 277 10.55 -2.04 14.38
N GLU B 278 11.20 -3.20 14.33
CA GLU B 278 10.50 -4.41 13.86
C GLU B 278 9.29 -4.69 14.72
N GLU B 279 9.45 -4.60 16.04
CA GLU B 279 8.33 -4.83 16.94
C GLU B 279 7.23 -3.81 16.73
N LEU B 280 7.59 -2.56 16.43
CA LEU B 280 6.59 -1.54 16.18
C LEU B 280 5.78 -1.85 14.93
N GLU B 281 6.45 -2.28 13.87
CA GLU B 281 5.71 -2.64 12.66
C GLU B 281 4.80 -3.84 12.91
N LEU B 282 5.29 -4.83 13.66
CA LEU B 282 4.46 -5.97 14.00
C LEU B 282 3.24 -5.55 14.82
N ILE B 283 3.44 -4.59 15.73
CA ILE B 283 2.34 -4.13 16.56
C ILE B 283 1.31 -3.39 15.72
N ARG B 284 1.77 -2.56 14.79
CA ARG B 284 0.83 -1.87 13.92
C ARG B 284 0.02 -2.85 13.08
N GLU B 285 0.68 -3.90 12.57
CA GLU B 285 -0.05 -4.86 11.76
C GLU B 285 -1.05 -5.65 12.61
N ARG B 286 -0.69 -5.97 13.85
CA ARG B 286 -1.64 -6.62 14.74
C ARG B 286 -2.84 -5.74 15.02
N ILE B 287 -2.62 -4.45 15.23
CA ILE B 287 -3.73 -3.53 15.46
C ILE B 287 -4.63 -3.47 14.24
N SER B 288 -4.04 -3.43 13.05
CA SER B 288 -4.85 -3.40 11.84
C SER B 288 -5.67 -4.68 11.70
N VAL B 289 -5.08 -5.82 12.07
CA VAL B 289 -5.85 -7.07 12.03
C VAL B 289 -7.02 -7.01 13.00
N LEU B 290 -6.80 -6.49 14.21
CA LEU B 290 -7.90 -6.37 15.16
C LEU B 290 -9.00 -5.47 14.62
N GLN B 291 -8.62 -4.36 13.98
CA GLN B 291 -9.61 -3.43 13.46
C GLN B 291 -10.43 -4.07 12.35
N GLU B 292 -9.76 -4.77 11.42
CA GLU B 292 -10.50 -5.42 10.35
C GLU B 292 -11.42 -6.50 10.90
N ALA B 293 -10.95 -7.25 11.90
CA ALA B 293 -11.82 -8.25 12.51
C ALA B 293 -13.05 -7.62 13.12
N GLU B 294 -12.89 -6.49 13.82
CA GLU B 294 -14.04 -5.83 14.43
C GLU B 294 -15.00 -5.30 13.37
N SER B 295 -14.47 -4.72 12.29
CA SER B 295 -15.34 -4.20 11.24
C SER B 295 -16.12 -5.33 10.58
N ARG B 296 -15.44 -6.42 10.27
CA ARG B 296 -16.14 -7.58 9.71
C ARG B 296 -17.20 -8.10 10.67
N ARG B 297 -16.91 -8.09 11.97
CA ARG B 297 -17.88 -8.58 12.93
C ARG B 297 -19.13 -7.72 12.95
N ILE B 298 -18.96 -6.40 12.96
CA ILE B 298 -20.15 -5.55 13.02
C ILE B 298 -20.92 -5.62 11.71
N THR B 299 -20.23 -5.79 10.58
CA THR B 299 -20.94 -5.90 9.31
C THR B 299 -21.73 -7.20 9.26
N GLU B 300 -21.15 -8.29 9.75
CA GLU B 300 -21.86 -9.57 9.71
C GLU B 300 -23.04 -9.54 10.67
N ARG B 301 -22.89 -8.89 11.83
CA ARG B 301 -24.00 -8.75 12.75
C ARG B 301 -25.11 -7.89 12.13
N MET B 302 -24.72 -6.85 11.40
CA MET B 302 -25.68 -6.04 10.67
C MET B 302 -26.47 -6.90 9.68
N ASN B 303 -25.77 -7.73 8.91
CA ASN B 303 -26.45 -8.62 7.98
C ASN B 303 -27.36 -9.58 8.72
N ARG B 304 -26.94 -10.07 9.89
CA ARG B 304 -27.76 -11.01 10.63
C ARG B 304 -29.05 -10.36 11.11
N THR B 305 -28.95 -9.16 11.67
CA THR B 305 -30.17 -8.51 12.16
C THR B 305 -31.06 -8.10 11.00
N MET B 306 -30.49 -7.78 9.84
CA MET B 306 -31.34 -7.54 8.68
C MET B 306 -32.06 -8.80 8.25
N TYR B 307 -31.40 -9.95 8.34
CA TYR B 307 -32.05 -11.22 8.02
C TYR B 307 -33.22 -11.47 8.97
N LEU B 308 -32.98 -11.29 10.26
CA LEU B 308 -34.07 -11.48 11.23
C LEU B 308 -35.21 -10.52 10.98
N LEU B 309 -34.90 -9.27 10.64
CA LEU B 309 -35.94 -8.30 10.31
C LEU B 309 -36.76 -8.75 9.12
N GLY B 310 -36.10 -9.21 8.06
CA GLY B 310 -36.81 -9.71 6.91
C GLY B 310 -37.70 -10.90 7.25
N ILE B 311 -37.21 -11.78 8.13
CA ILE B 311 -38.02 -12.92 8.54
C ILE B 311 -39.27 -12.45 9.28
N ILE B 312 -39.10 -11.55 10.24
CA ILE B 312 -40.22 -11.06 11.02
C ILE B 312 -41.27 -10.45 10.13
N THR B 313 -40.85 -9.63 9.17
CA THR B 313 -41.82 -9.00 8.27
C THR B 313 -42.46 -10.03 7.36
N GLY B 314 -41.65 -10.74 6.57
CA GLY B 314 -42.18 -11.66 5.58
C GLY B 314 -43.07 -12.75 6.17
N PHE B 315 -42.92 -13.04 7.45
CA PHE B 315 -43.86 -13.97 8.06
C PHE B 315 -45.18 -13.31 8.40
N PHE B 316 -45.14 -12.08 8.91
CA PHE B 316 -46.32 -11.45 9.51
C PHE B 316 -47.02 -10.46 8.60
N LEU B 317 -46.27 -9.71 7.79
CA LEU B 317 -46.91 -8.81 6.84
C LEU B 317 -47.92 -9.50 5.93
N PRO B 318 -47.60 -10.64 5.30
CA PRO B 318 -48.64 -11.33 4.53
C PRO B 318 -49.71 -11.92 5.42
N MET B 319 -49.29 -12.57 6.51
CA MET B 319 -50.26 -13.21 7.39
C MET B 319 -51.23 -12.20 7.99
N SER B 320 -50.75 -10.99 8.27
CA SER B 320 -51.64 -9.93 8.74
C SER B 320 -52.53 -9.40 7.63
N PHE B 321 -52.17 -9.64 6.36
CA PHE B 321 -53.02 -9.20 5.27
C PHE B 321 -54.09 -10.23 4.94
N VAL B 322 -53.73 -11.51 4.91
CA VAL B 322 -54.70 -12.55 4.58
C VAL B 322 -55.74 -12.65 5.68
N THR B 323 -55.37 -12.37 6.93
CA THR B 323 -56.35 -12.34 8.00
C THR B 323 -57.29 -11.15 7.87
N GLY B 324 -57.02 -10.25 6.94
CA GLY B 324 -57.88 -9.09 6.74
C GLY B 324 -59.28 -9.49 6.33
N LEU B 325 -59.39 -10.29 5.27
CA LEU B 325 -60.70 -10.78 4.85
C LEU B 325 -61.13 -12.03 5.58
N LEU B 326 -60.39 -12.47 6.60
CA LEU B 326 -60.78 -13.63 7.38
C LEU B 326 -62.17 -13.40 7.98
N GLY B 327 -62.85 -14.50 8.31
CA GLY B 327 -64.17 -14.42 8.89
C GLY B 327 -64.17 -13.93 10.32
N ILE B 328 -65.13 -14.40 11.12
CA ILE B 328 -65.23 -13.95 12.50
C ILE B 328 -63.98 -14.34 13.23
N ASN B 329 -63.39 -13.37 13.95
CA ASN B 329 -62.12 -13.55 14.61
C ASN B 329 -62.23 -14.27 15.95
N VAL B 330 -63.42 -14.78 16.29
CA VAL B 330 -63.62 -15.58 17.49
C VAL B 330 -63.87 -17.02 17.05
N GLY B 331 -63.38 -17.95 17.86
CA GLY B 331 -63.37 -19.35 17.48
C GLY B 331 -64.70 -20.05 17.58
N GLY B 332 -65.01 -20.84 16.56
CA GLY B 332 -66.18 -21.71 16.56
C GLY B 332 -67.49 -20.99 16.76
N ILE B 333 -67.90 -20.18 15.79
CA ILE B 333 -69.16 -19.44 15.92
C ILE B 333 -70.34 -20.41 15.91
N PRO B 334 -70.57 -21.24 14.85
CA PRO B 334 -71.66 -22.21 14.89
C PRO B 334 -71.25 -23.56 15.49
N GLY B 335 -70.57 -23.51 16.63
CA GLY B 335 -70.24 -24.72 17.36
C GLY B 335 -69.17 -25.59 16.72
N ALA B 336 -69.49 -26.21 15.59
CA ALA B 336 -68.60 -27.20 15.00
C ALA B 336 -67.48 -26.56 14.19
N ASP B 337 -67.83 -25.79 13.17
CA ASP B 337 -66.83 -25.20 12.29
C ASP B 337 -67.13 -23.72 12.12
N ALA B 338 -66.14 -22.88 12.44
CA ALA B 338 -66.33 -21.43 12.45
C ALA B 338 -66.73 -20.85 11.09
N PRO B 339 -66.03 -21.13 9.99
CA PRO B 339 -66.36 -20.46 8.73
C PRO B 339 -67.46 -21.16 7.95
N HIS B 340 -68.25 -20.35 7.25
CA HIS B 340 -69.29 -20.82 6.36
C HIS B 340 -69.20 -20.09 5.03
N GLY B 341 -69.39 -20.82 3.94
CA GLY B 341 -69.23 -20.26 2.61
C GLY B 341 -67.80 -20.04 2.18
N PHE B 342 -66.84 -20.62 2.90
CA PHE B 342 -65.43 -20.37 2.61
C PHE B 342 -64.99 -20.94 1.26
N TRP B 343 -65.73 -21.90 0.71
CA TRP B 343 -65.31 -22.56 -0.52
C TRP B 343 -65.06 -21.59 -1.67
N LEU B 344 -65.61 -20.37 -1.60
CA LEU B 344 -65.43 -19.42 -2.69
C LEU B 344 -64.07 -18.75 -2.62
N ALA B 345 -63.74 -18.14 -1.49
CA ALA B 345 -62.56 -17.28 -1.39
C ALA B 345 -61.44 -17.87 -0.55
N CYS B 346 -61.57 -19.11 -0.06
CA CYS B 346 -60.52 -19.70 0.76
C CYS B 346 -59.24 -19.99 -0.01
N LEU B 347 -59.26 -19.85 -1.33
CA LEU B 347 -58.07 -20.14 -2.13
C LEU B 347 -56.94 -19.17 -1.83
N LEU B 348 -57.26 -18.03 -1.20
CA LEU B 348 -56.25 -17.01 -0.96
C LEU B 348 -55.22 -17.44 0.08
N ILE B 349 -55.65 -18.22 1.08
CA ILE B 349 -54.71 -18.62 2.14
C ILE B 349 -53.60 -19.49 1.57
N GLY B 350 -53.84 -20.11 0.43
CA GLY B 350 -52.78 -20.87 -0.21
C GLY B 350 -51.77 -19.98 -0.90
N GLY B 351 -52.24 -18.89 -1.51
CA GLY B 351 -51.34 -18.04 -2.27
C GLY B 351 -50.31 -17.36 -1.41
N VAL B 352 -50.73 -16.77 -0.30
CA VAL B 352 -49.80 -16.08 0.59
C VAL B 352 -48.89 -17.10 1.28
N ALA B 353 -49.35 -18.32 1.48
CA ALA B 353 -48.48 -19.36 2.04
C ALA B 353 -47.40 -19.76 1.04
N THR B 354 -47.78 -19.90 -0.22
CA THR B 354 -46.80 -20.16 -1.27
C THR B 354 -45.78 -19.03 -1.34
N PHE B 355 -46.26 -17.79 -1.29
CA PHE B 355 -45.34 -16.65 -1.30
C PHE B 355 -44.40 -16.70 -0.09
N GLN B 356 -44.94 -17.03 1.07
CA GLN B 356 -44.14 -17.08 2.29
C GLN B 356 -43.03 -18.12 2.17
N TRP B 357 -43.39 -19.35 1.78
CA TRP B 357 -42.37 -20.38 1.68
C TRP B 357 -41.39 -20.08 0.55
N TRP B 358 -41.86 -19.41 -0.50
CA TRP B 358 -40.99 -18.99 -1.58
C TRP B 358 -39.92 -18.03 -1.07
N VAL B 359 -40.35 -16.93 -0.44
CA VAL B 359 -39.40 -15.93 0.04
C VAL B 359 -38.53 -16.52 1.15
N PHE B 360 -39.05 -17.46 1.92
CA PHE B 360 -38.25 -18.10 2.95
C PHE B 360 -37.13 -18.91 2.32
N ARG B 361 -37.46 -19.73 1.32
CA ARG B 361 -36.42 -20.40 0.55
C ARG B 361 -35.56 -19.38 -0.21
N ARG B 362 -36.16 -18.24 -0.57
CA ARG B 362 -35.39 -17.20 -1.24
C ARG B 362 -34.48 -16.46 -0.28
N LEU B 363 -34.83 -16.45 1.01
CA LEU B 363 -33.95 -15.83 1.99
C LEU B 363 -32.82 -16.73 2.41
N ARG B 364 -33.06 -18.05 2.52
CA ARG B 364 -32.01 -18.97 2.92
C ARG B 364 -30.89 -19.01 1.87
N TRP B 365 -31.26 -19.04 0.60
CA TRP B 365 -30.28 -19.18 -0.47
C TRP B 365 -30.38 -18.03 -1.47
N GLU C 39 10.46 52.83 -9.42
CA GLU C 39 10.74 54.08 -8.74
C GLU C 39 10.07 55.25 -9.47
N SER C 40 10.72 56.41 -9.43
CA SER C 40 10.23 57.57 -10.15
C SER C 40 10.23 57.28 -11.65
N GLY C 41 9.17 57.72 -12.33
CA GLY C 41 8.95 57.32 -13.70
C GLY C 41 8.36 55.93 -13.78
N ASP C 42 7.94 55.56 -14.99
CA ASP C 42 7.28 54.27 -15.15
C ASP C 42 8.32 53.18 -15.38
N GLU C 43 8.05 52.01 -14.80
CA GLU C 43 8.94 50.87 -14.86
C GLU C 43 8.41 49.85 -15.84
N ARG C 44 9.30 49.27 -16.63
CA ARG C 44 8.87 48.29 -17.64
C ARG C 44 8.52 46.95 -16.99
N GLY C 45 9.49 46.28 -16.40
CA GLY C 45 9.21 45.01 -15.77
C GLY C 45 9.94 44.75 -14.47
N LEU C 46 10.83 45.67 -14.10
CA LEU C 46 11.77 45.45 -13.00
C LEU C 46 11.09 45.79 -11.68
N ILE C 47 10.81 44.76 -10.89
CA ILE C 47 10.17 44.99 -9.59
C ILE C 47 11.14 45.65 -8.62
N TYR C 48 12.22 44.95 -8.30
CA TYR C 48 13.22 45.40 -7.34
C TYR C 48 14.57 45.42 -8.03
N GLY C 49 15.08 46.61 -8.31
CA GLY C 49 16.44 46.74 -8.81
C GLY C 49 17.36 47.25 -7.72
N TYR C 50 18.12 46.34 -7.11
CA TYR C 50 18.89 46.66 -5.92
C TYR C 50 20.32 46.18 -6.09
N VAL C 51 21.27 47.11 -6.13
CA VAL C 51 22.69 46.76 -6.13
C VAL C 51 23.12 46.56 -4.69
N LEU C 52 23.77 45.43 -4.42
CA LEU C 52 24.19 45.12 -3.06
C LEU C 52 25.37 46.00 -2.69
N ASN C 53 25.98 45.71 -1.55
CA ASN C 53 27.06 46.53 -1.03
C ASN C 53 28.28 45.74 -0.59
N GLY C 54 28.17 44.42 -0.41
CA GLY C 54 29.23 43.66 0.19
C GLY C 54 29.27 43.72 1.70
N ARG C 55 28.43 44.55 2.32
CA ARG C 55 28.37 44.68 3.76
C ARG C 55 26.94 44.58 4.28
N GLY C 56 26.05 43.96 3.51
CA GLY C 56 24.65 43.88 3.87
C GLY C 56 23.83 45.07 3.44
N GLY C 57 24.45 46.20 3.12
CA GLY C 57 23.72 47.39 2.72
C GLY C 57 23.24 47.32 1.30
N GLY C 58 23.35 48.42 0.57
CA GLY C 58 23.03 48.41 -0.84
C GLY C 58 22.37 49.71 -1.26
N ARG C 59 21.66 49.64 -2.38
CA ARG C 59 21.03 50.79 -3.00
C ARG C 59 20.12 50.30 -4.11
N ARG C 60 18.98 50.97 -4.29
CA ARG C 60 18.10 50.67 -5.41
C ARG C 60 18.53 51.46 -6.63
N VAL C 61 18.39 50.83 -7.80
CA VAL C 61 18.93 51.41 -9.02
C VAL C 61 17.83 51.81 -10.00
N GLY C 62 16.70 51.10 -9.96
CA GLY C 62 15.62 51.38 -10.87
C GLY C 62 15.92 50.96 -12.30
N ARG C 63 15.13 51.52 -13.21
CA ARG C 63 15.16 51.12 -14.61
C ARG C 63 16.41 51.58 -15.35
N ASN C 64 17.21 52.47 -14.76
CA ASN C 64 18.44 52.92 -15.39
C ASN C 64 19.62 52.16 -14.81
N GLN C 65 19.69 50.88 -15.16
CA GLN C 65 20.70 49.99 -14.61
C GLN C 65 21.64 49.41 -15.65
N ILE C 66 21.42 49.66 -16.93
CA ILE C 66 22.31 49.15 -17.96
C ILE C 66 23.64 49.90 -17.91
N ALA C 67 23.66 51.03 -17.22
CA ALA C 67 24.83 51.90 -17.18
C ALA C 67 25.45 51.96 -15.80
N VAL C 68 25.19 50.96 -14.95
CA VAL C 68 25.91 50.87 -13.69
C VAL C 68 27.30 50.30 -13.94
N LEU C 69 28.30 50.91 -13.32
CA LEU C 69 29.66 50.40 -13.36
C LEU C 69 29.99 49.96 -11.95
N ASP C 70 29.78 48.68 -11.68
CA ASP C 70 30.05 48.14 -10.36
C ASP C 70 31.53 48.31 -10.03
N LEU C 71 31.82 48.78 -8.83
CA LEU C 71 33.19 48.99 -8.41
C LEU C 71 33.81 47.64 -8.07
N LEU C 72 34.97 47.67 -7.42
CA LEU C 72 35.74 46.46 -7.14
C LEU C 72 34.84 45.35 -6.59
N PRO C 73 35.06 44.11 -6.99
CA PRO C 73 34.00 43.11 -6.91
C PRO C 73 33.67 42.63 -5.51
N GLU C 74 33.06 43.48 -4.69
CA GLU C 74 32.39 43.02 -3.49
C GLU C 74 30.88 43.11 -3.56
N GLU C 75 30.36 43.99 -4.42
CA GLU C 75 28.91 44.22 -4.52
C GLU C 75 28.37 43.43 -5.70
N SER C 76 27.31 42.67 -5.46
CA SER C 76 26.60 41.97 -6.51
C SER C 76 25.61 42.93 -7.13
N LEU C 77 24.68 42.38 -7.90
CA LEU C 77 23.58 43.15 -8.44
C LEU C 77 22.37 42.24 -8.53
N TRP C 78 21.25 42.70 -7.98
CA TRP C 78 20.04 41.90 -7.90
C TRP C 78 18.96 42.53 -8.75
N LEU C 79 18.22 41.69 -9.45
CA LEU C 79 17.12 42.16 -10.29
C LEU C 79 15.96 41.21 -10.13
N HIS C 80 14.84 41.72 -9.65
CA HIS C 80 13.61 40.94 -9.52
C HIS C 80 12.69 41.35 -10.66
N TRP C 81 12.36 40.39 -11.52
CA TRP C 81 11.58 40.66 -12.72
C TRP C 81 10.21 40.03 -12.64
N ASP C 82 9.24 40.70 -13.25
CA ASP C 82 7.91 40.14 -13.43
C ASP C 82 7.92 39.28 -14.68
N ARG C 83 7.74 37.97 -14.50
CA ARG C 83 7.82 37.05 -15.61
C ARG C 83 6.70 37.25 -16.63
N GLY C 84 5.64 37.95 -16.25
CA GLY C 84 4.52 38.14 -17.15
C GLY C 84 4.69 39.30 -18.09
N VAL C 85 5.29 40.39 -17.61
CA VAL C 85 5.42 41.58 -18.44
C VAL C 85 6.31 41.26 -19.65
N PRO C 86 5.89 41.56 -20.87
CA PRO C 86 6.70 41.18 -22.03
C PRO C 86 8.01 41.94 -22.14
N GLU C 87 8.10 43.14 -21.57
CA GLU C 87 9.36 43.88 -21.61
C GLU C 87 10.42 43.21 -20.75
N ALA C 88 9.99 42.54 -19.68
CA ALA C 88 10.93 41.78 -18.87
C ALA C 88 11.56 40.67 -19.68
N GLN C 89 10.73 39.89 -20.39
CA GLN C 89 11.26 38.83 -21.24
C GLN C 89 12.06 39.42 -22.39
N ALA C 90 11.70 40.62 -22.84
CA ALA C 90 12.46 41.28 -23.89
C ALA C 90 13.88 41.57 -23.43
N TRP C 91 14.02 42.33 -22.36
CA TRP C 91 15.34 42.60 -21.79
C TRP C 91 16.07 41.32 -21.43
N LEU C 92 15.33 40.31 -20.95
CA LEU C 92 15.95 39.08 -20.50
C LEU C 92 16.54 38.28 -21.65
N ARG C 93 15.98 38.44 -22.86
CA ARG C 93 16.52 37.72 -24.00
C ARG C 93 17.86 38.28 -24.43
N ASP C 94 17.94 39.60 -24.59
CA ASP C 94 19.19 40.25 -24.95
C ASP C 94 19.61 41.27 -23.90
N SER C 95 20.22 40.80 -22.81
CA SER C 95 20.92 41.59 -21.82
C SER C 95 21.49 40.67 -20.77
N ALA C 96 22.59 41.09 -20.14
CA ALA C 96 23.35 40.27 -19.21
C ALA C 96 23.86 38.99 -19.84
N GLY C 97 23.80 38.89 -21.16
CA GLY C 97 24.40 37.78 -21.88
C GLY C 97 24.02 36.41 -21.36
N LEU C 98 22.74 36.06 -21.42
CA LEU C 98 22.31 34.73 -21.08
C LEU C 98 22.17 33.89 -22.34
N SER C 99 22.60 32.64 -22.26
CA SER C 99 22.41 31.72 -23.38
C SER C 99 20.92 31.58 -23.68
N GLU C 100 20.59 31.57 -24.97
CA GLU C 100 19.19 31.43 -25.36
C GLU C 100 18.55 30.19 -24.76
N PHE C 101 19.34 29.13 -24.60
CA PHE C 101 18.87 27.95 -23.89
C PHE C 101 18.42 28.31 -22.48
N ALA C 102 19.24 29.07 -21.76
CA ALA C 102 18.89 29.47 -20.40
C ALA C 102 17.61 30.28 -20.37
N CYS C 103 17.55 31.36 -21.16
CA CYS C 103 16.37 32.19 -21.23
C CYS C 103 15.12 31.36 -21.50
N ASP C 104 15.18 30.47 -22.48
CA ASP C 104 14.05 29.59 -22.75
C ASP C 104 13.79 28.63 -21.60
N LEU C 105 14.77 28.42 -20.72
CA LEU C 105 14.59 27.44 -19.67
C LEU C 105 13.86 28.00 -18.45
N LEU C 106 14.00 29.29 -18.19
CA LEU C 106 13.34 29.90 -17.04
C LEU C 106 12.18 30.78 -17.41
N LEU C 107 11.85 30.88 -18.70
CA LEU C 107 10.63 31.54 -19.14
C LEU C 107 9.56 30.54 -19.56
N GLU C 108 9.67 29.30 -19.12
CA GLU C 108 8.66 28.30 -19.41
C GLU C 108 7.37 28.62 -18.68
N GLU C 109 6.37 27.76 -18.86
CA GLU C 109 5.09 27.92 -18.18
C GLU C 109 4.98 26.97 -16.99
N ALA C 110 5.22 25.69 -17.19
CA ALA C 110 5.18 24.71 -16.12
C ALA C 110 6.58 24.22 -15.82
N THR C 111 6.93 24.18 -14.53
CA THR C 111 8.25 23.76 -14.10
C THR C 111 8.13 22.98 -12.81
N ARG C 112 9.13 22.24 -12.49
CA ARG C 112 9.29 21.61 -11.20
C ARG C 112 10.60 22.05 -10.57
N PRO C 113 10.70 22.04 -9.24
CA PRO C 113 11.91 22.54 -8.59
C PRO C 113 13.13 21.70 -8.94
N ARG C 114 14.20 22.38 -9.35
CA ARG C 114 15.43 21.69 -9.70
C ARG C 114 16.56 22.69 -9.76
N LEU C 115 17.77 22.20 -9.53
CA LEU C 115 18.98 22.98 -9.68
C LEU C 115 19.64 22.61 -10.99
N LEU C 116 20.28 23.57 -11.65
CA LEU C 116 20.83 23.33 -12.97
C LEU C 116 22.08 24.18 -13.17
N ASP C 117 23.22 23.52 -13.31
CA ASP C 117 24.50 24.18 -13.51
C ASP C 117 24.79 24.22 -15.01
N LEU C 118 25.12 25.40 -15.53
CA LEU C 118 25.50 25.53 -16.93
C LEU C 118 26.79 26.35 -17.08
N GLY C 119 27.91 25.71 -16.78
CA GLY C 119 29.19 26.11 -17.34
C GLY C 119 29.98 27.10 -16.51
N ALA C 120 30.87 26.61 -15.65
CA ALA C 120 31.91 27.41 -14.99
C ALA C 120 31.36 28.58 -14.20
N GLU C 121 30.03 28.75 -14.22
CA GLU C 121 29.34 29.88 -13.62
C GLU C 121 27.85 29.63 -13.82
N SER C 122 27.01 30.58 -13.41
CA SER C 122 25.65 30.69 -13.94
C SER C 122 24.84 29.41 -13.71
N LEU C 123 24.52 29.16 -12.44
CA LEU C 123 23.59 28.09 -12.18
C LEU C 123 22.16 28.61 -12.16
N LEU C 124 21.21 27.71 -12.34
CA LEU C 124 19.79 28.04 -12.36
C LEU C 124 19.06 27.25 -11.28
N VAL C 125 18.28 27.95 -10.46
CA VAL C 125 17.53 27.32 -9.39
C VAL C 125 16.06 27.66 -9.58
N PHE C 126 15.20 26.65 -9.43
CA PHE C 126 13.76 26.83 -9.54
C PHE C 126 13.14 26.50 -8.20
N LEU C 127 12.70 27.53 -7.48
CA LEU C 127 12.16 27.38 -6.14
C LEU C 127 10.67 27.66 -6.12
N ARG C 128 10.02 27.21 -5.06
CA ARG C 128 8.58 27.31 -4.89
C ARG C 128 8.27 27.99 -3.57
N GLY C 129 7.56 29.10 -3.63
CA GLY C 129 7.13 29.81 -2.44
C GLY C 129 6.04 29.09 -1.69
N VAL C 130 5.19 29.81 -0.97
CA VAL C 130 4.08 29.20 -0.25
C VAL C 130 2.77 29.93 -0.48
N ASN C 131 2.76 30.96 -1.32
CA ASN C 131 1.54 31.57 -1.82
C ASN C 131 0.69 32.17 -0.71
N LEU C 132 1.25 33.17 -0.03
CA LEU C 132 0.46 33.95 0.92
C LEU C 132 -0.15 35.16 0.23
N ASN C 133 -0.76 34.92 -0.87
CA ASN C 133 -1.41 35.98 -1.61
C ASN C 133 -2.84 36.16 -1.12
N PRO C 134 -3.40 37.36 -1.25
CA PRO C 134 -4.77 37.59 -0.75
C PRO C 134 -5.81 36.65 -1.33
N GLY C 135 -5.52 35.99 -2.45
CA GLY C 135 -6.53 35.16 -3.06
C GLY C 135 -6.88 33.92 -2.26
N ALA C 136 -6.00 32.92 -2.26
CA ALA C 136 -6.31 31.64 -1.63
C ALA C 136 -5.15 30.66 -1.68
N GLU C 137 -5.36 29.47 -1.12
CA GLU C 137 -4.53 28.31 -1.41
C GLU C 137 -3.07 28.47 -1.01
N PRO C 138 -2.73 28.28 0.25
CA PRO C 138 -1.31 28.17 0.62
C PRO C 138 -0.55 27.16 -0.23
N GLU C 139 -1.12 25.99 -0.49
CA GLU C 139 -0.50 25.11 -1.47
C GLU C 139 -0.76 25.74 -2.84
N ASP C 140 -0.42 25.06 -3.93
CA ASP C 140 -0.33 25.74 -5.23
C ASP C 140 0.69 26.87 -5.11
N MET C 141 1.93 26.46 -4.87
CA MET C 141 2.96 27.36 -4.40
C MET C 141 3.48 28.25 -5.51
N VAL C 142 3.66 29.53 -5.20
CA VAL C 142 4.26 30.46 -6.15
C VAL C 142 5.64 29.95 -6.52
N SER C 143 6.01 30.11 -7.79
CA SER C 143 7.29 29.63 -8.27
C SER C 143 8.25 30.77 -8.46
N LEU C 144 9.44 30.64 -7.87
CA LEU C 144 10.50 31.61 -7.98
C LEU C 144 11.67 30.97 -8.72
N ARG C 145 12.14 31.64 -9.77
CA ARG C 145 13.21 31.12 -10.61
C ARG C 145 14.39 32.05 -10.55
N VAL C 146 15.56 31.51 -10.19
CA VAL C 146 16.75 32.30 -9.92
C VAL C 146 17.82 31.92 -10.93
N PHE C 147 18.50 32.91 -11.47
CA PHE C 147 19.71 32.71 -12.26
C PHE C 147 20.86 33.32 -11.47
N ALA C 148 21.70 32.47 -10.90
CA ALA C 148 22.76 32.91 -10.01
C ALA C 148 24.10 32.92 -10.74
N ASP C 149 24.72 34.08 -10.79
CA ASP C 149 26.07 34.24 -11.32
C ASP C 149 27.03 34.47 -10.16
N ALA C 150 28.30 34.71 -10.49
CA ALA C 150 29.25 35.06 -9.45
C ALA C 150 29.08 36.49 -8.99
N ARG C 151 28.48 37.35 -9.82
CA ARG C 151 28.30 38.75 -9.46
C ARG C 151 26.92 39.28 -9.84
N ARG C 152 25.98 38.43 -10.22
CA ARG C 152 24.63 38.86 -10.56
C ARG C 152 23.64 37.81 -10.11
N VAL C 153 22.47 38.26 -9.69
CA VAL C 153 21.34 37.39 -9.43
C VAL C 153 20.14 37.98 -10.14
N ILE C 154 19.41 37.14 -10.86
CA ILE C 154 18.24 37.55 -11.61
C ILE C 154 17.11 36.61 -11.24
N SER C 155 16.05 37.15 -10.67
CA SER C 155 14.96 36.35 -10.13
C SER C 155 13.67 36.68 -10.86
N LEU C 156 12.87 35.66 -11.11
CA LEU C 156 11.66 35.77 -11.91
C LEU C 156 10.47 35.27 -11.09
N ARG C 157 9.32 35.90 -11.26
CA ARG C 157 8.12 35.44 -10.60
C ARG C 157 6.90 35.97 -11.34
N LEU C 158 5.80 35.23 -11.24
CA LEU C 158 4.51 35.68 -11.74
C LEU C 158 3.69 36.38 -10.66
N ARG C 159 3.37 35.67 -9.59
CA ARG C 159 2.63 36.10 -8.42
C ARG C 159 3.59 36.56 -7.34
N PRO C 160 3.27 37.65 -6.63
CA PRO C 160 4.22 38.20 -5.66
C PRO C 160 4.55 37.19 -4.57
N LEU C 161 5.75 37.30 -4.03
CA LEU C 161 6.25 36.42 -2.99
C LEU C 161 6.54 37.24 -1.75
N LYS C 162 6.31 36.62 -0.58
CA LYS C 162 6.66 37.29 0.66
C LYS C 162 8.16 37.31 0.87
N ALA C 163 8.81 36.17 0.63
CA ALA C 163 10.25 36.02 0.87
C ALA C 163 11.05 37.15 0.25
N VAL C 164 10.61 37.64 -0.91
CA VAL C 164 11.37 38.69 -1.58
C VAL C 164 11.21 40.02 -0.86
N ALA C 165 10.01 40.33 -0.37
CA ALA C 165 9.85 41.54 0.42
C ALA C 165 10.63 41.45 1.72
N ASP C 166 10.64 40.26 2.32
CA ASP C 166 11.47 40.01 3.50
C ASP C 166 12.92 40.34 3.21
N LEU C 167 13.45 39.78 2.12
CA LEU C 167 14.84 40.01 1.76
C LEU C 167 15.10 41.49 1.50
N LEU C 168 14.16 42.18 0.88
CA LEU C 168 14.37 43.59 0.58
C LEU C 168 14.44 44.41 1.85
N GLU C 169 13.39 44.34 2.68
CA GLU C 169 13.39 45.08 3.94
C GLU C 169 14.57 44.67 4.82
N ASP C 170 15.05 43.44 4.66
CA ASP C 170 16.29 43.03 5.30
C ASP C 170 17.45 43.84 4.77
N LEU C 171 17.54 43.97 3.45
CA LEU C 171 18.65 44.68 2.81
C LEU C 171 18.70 46.13 3.23
N GLU C 172 17.65 46.90 2.96
CA GLU C 172 17.72 48.31 3.28
C GLU C 172 17.78 48.56 4.78
N ALA C 173 17.56 47.54 5.60
CA ALA C 173 17.81 47.67 7.04
C ALA C 173 19.29 47.61 7.36
N GLY C 174 20.15 47.29 6.40
CA GLY C 174 21.56 47.20 6.63
C GLY C 174 22.06 45.87 7.13
N LYS C 175 21.23 44.83 7.14
CA LYS C 175 21.63 43.53 7.62
C LYS C 175 21.30 42.41 6.63
N GLY C 176 21.14 42.75 5.36
CA GLY C 176 20.82 41.77 4.36
C GLY C 176 22.04 41.03 3.86
N PRO C 177 21.91 40.32 2.75
CA PRO C 177 23.03 39.58 2.19
C PRO C 177 24.07 40.53 1.62
N LYS C 178 25.20 39.96 1.21
CA LYS C 178 26.26 40.77 0.63
C LYS C 178 26.84 40.21 -0.66
N THR C 179 26.57 38.95 -1.02
CA THR C 179 26.99 38.39 -2.28
C THR C 179 25.88 37.52 -2.86
N ALA C 180 26.10 37.07 -4.10
CA ALA C 180 25.07 36.36 -4.83
C ALA C 180 24.63 35.09 -4.11
N SER C 181 25.60 34.27 -3.70
CA SER C 181 25.27 33.07 -2.94
C SER C 181 24.45 33.40 -1.71
N GLU C 182 24.76 34.52 -1.05
CA GLU C 182 24.01 34.92 0.12
C GLU C 182 22.58 35.29 -0.25
N VAL C 183 22.38 35.90 -1.41
CA VAL C 183 21.03 36.24 -1.84
C VAL C 183 20.21 34.98 -2.07
N VAL C 184 20.78 34.01 -2.79
CA VAL C 184 20.05 32.77 -3.02
C VAL C 184 19.77 32.07 -1.70
N TYR C 185 20.73 32.09 -0.78
CA TYR C 185 20.51 31.44 0.51
C TYR C 185 19.41 32.13 1.28
N TYR C 186 19.38 33.46 1.27
CA TYR C 186 18.34 34.17 1.99
C TYR C 186 16.97 33.85 1.42
N LEU C 187 16.85 33.82 0.09
CA LEU C 187 15.58 33.47 -0.53
C LEU C 187 15.12 32.09 -0.10
N ALA C 188 16.02 31.11 -0.17
CA ALA C 188 15.65 29.75 0.22
C ALA C 188 15.31 29.68 1.71
N HIS C 189 16.05 30.40 2.54
CA HIS C 189 15.82 30.40 3.97
C HIS C 189 14.44 30.93 4.29
N TYR C 190 14.04 32.03 3.65
CA TYR C 190 12.74 32.59 3.93
C TYR C 190 11.61 31.69 3.41
N LEU C 191 11.79 31.12 2.22
CA LEU C 191 10.80 30.18 1.72
C LEU C 191 10.58 29.04 2.70
N THR C 192 11.66 28.52 3.29
CA THR C 192 11.51 27.45 4.26
C THR C 192 10.92 27.94 5.58
N ASP C 193 11.32 29.12 6.03
CA ASP C 193 10.78 29.67 7.26
C ASP C 193 9.28 29.87 7.16
N ARG C 194 8.76 30.01 5.95
CA ARG C 194 7.31 30.10 5.81
C ARG C 194 6.65 28.75 5.58
N VAL C 195 7.31 27.83 4.88
CA VAL C 195 6.68 26.52 4.69
C VAL C 195 6.56 25.80 6.01
N ASP C 196 7.52 25.98 6.92
CA ASP C 196 7.41 25.25 8.18
C ASP C 196 6.36 25.88 9.09
N THR C 197 6.21 27.20 9.02
CA THR C 197 5.10 27.86 9.70
C THR C 197 3.77 27.30 9.23
N LEU C 198 3.60 27.16 7.92
CA LEU C 198 2.36 26.62 7.39
C LEU C 198 2.13 25.19 7.87
N ILE C 199 3.18 24.36 7.89
CA ILE C 199 2.99 22.98 8.27
C ILE C 199 2.67 22.87 9.76
N SER C 200 3.30 23.70 10.58
CA SER C 200 2.97 23.69 12.00
C SER C 200 1.54 24.17 12.23
N GLY C 201 1.08 25.13 11.43
CA GLY C 201 -0.32 25.51 11.49
C GLY C 201 -1.24 24.37 11.17
N ILE C 202 -0.91 23.59 10.13
CA ILE C 202 -1.71 22.42 9.80
C ILE C 202 -1.73 21.45 10.97
N ALA C 203 -0.60 21.27 11.62
CA ALA C 203 -0.52 20.31 12.74
C ALA C 203 -1.39 20.76 13.90
N ASP C 204 -1.36 22.06 14.23
CA ASP C 204 -2.21 22.53 15.31
C ASP C 204 -3.68 22.47 14.93
N GLN C 205 -4.01 22.66 13.65
CA GLN C 205 -5.40 22.50 13.22
C GLN C 205 -5.86 21.07 13.44
N LEU C 206 -5.06 20.10 13.02
CA LEU C 206 -5.41 18.70 13.28
C LEU C 206 -5.51 18.42 14.77
N ASP C 207 -4.64 19.04 15.56
CA ASP C 207 -4.68 18.83 17.00
C ASP C 207 -5.99 19.32 17.59
N ALA C 208 -6.44 20.51 17.17
CA ALA C 208 -7.72 21.02 17.64
C ALA C 208 -8.87 20.11 17.20
N VAL C 209 -8.85 19.66 15.95
CA VAL C 209 -9.91 18.78 15.47
C VAL C 209 -9.95 17.51 16.30
N GLU C 210 -8.80 16.88 16.53
CA GLU C 210 -8.78 15.64 17.29
C GLU C 210 -9.23 15.86 18.71
N GLU C 211 -8.72 16.88 19.38
CA GLU C 211 -9.08 17.07 20.77
C GLU C 211 -10.57 17.36 20.91
N LEU C 212 -11.15 18.07 19.94
CA LEU C 212 -12.60 18.24 19.94
C LEU C 212 -13.31 16.90 19.79
N VAL C 213 -12.90 16.11 18.78
CA VAL C 213 -13.58 14.86 18.49
C VAL C 213 -13.55 13.93 19.68
N GLU C 214 -12.40 13.81 20.35
CA GLU C 214 -12.30 12.87 21.46
C GLU C 214 -12.82 13.46 22.77
N ALA C 215 -12.78 14.78 22.93
CA ALA C 215 -13.41 15.39 24.09
C ALA C 215 -14.90 15.14 24.07
N ASP C 216 -15.57 15.51 22.98
CA ASP C 216 -16.95 15.10 22.81
C ASP C 216 -16.99 13.63 22.43
N GLU C 217 -18.20 13.11 22.25
CA GLU C 217 -18.39 11.75 21.75
C GLU C 217 -19.45 11.78 20.66
N ARG C 218 -19.45 10.74 19.83
CA ARG C 218 -20.29 10.61 18.64
C ARG C 218 -20.36 11.91 17.85
N ALA C 219 -19.25 12.64 17.83
CA ALA C 219 -19.14 13.89 17.08
C ALA C 219 -18.25 13.64 15.87
N SER C 220 -18.80 13.84 14.68
CA SER C 220 -18.01 13.64 13.48
C SER C 220 -17.00 14.76 13.31
N PRO C 221 -15.79 14.45 12.84
CA PRO C 221 -14.86 15.51 12.51
C PRO C 221 -15.40 16.34 11.35
N ASP C 222 -15.05 17.61 11.35
CA ASP C 222 -15.57 18.52 10.33
C ASP C 222 -14.96 18.15 8.99
N GLN C 223 -15.74 17.47 8.15
CA GLN C 223 -15.34 17.26 6.78
C GLN C 223 -15.23 18.61 6.08
N HIS C 224 -14.73 18.59 4.84
CA HIS C 224 -14.47 19.79 4.07
C HIS C 224 -13.37 20.60 4.74
N GLN C 225 -12.87 20.11 5.87
CA GLN C 225 -11.64 20.59 6.46
C GLN C 225 -10.55 19.54 6.46
N LEU C 226 -10.88 18.30 6.81
CA LEU C 226 -9.94 17.21 6.60
C LEU C 226 -9.59 17.09 5.13
N ARG C 227 -10.55 17.34 4.24
CA ARG C 227 -10.26 17.28 2.82
C ARG C 227 -9.27 18.36 2.41
N THR C 228 -9.47 19.58 2.91
CA THR C 228 -8.55 20.66 2.56
C THR C 228 -7.18 20.40 3.14
N LEU C 229 -7.10 19.87 4.35
CA LEU C 229 -5.81 19.58 4.95
C LEU C 229 -5.08 18.48 4.18
N ARG C 230 -5.82 17.47 3.71
CA ARG C 230 -5.19 16.42 2.93
C ARG C 230 -4.70 16.96 1.60
N ARG C 231 -5.53 17.74 0.91
CA ARG C 231 -5.10 18.39 -0.33
C ARG C 231 -3.86 19.23 -0.10
N ARG C 232 -3.84 19.96 1.03
CA ARG C 232 -2.72 20.84 1.32
C ARG C 232 -1.44 20.05 1.55
N SER C 233 -1.52 18.97 2.31
CA SER C 233 -0.34 18.15 2.56
C SER C 233 0.18 17.56 1.25
N ALA C 234 -0.72 17.07 0.40
CA ALA C 234 -0.28 16.49 -0.86
C ALA C 234 0.36 17.53 -1.76
N GLY C 235 -0.29 18.68 -1.93
CA GLY C 235 0.26 19.71 -2.78
C GLY C 235 1.53 20.31 -2.25
N LEU C 236 1.73 20.25 -0.93
CA LEU C 236 2.99 20.71 -0.36
C LEU C 236 4.10 19.71 -0.62
N ARG C 237 3.85 18.43 -0.37
CA ARG C 237 4.87 17.42 -0.61
C ARG C 237 5.29 17.38 -2.06
N ARG C 238 4.33 17.55 -2.99
CA ARG C 238 4.64 17.45 -4.41
C ARG C 238 5.77 18.40 -4.81
N TYR C 239 5.87 19.56 -4.15
CA TYR C 239 6.92 20.51 -4.47
C TYR C 239 8.04 20.52 -3.44
N LEU C 240 7.83 19.99 -2.24
CA LEU C 240 8.90 20.01 -1.26
C LEU C 240 9.86 18.85 -1.46
N ALA C 241 9.39 17.75 -2.04
CA ALA C 241 10.28 16.64 -2.32
C ALA C 241 11.47 17.01 -3.21
N PRO C 242 11.30 17.81 -4.27
CA PRO C 242 12.50 18.17 -5.06
C PRO C 242 13.34 19.26 -4.45
N GLN C 243 12.76 20.16 -3.65
CA GLN C 243 13.57 21.22 -3.07
C GLN C 243 14.56 20.67 -2.05
N ARG C 244 14.16 19.63 -1.32
CA ARG C 244 15.12 18.98 -0.43
C ARG C 244 16.35 18.53 -1.22
N ASP C 245 16.14 17.99 -2.41
CA ASP C 245 17.27 17.56 -3.23
C ASP C 245 18.06 18.75 -3.76
N ILE C 246 17.36 19.84 -4.09
CA ILE C 246 18.07 21.06 -4.48
C ILE C 246 19.04 21.47 -3.39
N TYR C 247 18.56 21.49 -2.15
CA TYR C 247 19.39 21.92 -1.04
C TYR C 247 20.53 20.94 -0.78
N SER C 248 20.24 19.65 -0.86
CA SER C 248 21.30 18.66 -0.69
C SER C 248 22.41 18.87 -1.73
N GLN C 249 22.01 19.05 -2.99
CA GLN C 249 23.01 19.28 -4.04
C GLN C 249 23.78 20.55 -3.78
N LEU C 250 23.11 21.60 -3.34
CA LEU C 250 23.78 22.87 -3.08
C LEU C 250 24.70 22.75 -1.88
N ALA C 251 24.51 21.72 -1.08
CA ALA C 251 25.32 21.52 0.12
C ALA C 251 26.53 20.64 -0.09
N ARG C 252 26.60 19.85 -1.16
CA ARG C 252 27.65 18.83 -1.19
C ARG C 252 28.99 19.41 -1.62
N TYR C 253 29.13 19.89 -2.86
CA TYR C 253 30.42 20.47 -3.18
C TYR C 253 30.32 21.95 -3.55
N LYS C 254 29.66 22.26 -4.68
CA LYS C 254 29.45 23.62 -5.19
C LYS C 254 30.58 24.57 -4.80
N LEU C 255 31.81 24.15 -5.09
CA LEU C 255 32.99 24.83 -4.58
C LEU C 255 33.07 26.28 -5.01
N SER C 256 33.15 26.52 -6.32
CA SER C 256 33.49 27.85 -6.80
C SER C 256 32.33 28.82 -6.63
N TRP C 257 31.12 28.37 -6.93
CA TRP C 257 29.98 29.28 -6.92
C TRP C 257 29.60 29.68 -5.52
N PHE C 258 29.16 28.71 -4.73
CA PHE C 258 28.53 28.96 -3.44
C PHE C 258 29.45 28.45 -2.36
N VAL C 259 30.38 29.30 -1.94
CA VAL C 259 31.54 28.85 -1.17
C VAL C 259 31.08 28.07 0.05
N GLU C 260 31.89 27.09 0.46
CA GLU C 260 31.44 26.15 1.49
C GLU C 260 31.20 26.84 2.82
N ASP C 261 31.50 28.14 2.90
CA ASP C 261 31.06 28.93 4.04
C ASP C 261 29.59 28.70 4.31
N ASP C 262 28.79 28.52 3.27
CA ASP C 262 27.38 28.24 3.41
C ASP C 262 27.02 26.78 3.14
N ALA C 263 28.01 25.90 3.01
CA ALA C 263 27.69 24.50 2.73
C ALA C 263 26.86 23.91 3.87
N ASP C 264 27.28 24.15 5.11
CA ASP C 264 26.55 23.63 6.25
C ASP C 264 25.19 24.32 6.41
N TYR C 265 25.09 25.58 5.98
CA TYR C 265 23.79 26.25 6.01
C TYR C 265 22.81 25.60 5.04
N TRP C 266 23.27 25.33 3.82
CA TRP C 266 22.43 24.59 2.88
C TRP C 266 22.11 23.21 3.42
N ASN C 267 23.04 22.60 4.14
CA ASN C 267 22.79 21.29 4.72
C ASN C 267 21.66 21.36 5.76
N GLU C 268 21.68 22.38 6.61
CA GLU C 268 20.63 22.46 7.62
C GLU C 268 19.30 22.87 7.01
N LEU C 269 19.31 23.59 5.88
CA LEU C 269 18.08 23.80 5.15
C LEU C 269 17.53 22.47 4.62
N ASN C 270 18.41 21.63 4.09
CA ASN C 270 18.04 20.27 3.73
C ASN C 270 17.42 19.54 4.90
N ASN C 271 18.03 19.66 6.09
CA ASN C 271 17.50 19.01 7.27
C ASN C 271 16.11 19.50 7.59
N ARG C 272 15.91 20.81 7.53
CA ARG C 272 14.61 21.37 7.88
C ARG C 272 13.53 20.90 6.92
N LEU C 273 13.83 20.84 5.63
CA LEU C 273 12.85 20.28 4.72
C LEU C 273 12.61 18.80 4.96
N THR C 274 13.64 18.05 5.36
CA THR C 274 13.43 16.64 5.70
C THR C 274 12.48 16.50 6.86
N ARG C 275 12.69 17.32 7.90
CA ARG C 275 11.82 17.30 9.06
C ARG C 275 10.39 17.67 8.67
N ASN C 276 10.24 18.65 7.79
CA ASN C 276 8.90 19.07 7.39
C ASN C 276 8.21 17.98 6.57
N LEU C 277 8.95 17.25 5.76
CA LEU C 277 8.35 16.15 5.03
C LEU C 277 7.93 15.03 5.97
N GLU C 278 8.73 14.76 6.99
CA GLU C 278 8.33 13.80 8.02
C GLU C 278 7.03 14.25 8.67
N GLU C 279 6.93 15.53 9.01
CA GLU C 279 5.71 16.04 9.62
C GLU C 279 4.52 15.91 8.67
N LEU C 280 4.76 16.11 7.37
CA LEU C 280 3.68 15.97 6.40
C LEU C 280 3.17 14.54 6.35
N GLU C 281 4.08 13.57 6.34
CA GLU C 281 3.63 12.18 6.34
C GLU C 281 2.88 11.83 7.61
N LEU C 282 3.37 12.33 8.75
CA LEU C 282 2.66 12.10 10.01
C LEU C 282 1.27 12.72 9.96
N ILE C 283 1.14 13.91 9.37
CA ILE C 283 -0.14 14.58 9.29
C ILE C 283 -1.10 13.79 8.40
N ARG C 284 -0.60 13.30 7.28
CA ARG C 284 -1.45 12.48 6.40
C ARG C 284 -1.93 11.24 7.11
N GLU C 285 -1.06 10.58 7.87
CA GLU C 285 -1.48 9.37 8.56
C GLU C 285 -2.48 9.69 9.66
N ARG C 286 -2.31 10.82 10.35
CA ARG C 286 -3.32 11.22 11.34
C ARG C 286 -4.66 11.50 10.69
N ILE C 287 -4.66 12.14 9.52
CA ILE C 287 -5.92 12.39 8.84
C ILE C 287 -6.59 11.07 8.44
N SER C 288 -5.79 10.12 7.96
CA SER C 288 -6.37 8.83 7.59
C SER C 288 -6.95 8.12 8.81
N VAL C 289 -6.28 8.24 9.96
CA VAL C 289 -6.84 7.66 11.17
C VAL C 289 -8.16 8.30 11.53
N LEU C 290 -8.25 9.63 11.44
CA LEU C 290 -9.51 10.31 11.72
C LEU C 290 -10.61 9.84 10.78
N GLN C 291 -10.29 9.68 9.50
CA GLN C 291 -11.29 9.26 8.53
C GLN C 291 -11.79 7.85 8.82
N GLU C 292 -10.86 6.94 9.11
CA GLU C 292 -11.28 5.57 9.43
C GLU C 292 -12.12 5.54 10.70
N ALA C 293 -11.75 6.34 11.70
CA ALA C 293 -12.56 6.40 12.91
C ALA C 293 -13.96 6.88 12.61
N GLU C 294 -14.09 7.91 11.78
CA GLU C 294 -15.42 8.42 11.45
C GLU C 294 -16.24 7.40 10.67
N SER C 295 -15.61 6.70 9.72
CA SER C 295 -16.33 5.70 8.95
C SER C 295 -16.81 4.57 9.84
N ARG C 296 -15.93 4.09 10.73
CA ARG C 296 -16.33 3.06 11.68
C ARG C 296 -17.47 3.55 12.56
N ARG C 297 -17.42 4.81 12.98
CA ARG C 297 -18.48 5.34 13.84
C ARG C 297 -19.82 5.34 13.12
N ILE C 298 -19.85 5.80 11.87
CA ILE C 298 -21.14 5.85 11.18
C ILE C 298 -21.64 4.45 10.87
N THR C 299 -20.73 3.51 10.60
CA THR C 299 -21.17 2.14 10.35
C THR C 299 -21.75 1.50 11.60
N GLU C 300 -21.11 1.75 12.74
CA GLU C 300 -21.61 1.17 13.99
C GLU C 300 -22.94 1.81 14.38
N ARG C 301 -23.09 3.11 14.13
CA ARG C 301 -24.37 3.75 14.39
C ARG C 301 -25.46 3.20 13.48
N MET C 302 -25.09 2.93 12.23
CA MET C 302 -26.01 2.30 11.29
C MET C 302 -26.47 0.94 11.82
N ASN C 303 -25.52 0.14 12.30
CA ASN C 303 -25.87 -1.15 12.88
C ASN C 303 -26.77 -0.98 14.11
N ARG C 304 -26.50 0.04 14.91
CA ARG C 304 -27.30 0.26 16.12
C ARG C 304 -28.74 0.62 15.76
N THR C 305 -28.92 1.53 14.81
CA THR C 305 -30.28 1.90 14.45
C THR C 305 -31.01 0.76 13.75
N MET C 306 -30.28 -0.08 13.02
CA MET C 306 -30.92 -1.27 12.48
C MET C 306 -31.36 -2.21 13.58
N TYR C 307 -30.56 -2.34 14.63
CA TYR C 307 -30.95 -3.17 15.76
C TYR C 307 -32.22 -2.64 16.41
N LEU C 308 -32.27 -1.33 16.65
CA LEU C 308 -33.47 -0.73 17.23
C LEU C 308 -34.68 -0.92 16.34
N LEU C 309 -34.50 -0.78 15.03
CA LEU C 309 -35.59 -1.02 14.09
C LEU C 309 -36.10 -2.45 14.19
N GLY C 310 -35.19 -3.41 14.21
CA GLY C 310 -35.60 -4.80 14.35
C GLY C 310 -36.34 -5.04 15.65
N ILE C 311 -35.90 -4.39 16.73
CA ILE C 311 -36.61 -4.55 18.00
C ILE C 311 -38.02 -4.01 17.90
N ILE C 312 -38.16 -2.79 17.36
CA ILE C 312 -39.47 -2.17 17.26
C ILE C 312 -40.42 -3.03 16.45
N THR C 313 -39.95 -3.58 15.33
CA THR C 313 -40.81 -4.43 14.52
C THR C 313 -41.12 -5.74 15.24
N GLY C 314 -40.09 -6.50 15.58
CA GLY C 314 -40.29 -7.82 16.15
C GLY C 314 -41.09 -7.81 17.43
N PHE C 315 -41.15 -6.68 18.13
CA PHE C 315 -42.03 -6.61 19.27
C PHE C 315 -43.48 -6.39 18.87
N PHE C 316 -43.72 -5.53 17.88
CA PHE C 316 -45.06 -5.04 17.59
C PHE C 316 -45.72 -5.73 16.40
N LEU C 317 -44.96 -6.08 15.37
CA LEU C 317 -45.53 -6.83 14.25
C LEU C 317 -46.23 -8.11 14.68
N PRO C 318 -45.64 -8.97 15.51
CA PRO C 318 -46.41 -10.13 16.00
C PRO C 318 -47.53 -9.72 16.93
N MET C 319 -47.23 -8.83 17.87
CA MET C 319 -48.24 -8.42 18.84
C MET C 319 -49.44 -7.77 18.16
N SER C 320 -49.21 -7.03 17.08
CA SER C 320 -50.31 -6.47 16.32
C SER C 320 -51.05 -7.53 15.51
N PHE C 321 -50.44 -8.69 15.28
CA PHE C 321 -51.12 -9.76 14.57
C PHE C 321 -51.95 -10.62 15.51
N VAL C 322 -51.39 -10.96 16.68
CA VAL C 322 -52.13 -11.80 17.62
C VAL C 322 -53.34 -11.06 18.16
N THR C 323 -53.24 -9.73 18.28
CA THR C 323 -54.40 -8.94 18.70
C THR C 323 -55.47 -8.90 17.61
N GLY C 324 -55.17 -9.43 16.43
CA GLY C 324 -56.12 -9.45 15.34
C GLY C 324 -57.35 -10.26 15.68
N LEU C 325 -57.14 -11.51 16.09
CA LEU C 325 -58.27 -12.34 16.51
C LEU C 325 -58.64 -12.15 17.97
N LEU C 326 -58.05 -11.18 18.66
CA LEU C 326 -58.41 -10.91 20.04
C LEU C 326 -59.91 -10.59 20.13
N GLY C 327 -60.46 -10.78 21.33
CA GLY C 327 -61.87 -10.51 21.56
C GLY C 327 -62.19 -9.04 21.57
N ILE C 328 -63.22 -8.66 22.34
CA ILE C 328 -63.63 -7.26 22.40
C ILE C 328 -62.48 -6.42 22.90
N ASN C 329 -62.20 -5.34 22.19
CA ASN C 329 -61.05 -4.50 22.48
C ASN C 329 -61.31 -3.51 23.61
N VAL C 330 -62.45 -3.62 24.30
CA VAL C 330 -62.76 -2.80 25.46
C VAL C 330 -62.70 -3.70 26.69
N GLY C 331 -62.25 -3.13 27.80
CA GLY C 331 -61.95 -3.92 28.99
C GLY C 331 -63.18 -4.33 29.78
N GLY C 332 -63.16 -5.60 30.20
CA GLY C 332 -64.17 -6.12 31.11
C GLY C 332 -65.59 -6.01 30.61
N ILE C 333 -65.93 -6.74 29.55
CA ILE C 333 -67.28 -6.68 28.99
C ILE C 333 -68.28 -7.24 29.99
N PRO C 334 -68.19 -8.53 30.44
CA PRO C 334 -69.12 -9.05 31.45
C PRO C 334 -68.64 -8.82 32.88
N GLY C 335 -68.19 -7.59 33.17
CA GLY C 335 -67.83 -7.22 34.52
C GLY C 335 -66.55 -7.83 35.04
N ALA C 336 -66.56 -9.15 35.27
CA ALA C 336 -65.44 -9.80 35.94
C ALA C 336 -64.30 -10.10 34.98
N ASP C 337 -64.56 -10.88 33.93
CA ASP C 337 -63.51 -11.29 33.01
C ASP C 337 -63.99 -11.06 31.59
N ALA C 338 -63.21 -10.29 30.83
CA ALA C 338 -63.60 -9.88 29.49
C ALA C 338 -63.82 -11.04 28.53
N PRO C 339 -62.89 -11.98 28.36
CA PRO C 339 -63.08 -13.01 27.34
C PRO C 339 -63.91 -14.20 27.82
N HIS C 340 -64.66 -14.76 26.88
CA HIS C 340 -65.44 -15.97 27.11
C HIS C 340 -65.21 -16.95 25.98
N GLY C 341 -65.09 -18.23 26.31
CA GLY C 341 -64.77 -19.25 25.34
C GLY C 341 -63.33 -19.25 24.87
N PHE C 342 -62.44 -18.56 25.58
CA PHE C 342 -61.05 -18.43 25.14
C PHE C 342 -60.30 -19.76 25.19
N TRP C 343 -60.78 -20.74 25.97
CA TRP C 343 -60.05 -21.99 26.15
C TRP C 343 -59.73 -22.69 24.84
N LEU C 344 -60.45 -22.37 23.76
CA LEU C 344 -60.22 -23.04 22.49
C LEU C 344 -59.00 -22.47 21.77
N ALA C 345 -58.98 -21.15 21.56
CA ALA C 345 -57.99 -20.53 20.69
C ALA C 345 -56.96 -19.69 21.43
N CYS C 346 -56.99 -19.65 22.76
CA CYS C 346 -56.04 -18.84 23.52
C CYS C 346 -54.62 -19.35 23.43
N LEU C 347 -54.40 -20.54 22.87
CA LEU C 347 -53.06 -21.11 22.78
C LEU C 347 -52.16 -20.28 21.88
N LEU C 348 -52.75 -19.42 21.04
CA LEU C 348 -51.97 -18.65 20.09
C LEU C 348 -51.10 -17.60 20.76
N ILE C 349 -51.58 -17.00 21.85
CA ILE C 349 -50.81 -15.94 22.51
C ILE C 349 -49.50 -16.49 23.05
N GLY C 350 -49.43 -17.79 23.29
CA GLY C 350 -48.17 -18.39 23.70
C GLY C 350 -47.18 -18.53 22.55
N GLY C 351 -47.68 -18.86 21.36
CA GLY C 351 -46.80 -19.09 20.23
C GLY C 351 -46.05 -17.85 19.80
N VAL C 352 -46.76 -16.74 19.66
CA VAL C 352 -46.12 -15.50 19.24
C VAL C 352 -45.21 -14.98 20.34
N ALA C 353 -45.52 -15.27 21.60
CA ALA C 353 -44.63 -14.88 22.69
C ALA C 353 -43.34 -15.68 22.66
N THR C 354 -43.45 -16.99 22.40
CA THR C 354 -42.26 -17.81 22.21
C THR C 354 -41.43 -17.30 21.05
N PHE C 355 -42.08 -16.97 19.93
CA PHE C 355 -41.36 -16.42 18.78
C PHE C 355 -40.65 -15.12 19.17
N GLN C 356 -41.36 -14.26 19.91
CA GLN C 356 -40.78 -12.98 20.30
C GLN C 356 -39.54 -13.17 21.15
N TRP C 357 -39.64 -13.97 22.20
CA TRP C 357 -38.48 -14.16 23.07
C TRP C 357 -37.36 -14.90 22.33
N TRP C 358 -37.72 -15.76 21.38
CA TRP C 358 -36.72 -16.44 20.56
C TRP C 358 -35.93 -15.44 19.75
N VAL C 359 -36.62 -14.61 18.96
CA VAL C 359 -35.93 -13.64 18.11
C VAL C 359 -35.20 -12.61 18.96
N PHE C 360 -35.72 -12.30 20.14
CA PHE C 360 -35.04 -11.37 21.03
C PHE C 360 -33.71 -11.96 21.49
N ARG C 361 -33.73 -13.21 21.94
CA ARG C 361 -32.47 -13.90 22.23
C ARG C 361 -31.66 -14.08 20.97
N ARG C 362 -32.33 -14.21 19.82
CA ARG C 362 -31.61 -14.33 18.56
C ARG C 362 -31.02 -13.01 18.12
N LEU C 363 -31.59 -11.89 18.56
CA LEU C 363 -31.02 -10.59 18.23
C LEU C 363 -29.85 -10.23 19.14
N ARG C 364 -29.93 -10.59 20.42
CA ARG C 364 -28.83 -10.28 21.34
C ARG C 364 -27.55 -11.01 20.95
N TRP C 365 -27.67 -12.27 20.58
CA TRP C 365 -26.50 -13.09 20.27
C TRP C 365 -26.58 -13.69 18.88
N GLU D 39 4.30 10.13 -53.55
CA GLU D 39 4.26 11.22 -54.53
C GLU D 39 3.59 10.77 -55.82
N SER D 40 4.05 11.32 -56.94
CA SER D 40 3.53 10.90 -58.24
C SER D 40 3.84 9.42 -58.47
N GLY D 41 2.87 8.71 -59.04
CA GLY D 41 2.96 7.27 -59.11
C GLY D 41 2.61 6.63 -57.79
N ASP D 42 2.46 5.31 -57.81
CA ASP D 42 2.05 4.60 -56.62
C ASP D 42 3.25 4.27 -55.74
N GLU D 43 3.05 4.37 -54.44
CA GLU D 43 4.09 4.16 -53.45
C GLU D 43 3.89 2.81 -52.79
N ARG D 44 4.99 2.09 -52.57
CA ARG D 44 4.90 0.77 -51.96
C ARG D 44 4.62 0.86 -50.47
N GLY D 45 5.56 1.41 -49.71
CA GLY D 45 5.34 1.53 -48.28
C GLY D 45 5.87 2.80 -47.66
N LEU D 46 6.53 3.63 -48.46
CA LEU D 46 7.27 4.78 -47.95
C LEU D 46 6.33 5.95 -47.76
N ILE D 47 6.05 6.31 -46.52
CA ILE D 47 5.16 7.43 -46.25
C ILE D 47 5.84 8.74 -46.61
N TYR D 48 6.94 9.06 -45.93
CA TYR D 48 7.67 10.31 -46.10
C TYR D 48 9.11 9.98 -46.45
N GLY D 49 9.48 10.20 -47.70
CA GLY D 49 10.87 10.08 -48.08
C GLY D 49 11.50 11.44 -48.25
N TYR D 50 12.26 11.89 -47.26
CA TYR D 50 12.75 13.26 -47.22
C TYR D 50 14.24 13.25 -46.93
N VAL D 51 15.03 13.72 -47.88
CA VAL D 51 16.46 13.92 -47.66
C VAL D 51 16.65 15.28 -47.02
N LEU D 52 17.40 15.32 -45.92
CA LEU D 52 17.60 16.56 -45.20
C LEU D 52 18.57 17.44 -45.98
N ASN D 53 18.99 18.54 -45.37
CA ASN D 53 19.83 19.52 -46.04
C ASN D 53 21.05 19.94 -45.24
N GLY D 54 21.09 19.67 -43.94
CA GLY D 54 22.14 20.21 -43.09
C GLY D 54 21.89 21.62 -42.65
N ARG D 55 20.84 22.28 -43.15
CA ARG D 55 20.50 23.64 -42.77
C ARG D 55 19.02 23.77 -42.41
N GLY D 56 18.39 22.67 -42.02
CA GLY D 56 16.98 22.66 -41.72
C GLY D 56 16.08 22.47 -42.93
N GLY D 57 16.59 22.67 -44.14
CA GLY D 57 15.78 22.53 -45.33
C GLY D 57 15.58 21.07 -45.71
N GLY D 58 15.65 20.77 -47.00
CA GLY D 58 15.61 19.41 -47.45
C GLY D 58 14.85 19.28 -48.76
N ARG D 59 14.38 18.07 -49.02
CA ARG D 59 13.71 17.72 -50.27
C ARG D 59 13.10 16.34 -50.11
N ARG D 60 11.93 16.15 -50.72
CA ARG D 60 11.31 14.83 -50.75
C ARG D 60 11.85 14.03 -51.93
N VAL D 61 12.01 12.73 -51.73
CA VAL D 61 12.67 11.90 -52.72
C VAL D 61 11.72 10.89 -53.34
N GLY D 62 10.72 10.45 -52.58
CA GLY D 62 9.78 9.46 -53.08
C GLY D 62 10.40 8.08 -53.19
N ARG D 63 9.72 7.24 -53.96
CA ARG D 63 10.06 5.82 -54.06
C ARG D 63 11.34 5.57 -54.83
N ASN D 64 11.88 6.56 -55.53
CA ASN D 64 13.13 6.39 -56.27
C ASN D 64 14.29 6.95 -55.44
N GLN D 65 14.60 6.24 -54.35
CA GLN D 65 15.61 6.67 -53.41
C GLN D 65 16.79 5.75 -53.30
N ILE D 66 16.77 4.59 -53.95
CA ILE D 66 17.90 3.67 -53.88
C ILE D 66 19.07 4.25 -54.67
N ALA D 67 18.81 5.24 -55.51
CA ALA D 67 19.82 5.80 -56.38
C ALA D 67 20.17 7.24 -56.02
N VAL D 68 19.90 7.65 -54.77
CA VAL D 68 20.39 8.94 -54.32
C VAL D 68 21.86 8.83 -53.97
N LEU D 69 22.64 9.82 -54.41
CA LEU D 69 24.04 9.92 -54.05
C LEU D 69 24.17 11.16 -53.18
N ASP D 70 24.10 10.96 -51.86
CA ASP D 70 24.21 12.06 -50.93
C ASP D 70 25.56 12.73 -51.09
N LEU D 71 25.55 14.06 -51.14
CA LEU D 71 26.78 14.82 -51.30
C LEU D 71 27.51 14.84 -49.97
N LEU D 72 28.53 15.71 -49.85
CA LEU D 72 29.39 15.74 -48.69
C LEU D 72 28.58 15.70 -47.41
N PRO D 73 29.04 14.99 -46.39
CA PRO D 73 28.13 14.51 -45.34
C PRO D 73 27.62 15.58 -44.39
N GLU D 74 26.76 16.48 -44.87
CA GLU D 74 25.96 17.30 -43.98
C GLU D 74 24.49 16.93 -43.99
N GLU D 75 24.01 16.30 -45.04
CA GLU D 75 22.59 15.97 -45.20
C GLU D 75 22.40 14.51 -44.82
N SER D 76 21.43 14.26 -43.95
CA SER D 76 21.03 12.91 -43.59
C SER D 76 20.03 12.42 -44.63
N LEU D 77 19.35 11.33 -44.31
CA LEU D 77 18.26 10.85 -45.12
C LEU D 77 17.23 10.20 -44.21
N TRP D 78 15.98 10.61 -44.38
CA TRP D 78 14.91 10.17 -43.50
C TRP D 78 13.91 9.35 -44.30
N LEU D 79 13.43 8.27 -43.70
CA LEU D 79 12.46 7.41 -44.35
C LEU D 79 11.43 7.00 -43.31
N HIS D 80 10.18 7.36 -43.54
CA HIS D 80 9.08 6.97 -42.69
C HIS D 80 8.34 5.84 -43.38
N TRP D 81 8.30 4.68 -42.74
CA TRP D 81 7.73 3.49 -43.35
C TRP D 81 6.46 3.07 -42.62
N ASP D 82 5.54 2.50 -43.39
CA ASP D 82 4.36 1.87 -42.82
C ASP D 82 4.71 0.44 -42.44
N ARG D 83 4.69 0.16 -41.14
CA ARG D 83 5.10 -1.15 -40.65
C ARG D 83 4.17 -2.27 -41.11
N GLY D 84 2.97 -1.93 -41.56
CA GLY D 84 2.01 -2.94 -41.95
C GLY D 84 2.19 -3.41 -43.39
N VAL D 85 2.53 -2.49 -44.28
CA VAL D 85 2.64 -2.85 -45.69
C VAL D 85 3.77 -3.87 -45.86
N PRO D 86 3.53 -5.00 -46.53
CA PRO D 86 4.59 -6.02 -46.62
C PRO D 86 5.77 -5.59 -47.47
N GLU D 87 5.59 -4.66 -48.41
CA GLU D 87 6.72 -4.21 -49.21
C GLU D 87 7.68 -3.38 -48.38
N ALA D 88 7.17 -2.69 -47.35
CA ALA D 88 8.04 -1.97 -46.43
C ALA D 88 8.96 -2.94 -45.70
N GLN D 89 8.40 -4.02 -45.15
CA GLN D 89 9.22 -5.03 -44.49
C GLN D 89 10.13 -5.73 -45.49
N ALA D 90 9.68 -5.85 -46.75
CA ALA D 90 10.52 -6.45 -47.78
C ALA D 90 11.77 -5.62 -48.00
N TRP D 91 11.61 -4.35 -48.35
CA TRP D 91 12.75 -3.46 -48.52
C TRP D 91 13.58 -3.36 -47.25
N LEU D 92 12.92 -3.40 -46.09
CA LEU D 92 13.62 -3.24 -44.81
C LEU D 92 14.50 -4.43 -44.51
N ARG D 93 14.16 -5.62 -45.02
CA ARG D 93 14.99 -6.78 -44.77
C ARG D 93 16.29 -6.70 -45.56
N ASP D 94 16.22 -6.42 -46.84
CA ASP D 94 17.41 -6.27 -47.67
C ASP D 94 17.48 -4.90 -48.31
N SER D 95 17.94 -3.91 -47.53
CA SER D 95 18.32 -2.59 -48.00
C SER D 95 18.82 -1.79 -46.81
N ALA D 96 19.73 -0.83 -47.08
CA ALA D 96 20.40 -0.05 -46.06
C ALA D 96 21.20 -0.93 -45.09
N GLY D 97 21.40 -2.20 -45.46
CA GLY D 97 22.27 -3.08 -44.70
C GLY D 97 22.01 -3.12 -43.21
N LEU D 98 20.82 -3.57 -42.81
CA LEU D 98 20.52 -3.76 -41.40
C LEU D 98 20.73 -5.22 -41.04
N SER D 99 21.32 -5.46 -39.87
CA SER D 99 21.47 -6.82 -39.38
C SER D 99 20.09 -7.46 -39.24
N GLU D 100 20.00 -8.73 -39.63
CA GLU D 100 18.73 -9.44 -39.54
C GLU D 100 18.18 -9.42 -38.12
N PHE D 101 19.08 -9.43 -37.13
CA PHE D 101 18.65 -9.25 -35.75
C PHE D 101 17.91 -7.93 -35.57
N ALA D 102 18.47 -6.85 -36.11
CA ALA D 102 17.83 -5.54 -36.00
C ALA D 102 16.46 -5.54 -36.65
N CYS D 103 16.40 -5.95 -37.92
CA CYS D 103 15.14 -6.01 -38.64
C CYS D 103 14.09 -6.78 -37.86
N ASP D 104 14.46 -7.96 -37.36
CA ASP D 104 13.53 -8.72 -36.55
C ASP D 104 13.20 -8.04 -35.23
N LEU D 105 14.03 -7.07 -34.81
CA LEU D 105 13.80 -6.45 -33.51
C LEU D 105 12.79 -5.31 -33.58
N LEU D 106 12.69 -4.62 -34.71
CA LEU D 106 11.76 -3.52 -34.84
C LEU D 106 10.56 -3.85 -35.71
N LEU D 107 10.46 -5.07 -36.22
CA LEU D 107 9.27 -5.54 -36.89
C LEU D 107 8.44 -6.47 -36.02
N GLU D 108 8.65 -6.43 -34.71
CA GLU D 108 7.87 -7.23 -33.80
C GLU D 108 6.43 -6.74 -33.77
N GLU D 109 5.60 -7.40 -32.95
CA GLU D 109 4.22 -7.00 -32.76
C GLU D 109 4.02 -6.22 -31.46
N ALA D 110 4.48 -6.76 -30.35
CA ALA D 110 4.39 -6.09 -29.06
C ALA D 110 5.77 -5.67 -28.61
N THR D 111 5.88 -4.42 -28.16
CA THR D 111 7.15 -3.87 -27.71
C THR D 111 6.91 -2.94 -26.53
N ARG D 112 7.92 -2.66 -25.81
CA ARG D 112 7.93 -1.63 -24.80
C ARG D 112 9.03 -0.62 -25.09
N PRO D 113 8.89 0.62 -24.64
CA PRO D 113 9.87 1.64 -24.98
C PRO D 113 11.24 1.32 -24.40
N ARG D 114 12.27 1.40 -25.24
CA ARG D 114 13.62 1.12 -24.81
C ARG D 114 14.59 1.64 -25.86
N LEU D 115 15.79 1.95 -25.41
CA LEU D 115 16.90 2.32 -26.29
C LEU D 115 17.83 1.13 -26.42
N LEU D 116 18.42 0.98 -27.60
CA LEU D 116 19.23 -0.20 -27.87
C LEU D 116 20.36 0.16 -28.82
N ASP D 117 21.60 0.07 -28.33
CA ASP D 117 22.78 0.36 -29.12
C ASP D 117 23.34 -0.93 -29.69
N LEU D 118 23.58 -0.98 -31.00
CA LEU D 118 24.19 -2.14 -31.61
C LEU D 118 25.35 -1.75 -32.53
N GLY D 119 26.48 -1.43 -31.91
CA GLY D 119 27.77 -1.53 -32.57
C GLY D 119 28.25 -0.28 -33.27
N ALA D 120 29.02 0.55 -32.59
CA ALA D 120 29.80 1.63 -33.19
C ALA D 120 28.96 2.62 -33.99
N GLU D 121 27.65 2.37 -34.05
CA GLU D 121 26.71 3.12 -34.86
C GLU D 121 25.32 2.55 -34.58
N SER D 122 24.30 3.03 -35.27
CA SER D 122 23.06 2.28 -35.45
C SER D 122 22.41 1.92 -34.10
N LEU D 123 21.90 2.94 -33.44
CA LEU D 123 21.11 2.63 -32.26
C LEU D 123 19.63 2.50 -32.65
N LEU D 124 18.87 1.85 -31.79
CA LEU D 124 17.44 1.62 -31.99
C LEU D 124 16.66 2.21 -30.84
N VAL D 125 15.65 3.01 -31.15
CA VAL D 125 14.81 3.65 -30.15
C VAL D 125 13.37 3.25 -30.42
N PHE D 126 12.65 2.89 -29.37
CA PHE D 126 11.24 2.52 -29.46
C PHE D 126 10.43 3.53 -28.66
N LEU D 127 9.73 4.41 -29.34
CA LEU D 127 8.98 5.49 -28.70
C LEU D 127 7.49 5.26 -28.85
N ARG D 128 6.73 5.98 -28.03
CA ARG D 128 5.28 5.84 -27.96
C ARG D 128 4.65 7.20 -28.12
N GLY D 129 3.80 7.35 -29.13
CA GLY D 129 3.08 8.58 -29.36
C GLY D 129 1.98 8.81 -28.35
N VAL D 130 0.92 9.50 -28.73
CA VAL D 130 -0.19 9.74 -27.82
C VAL D 130 -1.54 9.48 -28.48
N ASN D 131 -1.54 9.01 -29.73
CA ASN D 131 -2.73 8.47 -30.39
C ASN D 131 -3.85 9.51 -30.50
N LEU D 132 -3.56 10.58 -31.25
CA LEU D 132 -4.61 11.53 -31.61
C LEU D 132 -5.25 11.14 -32.93
N ASN D 133 -5.61 9.92 -33.04
CA ASN D 133 -6.27 9.42 -34.23
C ASN D 133 -7.77 9.62 -34.12
N PRO D 134 -8.46 9.76 -35.25
CA PRO D 134 -9.92 10.00 -35.19
C PRO D 134 -10.69 8.93 -34.44
N GLY D 135 -10.11 7.76 -34.22
CA GLY D 135 -10.87 6.70 -33.57
C GLY D 135 -11.17 6.98 -32.11
N ALA D 136 -10.17 6.85 -31.24
CA ALA D 136 -10.41 6.98 -29.80
C ALA D 136 -9.13 6.87 -28.99
N GLU D 137 -9.27 6.96 -27.66
CA GLU D 137 -8.24 6.51 -26.73
C GLU D 137 -6.91 7.24 -26.86
N PRO D 138 -6.79 8.42 -26.28
CA PRO D 138 -5.46 9.04 -26.16
C PRO D 138 -4.42 8.10 -25.55
N GLU D 139 -4.76 7.37 -24.49
CA GLU D 139 -3.86 6.30 -24.06
C GLU D 139 -3.94 5.20 -25.09
N ASP D 140 -3.32 4.05 -24.85
CA ASP D 140 -3.10 3.09 -25.93
C ASP D 140 -2.28 3.77 -27.03
N MET D 141 -1.07 4.13 -26.65
CA MET D 141 -0.27 5.09 -27.42
C MET D 141 0.29 4.45 -28.67
N VAL D 142 0.24 5.18 -29.78
CA VAL D 142 0.86 4.73 -31.01
C VAL D 142 2.34 4.53 -30.76
N SER D 143 2.90 3.49 -31.36
CA SER D 143 4.31 3.16 -31.17
C SER D 143 5.12 3.57 -32.39
N LEU D 144 6.19 4.33 -32.14
CA LEU D 144 7.11 4.77 -33.18
C LEU D 144 8.46 4.13 -32.91
N ARG D 145 9.02 3.48 -33.92
CA ARG D 145 10.29 2.77 -33.80
C ARG D 145 11.30 3.38 -34.75
N VAL D 146 12.44 3.79 -34.20
CA VAL D 146 13.43 4.55 -34.94
C VAL D 146 14.71 3.75 -34.99
N PHE D 147 15.33 3.70 -36.17
CA PHE D 147 16.69 3.18 -36.34
C PHE D 147 17.57 4.35 -36.73
N ALA D 148 18.41 4.79 -35.81
CA ALA D 148 19.22 5.98 -35.99
C ALA D 148 20.64 5.60 -36.34
N ASP D 149 21.10 6.07 -37.50
CA ASP D 149 22.48 5.91 -37.92
C ASP D 149 23.17 7.26 -37.82
N ALA D 150 24.43 7.31 -38.25
CA ALA D 150 25.12 8.59 -38.30
C ALA D 150 24.66 9.43 -39.48
N ARG D 151 24.11 8.81 -40.51
CA ARG D 151 23.66 9.54 -41.68
C ARG D 151 22.32 9.06 -42.21
N ARG D 152 21.60 8.23 -41.48
CA ARG D 152 20.29 7.76 -41.90
C ARG D 152 19.39 7.62 -40.68
N VAL D 153 18.11 7.90 -40.88
CA VAL D 153 17.09 7.62 -39.89
C VAL D 153 15.97 6.89 -40.60
N ILE D 154 15.50 5.80 -39.99
CA ILE D 154 14.44 4.98 -40.56
C ILE D 154 13.41 4.78 -39.45
N SER D 155 12.21 5.25 -39.69
CA SER D 155 11.16 5.25 -38.68
C SER D 155 9.99 4.40 -39.13
N LEU D 156 9.40 3.67 -38.20
CA LEU D 156 8.35 2.71 -38.48
C LEU D 156 7.12 3.04 -37.65
N ARG D 157 5.94 2.84 -38.22
CA ARG D 157 4.71 3.04 -37.48
C ARG D 157 3.59 2.26 -38.13
N LEU D 158 2.60 1.87 -37.32
CA LEU D 158 1.37 1.26 -37.82
C LEU D 158 0.29 2.31 -38.05
N ARG D 159 -0.13 3.00 -36.99
CA ARG D 159 -1.12 4.05 -36.95
C ARG D 159 -0.45 5.41 -37.08
N PRO D 160 -1.04 6.33 -37.85
CA PRO D 160 -0.37 7.61 -38.10
C PRO D 160 -0.11 8.38 -36.81
N LEU D 161 0.96 9.16 -36.82
CA LEU D 161 1.38 9.96 -35.68
C LEU D 161 1.32 11.44 -36.04
N LYS D 162 0.97 12.27 -35.06
CA LYS D 162 0.98 13.71 -35.29
C LYS D 162 2.41 14.23 -35.34
N ALA D 163 3.25 13.78 -34.41
CA ALA D 163 4.62 14.28 -34.29
C ALA D 163 5.35 14.24 -35.63
N VAL D 164 5.07 13.22 -36.45
CA VAL D 164 5.77 13.10 -37.71
C VAL D 164 5.30 14.15 -38.70
N ALA D 165 4.00 14.43 -38.74
CA ALA D 165 3.53 15.51 -39.60
C ALA D 165 4.06 16.86 -39.12
N ASP D 166 4.15 17.04 -37.81
CA ASP D 166 4.76 18.23 -37.24
C ASP D 166 6.18 18.39 -37.75
N LEU D 167 6.97 17.32 -37.64
CA LEU D 167 8.36 17.36 -38.08
C LEU D 167 8.45 17.65 -39.57
N LEU D 168 7.54 17.09 -40.36
CA LEU D 168 7.61 17.29 -41.80
C LEU D 168 7.33 18.75 -42.15
N GLU D 169 6.17 19.26 -41.72
CA GLU D 169 5.84 20.66 -41.98
C GLU D 169 6.88 21.59 -41.39
N ASP D 170 7.55 21.17 -40.33
CA ASP D 170 8.70 21.90 -39.82
C ASP D 170 9.81 21.92 -40.84
N LEU D 171 10.12 20.76 -41.43
CA LEU D 171 11.21 20.64 -42.38
C LEU D 171 10.98 21.49 -43.61
N GLU D 172 9.89 21.25 -44.34
CA GLU D 172 9.71 22.02 -45.56
C GLU D 172 9.45 23.49 -45.30
N ALA D 173 9.23 23.88 -44.04
CA ALA D 173 9.20 25.30 -43.70
C ALA D 173 10.59 25.91 -43.64
N GLY D 174 11.65 25.10 -43.72
CA GLY D 174 13.00 25.59 -43.68
C GLY D 174 13.58 25.75 -42.30
N LYS D 175 12.92 25.24 -41.25
CA LYS D 175 13.41 25.36 -39.90
C LYS D 175 13.42 24.03 -39.16
N GLY D 176 13.45 22.92 -39.89
CA GLY D 176 13.46 21.61 -39.29
C GLY D 176 14.85 21.20 -38.86
N PRO D 177 15.01 19.91 -38.55
CA PRO D 177 16.32 19.42 -38.14
C PRO D 177 17.30 19.40 -39.30
N LYS D 178 18.54 19.09 -38.99
CA LYS D 178 19.57 19.05 -40.02
C LYS D 178 20.45 17.80 -39.97
N THR D 179 20.43 17.03 -38.89
CA THR D 179 21.16 15.76 -38.83
C THR D 179 20.30 14.72 -38.13
N ALA D 180 20.80 13.48 -38.14
CA ALA D 180 20.04 12.35 -37.64
C ALA D 180 19.66 12.52 -36.17
N SER D 181 20.64 12.85 -35.33
CA SER D 181 20.35 13.10 -33.93
C SER D 181 19.28 14.16 -33.78
N GLU D 182 19.31 15.19 -34.61
CA GLU D 182 18.31 16.23 -34.53
C GLU D 182 16.93 15.71 -34.91
N VAL D 183 16.86 14.78 -35.85
CA VAL D 183 15.57 14.19 -36.22
C VAL D 183 15.00 13.40 -35.05
N VAL D 184 15.82 12.57 -34.43
CA VAL D 184 15.32 11.80 -33.29
C VAL D 184 14.92 12.74 -32.16
N TYR D 185 15.69 13.80 -31.94
CA TYR D 185 15.33 14.73 -30.88
C TYR D 185 14.02 15.42 -31.18
N TYR D 186 13.80 15.82 -32.43
CA TYR D 186 12.56 16.48 -32.79
C TYR D 186 11.37 15.56 -32.57
N LEU D 187 11.50 14.30 -32.99
CA LEU D 187 10.43 13.35 -32.78
C LEU D 187 10.10 13.21 -31.30
N ALA D 188 11.13 13.03 -30.47
CA ALA D 188 10.89 12.88 -29.03
C ALA D 188 10.30 14.15 -28.44
N HIS D 189 10.78 15.30 -28.90
CA HIS D 189 10.29 16.57 -28.38
C HIS D 189 8.81 16.75 -28.67
N TYR D 190 8.39 16.41 -29.88
CA TYR D 190 6.97 16.55 -30.23
C TYR D 190 6.12 15.55 -29.48
N LEU D 191 6.59 14.31 -29.36
CA LEU D 191 5.83 13.34 -28.57
C LEU D 191 5.61 13.83 -27.15
N THR D 192 6.63 14.45 -26.55
CA THR D 192 6.46 14.97 -25.20
C THR D 192 5.57 16.22 -25.17
N ASP D 193 5.72 17.10 -26.16
CA ASP D 193 4.88 18.29 -26.21
C ASP D 193 3.41 17.92 -26.32
N ARG D 194 3.12 16.74 -26.82
CA ARG D 194 1.72 16.32 -26.85
C ARG D 194 1.30 15.54 -25.61
N VAL D 195 2.20 14.75 -25.03
CA VAL D 195 1.82 14.02 -23.83
C VAL D 195 1.55 14.99 -22.68
N ASP D 196 2.30 16.09 -22.62
CA ASP D 196 2.07 17.00 -21.50
C ASP D 196 0.79 17.80 -21.71
N THR D 197 0.47 18.13 -22.96
CA THR D 197 -0.82 18.72 -23.26
C THR D 197 -1.96 17.82 -22.81
N LEU D 198 -1.85 16.53 -23.10
CA LEU D 198 -2.89 15.60 -22.68
C LEU D 198 -3.00 15.54 -21.17
N ILE D 199 -1.87 15.52 -20.47
CA ILE D 199 -1.92 15.40 -19.01
C ILE D 199 -2.48 16.67 -18.38
N SER D 200 -2.15 17.84 -18.93
CA SER D 200 -2.72 19.07 -18.42
C SER D 200 -4.22 19.12 -18.68
N GLY D 201 -4.66 18.58 -19.82
CA GLY D 201 -6.09 18.45 -20.05
C GLY D 201 -6.76 17.59 -19.02
N ILE D 202 -6.14 16.46 -18.67
CA ILE D 202 -6.69 15.61 -17.62
C ILE D 202 -6.79 16.37 -16.31
N ALA D 203 -5.77 17.17 -16.01
CA ALA D 203 -5.76 17.91 -14.75
C ALA D 203 -6.89 18.94 -14.70
N ASP D 204 -7.10 19.66 -15.82
CA ASP D 204 -8.20 20.62 -15.84
C ASP D 204 -9.55 19.93 -15.79
N GLN D 205 -9.66 18.75 -16.37
CA GLN D 205 -10.91 17.99 -16.27
C GLN D 205 -11.20 17.64 -14.82
N LEU D 206 -10.21 17.12 -14.11
CA LEU D 206 -10.39 16.84 -12.69
C LEU D 206 -10.72 18.11 -11.92
N ASP D 207 -10.10 19.23 -12.29
CA ASP D 207 -10.38 20.48 -11.60
C ASP D 207 -11.83 20.88 -11.76
N ALA D 208 -12.36 20.77 -12.98
CA ALA D 208 -13.76 21.08 -13.22
C ALA D 208 -14.67 20.16 -12.42
N VAL D 209 -14.37 18.86 -12.43
CA VAL D 209 -15.18 17.90 -11.68
C VAL D 209 -15.19 18.27 -10.20
N GLU D 210 -14.02 18.53 -9.63
CA GLU D 210 -13.96 18.83 -8.21
C GLU D 210 -14.69 20.12 -7.89
N GLU D 211 -14.46 21.17 -8.67
CA GLU D 211 -15.09 22.44 -8.35
C GLU D 211 -16.60 22.33 -8.46
N LEU D 212 -17.09 21.53 -9.41
CA LEU D 212 -18.53 21.27 -9.47
C LEU D 212 -19.01 20.55 -8.21
N VAL D 213 -18.31 19.47 -7.84
CA VAL D 213 -18.74 18.65 -6.71
C VAL D 213 -18.79 19.46 -5.43
N GLU D 214 -17.78 20.29 -5.19
CA GLU D 214 -17.75 21.05 -3.93
C GLU D 214 -18.58 22.32 -4.01
N ALA D 215 -18.76 22.91 -5.19
CA ALA D 215 -19.67 24.03 -5.33
C ALA D 215 -21.08 23.61 -4.98
N ASP D 216 -21.58 22.57 -5.65
CA ASP D 216 -22.83 21.98 -5.22
C ASP D 216 -22.60 21.15 -3.97
N GLU D 217 -23.67 20.56 -3.45
CA GLU D 217 -23.57 19.63 -2.34
C GLU D 217 -24.41 18.40 -2.65
N ARG D 218 -24.10 17.30 -1.95
CA ARG D 218 -24.70 15.99 -2.17
C ARG D 218 -24.80 15.65 -3.66
N ALA D 219 -23.82 16.11 -4.43
CA ALA D 219 -23.76 15.83 -5.86
C ALA D 219 -22.63 14.82 -6.10
N SER D 220 -22.98 13.68 -6.66
CA SER D 220 -21.97 12.67 -6.92
C SER D 220 -21.12 13.10 -8.11
N PRO D 221 -19.82 12.82 -8.07
CA PRO D 221 -18.99 13.06 -9.26
C PRO D 221 -19.42 12.13 -10.38
N ASP D 222 -19.27 12.61 -11.60
CA ASP D 222 -19.72 11.84 -12.76
C ASP D 222 -18.83 10.62 -12.91
N GLN D 223 -19.35 9.47 -12.50
CA GLN D 223 -18.67 8.22 -12.80
C GLN D 223 -18.63 8.02 -14.31
N HIS D 224 -17.92 6.99 -14.73
CA HIS D 224 -17.70 6.71 -16.15
C HIS D 224 -16.86 7.82 -16.77
N GLN D 225 -16.51 8.81 -15.97
CA GLN D 225 -15.49 9.79 -16.30
C GLN D 225 -14.27 9.68 -15.40
N LEU D 226 -14.49 9.54 -14.09
CA LEU D 226 -13.38 9.21 -13.22
C LEU D 226 -12.75 7.89 -13.62
N ARG D 227 -13.56 6.94 -14.08
CA ARG D 227 -13.01 5.67 -14.53
C ARG D 227 -12.13 5.85 -15.76
N THR D 228 -12.59 6.65 -16.72
CA THR D 228 -11.79 6.88 -17.92
C THR D 228 -10.51 7.64 -17.59
N LEU D 229 -10.59 8.60 -16.67
CA LEU D 229 -9.39 9.33 -16.31
C LEU D 229 -8.39 8.44 -15.59
N ARG D 230 -8.88 7.53 -14.74
CA ARG D 230 -7.98 6.61 -14.07
C ARG D 230 -7.33 5.66 -15.06
N ARG D 231 -8.13 5.09 -15.96
CA ARG D 231 -7.58 4.24 -17.02
C ARG D 231 -6.55 5.00 -17.82
N ARG D 232 -6.82 6.26 -18.12
CA ARG D 232 -5.91 7.06 -18.94
C ARG D 232 -4.60 7.30 -18.22
N SER D 233 -4.66 7.65 -16.94
CA SER D 233 -3.43 7.87 -16.18
C SER D 233 -2.61 6.59 -16.11
N ALA D 234 -3.27 5.46 -15.86
CA ALA D 234 -2.53 4.21 -15.77
C ALA D 234 -1.88 3.85 -17.11
N GLY D 235 -2.65 3.91 -18.20
CA GLY D 235 -2.12 3.57 -19.49
C GLY D 235 -1.05 4.54 -19.97
N LEU D 236 -1.09 5.78 -19.47
CA LEU D 236 -0.03 6.72 -19.81
C LEU D 236 1.24 6.39 -19.05
N ARG D 237 1.13 6.17 -17.74
CA ARG D 237 2.31 5.86 -16.95
C ARG D 237 2.99 4.60 -17.44
N ARG D 238 2.21 3.59 -17.84
CA ARG D 238 2.77 2.31 -18.26
C ARG D 238 3.81 2.48 -19.36
N TYR D 239 3.61 3.48 -20.23
CA TYR D 239 4.56 3.72 -21.31
C TYR D 239 5.47 4.92 -21.05
N LEU D 240 5.12 5.81 -20.14
CA LEU D 240 5.98 6.96 -19.89
C LEU D 240 7.11 6.61 -18.95
N ALA D 241 6.92 5.63 -18.09
CA ALA D 241 8.01 5.22 -17.19
C ALA D 241 9.25 4.76 -17.94
N PRO D 242 9.19 4.00 -19.03
CA PRO D 242 10.43 3.65 -19.73
C PRO D 242 10.99 4.75 -20.61
N GLN D 243 10.15 5.64 -21.14
CA GLN D 243 10.68 6.69 -21.99
C GLN D 243 11.54 7.66 -21.21
N ARG D 244 11.17 7.93 -19.95
CA ARG D 244 12.03 8.75 -19.11
C ARG D 244 13.43 8.16 -19.05
N ASP D 245 13.52 6.83 -18.93
CA ASP D 245 14.82 6.19 -18.88
C ASP D 245 15.51 6.25 -20.24
N ILE D 246 14.76 6.13 -21.32
CA ILE D 246 15.33 6.32 -22.65
C ILE D 246 16.02 7.66 -22.75
N TYR D 247 15.33 8.71 -22.30
CA TYR D 247 15.87 10.05 -22.40
C TYR D 247 17.07 10.23 -21.47
N SER D 248 17.00 9.69 -20.26
CA SER D 248 18.14 9.76 -19.36
C SER D 248 19.36 9.10 -19.98
N GLN D 249 19.19 7.91 -20.56
CA GLN D 249 20.31 7.23 -21.20
C GLN D 249 20.84 8.06 -22.37
N LEU D 250 19.95 8.65 -23.15
CA LEU D 250 20.37 9.43 -24.30
C LEU D 250 21.08 10.70 -23.85
N ALA D 251 20.90 11.07 -22.60
CA ALA D 251 21.48 12.29 -22.07
C ALA D 251 22.84 12.09 -21.41
N ARG D 252 23.21 10.86 -21.02
CA ARG D 252 24.37 10.73 -20.16
C ARG D 252 25.67 10.82 -20.95
N TYR D 253 25.97 9.86 -21.83
CA TYR D 253 27.20 10.03 -22.58
C TYR D 253 26.97 10.12 -24.09
N LYS D 254 26.49 9.04 -24.72
CA LYS D 254 26.18 8.95 -26.14
C LYS D 254 27.07 9.86 -26.99
N LEU D 255 28.37 9.73 -26.79
CA LEU D 255 29.33 10.68 -27.33
C LEU D 255 29.29 10.75 -28.85
N SER D 256 29.56 9.63 -29.52
CA SER D 256 29.79 9.69 -30.95
C SER D 256 28.50 9.90 -31.72
N TRP D 257 27.44 9.21 -31.31
CA TRP D 257 26.20 9.26 -32.08
C TRP D 257 25.52 10.60 -31.95
N PHE D 258 25.08 10.93 -30.74
CA PHE D 258 24.20 12.05 -30.49
C PHE D 258 24.97 13.09 -29.71
N VAL D 259 25.69 13.96 -30.44
CA VAL D 259 26.74 14.78 -29.85
C VAL D 259 26.18 15.56 -28.67
N GLU D 260 27.03 15.81 -27.67
CA GLU D 260 26.54 16.34 -26.40
C GLU D 260 25.97 17.74 -26.58
N ASP D 261 26.06 18.29 -27.79
CA ASP D 261 25.32 19.50 -28.12
C ASP D 261 23.86 19.37 -27.70
N ASP D 262 23.30 18.17 -27.83
CA ASP D 262 21.94 17.89 -27.41
C ASP D 262 21.85 17.11 -26.11
N ALA D 263 22.95 16.92 -25.39
CA ALA D 263 22.89 16.16 -24.16
C ALA D 263 21.98 16.85 -23.15
N ASP D 264 22.11 18.16 -23.00
CA ASP D 264 21.27 18.89 -22.06
C ASP D 264 19.83 18.95 -22.55
N TYR D 265 19.62 18.93 -23.87
CA TYR D 265 18.26 18.89 -24.39
C TYR D 265 17.58 17.57 -24.04
N TRP D 266 18.28 16.47 -24.24
CA TRP D 266 17.75 15.18 -23.80
C TRP D 266 17.52 15.18 -22.30
N ASN D 267 18.40 15.85 -21.55
CA ASN D 267 18.23 15.93 -20.11
C ASN D 267 16.94 16.65 -19.74
N GLU D 268 16.64 17.77 -20.41
CA GLU D 268 15.43 18.49 -20.06
C GLU D 268 14.19 17.76 -20.56
N LEU D 269 14.31 16.96 -21.60
CA LEU D 269 13.20 16.07 -21.96
C LEU D 269 12.96 15.05 -20.85
N ASN D 270 14.04 14.48 -20.32
CA ASN D 270 13.94 13.64 -19.13
C ASN D 270 13.22 14.37 -18.00
N ASN D 271 13.59 15.62 -17.77
CA ASN D 271 12.95 16.40 -16.71
C ASN D 271 11.46 16.54 -16.96
N ARG D 272 11.08 16.86 -18.20
CA ARG D 272 9.69 17.06 -18.51
C ARG D 272 8.88 15.80 -18.31
N LEU D 273 9.42 14.65 -18.71
CA LEU D 273 8.70 13.42 -18.41
C LEU D 273 8.64 13.12 -16.93
N THR D 274 9.67 13.48 -16.17
CA THR D 274 9.61 13.30 -14.72
C THR D 274 8.49 14.13 -14.13
N ARG D 275 8.39 15.39 -14.56
CA ARG D 275 7.33 16.26 -14.08
C ARG D 275 5.96 15.70 -14.45
N ASN D 276 5.83 15.18 -15.66
CA ASN D 276 4.54 14.64 -16.09
C ASN D 276 4.17 13.40 -15.29
N LEU D 277 5.15 12.58 -14.94
CA LEU D 277 4.85 11.41 -14.10
C LEU D 277 4.43 11.84 -12.71
N GLU D 278 5.08 12.88 -12.16
CA GLU D 278 4.63 13.44 -10.89
C GLU D 278 3.18 13.90 -10.98
N GLU D 279 2.84 14.59 -12.07
CA GLU D 279 1.47 15.05 -12.26
C GLU D 279 0.51 13.87 -12.38
N LEU D 280 0.95 12.79 -13.01
CA LEU D 280 0.08 11.62 -13.13
C LEU D 280 -0.20 11.00 -11.77
N GLU D 281 0.83 10.89 -10.93
CA GLU D 281 0.59 10.35 -9.59
C GLU D 281 -0.32 11.25 -8.78
N LEU D 282 -0.12 12.56 -8.88
CA LEU D 282 -1.01 13.49 -8.20
C LEU D 282 -2.45 13.35 -8.69
N ILE D 283 -2.62 13.14 -10.00
CA ILE D 283 -3.97 13.00 -10.56
C ILE D 283 -4.62 11.73 -10.05
N ARG D 284 -3.85 10.63 -10.00
CA ARG D 284 -4.40 9.39 -9.48
C ARG D 284 -4.83 9.55 -8.03
N GLU D 285 -4.02 10.23 -7.23
CA GLU D 285 -4.38 10.40 -5.82
C GLU D 285 -5.61 11.29 -5.68
N ARG D 286 -5.73 12.32 -6.51
CA ARG D 286 -6.93 13.14 -6.49
C ARG D 286 -8.17 12.33 -6.86
N ILE D 287 -8.05 11.46 -7.85
CA ILE D 287 -9.19 10.63 -8.23
C ILE D 287 -9.58 9.71 -7.08
N SER D 288 -8.58 9.13 -6.41
CA SER D 288 -8.89 8.25 -5.28
C SER D 288 -9.57 9.04 -4.16
N VAL D 289 -9.15 10.28 -3.93
CA VAL D 289 -9.82 11.10 -2.93
C VAL D 289 -11.27 11.34 -3.32
N LEU D 290 -11.53 11.65 -4.59
CA LEU D 290 -12.90 11.86 -5.04
C LEU D 290 -13.74 10.60 -4.84
N GLN D 291 -13.17 9.43 -5.14
CA GLN D 291 -13.91 8.19 -5.00
C GLN D 291 -14.24 7.90 -3.54
N GLU D 292 -13.27 8.09 -2.65
CA GLU D 292 -13.54 7.86 -1.23
C GLU D 292 -14.58 8.83 -0.71
N ALA D 293 -14.51 10.09 -1.14
CA ALA D 293 -15.53 11.05 -0.74
C ALA D 293 -16.91 10.62 -1.20
N GLU D 294 -17.04 10.15 -2.43
CA GLU D 294 -18.34 9.71 -2.92
C GLU D 294 -18.85 8.50 -2.16
N SER D 295 -17.97 7.54 -1.88
CA SER D 295 -18.39 6.36 -1.15
C SER D 295 -18.85 6.72 0.26
N ARG D 296 -18.09 7.57 0.94
CA ARG D 296 -18.50 8.04 2.25
C ARG D 296 -19.83 8.76 2.18
N ARG D 297 -20.05 9.55 1.13
CA ARG D 297 -21.30 10.28 1.01
C ARG D 297 -22.48 9.33 0.86
N ILE D 298 -22.35 8.31 0.01
CA ILE D 298 -23.48 7.41 -0.18
C ILE D 298 -23.72 6.57 1.08
N THR D 299 -22.65 6.22 1.80
CA THR D 299 -22.84 5.45 3.02
C THR D 299 -23.53 6.29 4.09
N GLU D 300 -23.16 7.56 4.20
CA GLU D 300 -23.79 8.41 5.20
C GLU D 300 -25.24 8.69 4.83
N ARG D 301 -25.53 8.83 3.55
CA ARG D 301 -26.91 9.01 3.12
C ARG D 301 -27.72 7.75 3.41
N MET D 302 -27.11 6.59 3.21
CA MET D 302 -27.73 5.32 3.57
C MET D 302 -28.08 5.28 5.04
N ASN D 303 -27.14 5.67 5.90
CA ASN D 303 -27.41 5.73 7.32
C ASN D 303 -28.52 6.72 7.64
N ARG D 304 -28.56 7.84 6.94
CA ARG D 304 -29.58 8.85 7.21
C ARG D 304 -30.97 8.32 6.85
N THR D 305 -31.10 7.70 5.68
CA THR D 305 -32.42 7.18 5.31
C THR D 305 -32.83 6.02 6.20
N MET D 306 -31.87 5.24 6.69
CA MET D 306 -32.21 4.21 7.67
C MET D 306 -32.72 4.84 8.96
N TYR D 307 -32.11 5.95 9.38
CA TYR D 307 -32.58 6.64 10.57
C TYR D 307 -34.02 7.13 10.38
N LEU D 308 -34.29 7.77 9.24
CA LEU D 308 -35.64 8.23 8.97
C LEU D 308 -36.64 7.07 8.93
N LEU D 309 -36.23 5.94 8.34
CA LEU D 309 -37.10 4.77 8.33
C LEU D 309 -37.41 4.30 9.73
N GLY D 310 -36.38 4.21 10.59
CA GLY D 310 -36.61 3.82 11.96
C GLY D 310 -37.54 4.77 12.69
N ILE D 311 -37.40 6.06 12.42
CA ILE D 311 -38.29 7.04 13.05
C ILE D 311 -39.73 6.81 12.60
N ILE D 312 -39.94 6.67 11.29
CA ILE D 312 -41.28 6.48 10.76
C ILE D 312 -41.94 5.26 11.39
N THR D 313 -41.19 4.16 11.47
CA THR D 313 -41.77 2.95 12.06
C THR D 313 -42.01 3.13 13.55
N GLY D 314 -40.95 3.44 14.31
CA GLY D 314 -41.07 3.50 15.76
C GLY D 314 -42.09 4.51 16.24
N PHE D 315 -42.44 5.49 15.42
CA PHE D 315 -43.51 6.37 15.81
C PHE D 315 -44.87 5.75 15.57
N PHE D 316 -45.05 5.07 14.45
CA PHE D 316 -46.37 4.66 13.99
C PHE D 316 -46.70 3.20 14.29
N LEU D 317 -45.73 2.31 14.21
CA LEU D 317 -45.97 0.91 14.57
C LEU D 317 -46.55 0.75 15.97
N PRO D 318 -46.01 1.37 17.02
CA PRO D 318 -46.67 1.29 18.32
C PRO D 318 -47.99 2.03 18.35
N MET D 319 -48.00 3.24 17.79
CA MET D 319 -49.21 4.05 17.82
C MET D 319 -50.35 3.36 17.08
N SER D 320 -50.03 2.66 15.99
CA SER D 320 -51.04 1.89 15.29
C SER D 320 -51.46 0.65 16.06
N PHE D 321 -50.67 0.20 17.03
CA PHE D 321 -51.05 -0.95 17.84
C PHE D 321 -51.90 -0.52 19.04
N VAL D 322 -51.53 0.57 19.71
CA VAL D 322 -52.30 1.00 20.87
C VAL D 322 -53.67 1.48 20.45
N THR D 323 -53.80 2.04 19.24
CA THR D 323 -55.11 2.41 18.73
C THR D 323 -55.95 1.19 18.40
N GLY D 324 -55.37 -0.01 18.47
CA GLY D 324 -56.10 -1.23 18.19
C GLY D 324 -57.25 -1.43 19.16
N LEU D 325 -56.94 -1.41 20.45
CA LEU D 325 -57.99 -1.53 21.45
C LEU D 325 -58.64 -0.20 21.80
N LEU D 326 -58.33 0.87 21.08
CA LEU D 326 -58.97 2.15 21.32
C LEU D 326 -60.49 2.01 21.16
N GLY D 327 -61.21 2.93 21.78
CA GLY D 327 -62.66 2.92 21.71
C GLY D 327 -63.20 3.32 20.36
N ILE D 328 -64.39 3.94 20.34
CA ILE D 328 -65.01 4.34 19.08
C ILE D 328 -64.10 5.32 18.38
N ASN D 329 -63.85 5.07 17.09
CA ASN D 329 -62.90 5.86 16.32
C ASN D 329 -63.49 7.15 15.80
N VAL D 330 -64.72 7.50 16.22
CA VAL D 330 -65.34 8.76 15.87
C VAL D 330 -65.38 9.63 17.12
N GLY D 331 -65.23 10.94 16.94
CA GLY D 331 -65.03 11.84 18.04
C GLY D 331 -66.31 12.18 18.80
N GLY D 332 -66.19 12.17 20.12
CA GLY D 332 -67.26 12.63 21.00
C GLY D 332 -68.57 11.89 20.83
N ILE D 333 -68.61 10.61 21.18
CA ILE D 333 -69.83 9.81 21.04
C ILE D 333 -70.90 10.35 21.98
N PRO D 334 -70.71 10.37 23.33
CA PRO D 334 -71.73 10.93 24.22
C PRO D 334 -71.55 12.43 24.46
N GLY D 335 -71.34 13.18 23.37
CA GLY D 335 -71.29 14.63 23.46
C GLY D 335 -70.05 15.19 24.12
N ALA D 336 -69.91 14.99 25.43
CA ALA D 336 -68.85 15.65 26.18
C ALA D 336 -67.52 14.92 26.05
N ASP D 337 -67.48 13.64 26.45
CA ASP D 337 -66.22 12.89 26.45
C ASP D 337 -66.47 11.55 25.78
N ALA D 338 -65.68 11.27 24.74
CA ALA D 338 -65.88 10.06 23.93
C ALA D 338 -65.75 8.77 24.71
N PRO D 339 -64.68 8.52 25.47
CA PRO D 339 -64.54 7.20 26.11
C PRO D 339 -65.27 7.10 27.44
N HIS D 340 -65.74 5.89 27.72
CA HIS D 340 -66.38 5.55 28.98
C HIS D 340 -65.80 4.24 29.49
N GLY D 341 -65.56 4.18 30.80
CA GLY D 341 -64.94 3.02 31.40
C GLY D 341 -63.45 2.90 31.15
N PHE D 342 -62.81 3.97 30.67
CA PHE D 342 -61.40 3.90 30.30
C PHE D 342 -60.48 3.70 31.50
N TRP D 343 -60.95 4.00 32.72
CA TRP D 343 -60.09 3.94 33.90
C TRP D 343 -59.45 2.57 34.08
N LEU D 344 -60.01 1.52 33.48
CA LEU D 344 -59.44 0.18 33.66
C LEU D 344 -58.21 -0.03 32.79
N ALA D 345 -58.34 0.19 31.48
CA ALA D 345 -57.31 -0.20 30.53
C ALA D 345 -56.56 0.98 29.92
N CYS D 346 -56.83 2.21 30.34
CA CYS D 346 -56.17 3.38 29.75
C CYS D 346 -54.68 3.44 30.11
N LEU D 347 -54.21 2.59 31.02
CA LEU D 347 -52.81 2.62 31.42
C LEU D 347 -51.89 2.25 30.27
N LEU D 348 -52.44 1.63 29.22
CA LEU D 348 -51.60 1.16 28.12
C LEU D 348 -51.04 2.30 27.29
N ILE D 349 -51.78 3.39 27.14
CA ILE D 349 -51.31 4.50 26.31
C ILE D 349 -50.06 5.12 26.91
N GLY D 350 -49.84 4.93 28.20
CA GLY D 350 -48.60 5.41 28.81
C GLY D 350 -47.42 4.51 28.48
N GLY D 351 -47.64 3.20 28.42
CA GLY D 351 -46.54 2.28 28.20
C GLY D 351 -45.91 2.44 26.83
N VAL D 352 -46.74 2.50 25.79
CA VAL D 352 -46.20 2.64 24.44
C VAL D 352 -45.61 4.03 24.25
N ALA D 353 -46.09 5.03 24.98
CA ALA D 353 -45.48 6.35 24.92
C ALA D 353 -44.10 6.35 25.56
N THR D 354 -43.98 5.67 26.71
CA THR D 354 -42.66 5.50 27.32
C THR D 354 -41.72 4.77 26.39
N PHE D 355 -42.19 3.70 25.76
CA PHE D 355 -41.37 2.98 24.80
C PHE D 355 -40.94 3.89 23.65
N GLN D 356 -41.87 4.70 23.15
CA GLN D 356 -41.58 5.59 22.04
C GLN D 356 -40.49 6.59 22.41
N TRP D 357 -40.66 7.28 23.53
CA TRP D 357 -39.66 8.27 23.92
C TRP D 357 -38.34 7.60 24.28
N TRP D 358 -38.39 6.37 24.79
CA TRP D 358 -37.18 5.62 25.07
C TRP D 358 -36.39 5.36 23.79
N VAL D 359 -37.04 4.74 22.80
CA VAL D 359 -36.36 4.42 21.55
C VAL D 359 -35.94 5.68 20.82
N PHE D 360 -36.71 6.76 20.97
CA PHE D 360 -36.33 8.02 20.34
C PHE D 360 -35.05 8.55 20.95
N ARG D 361 -34.97 8.57 22.28
CA ARG D 361 -33.71 8.90 22.93
C ARG D 361 -32.65 7.84 22.62
N ARG D 362 -33.08 6.60 22.40
CA ARG D 362 -32.13 5.56 22.04
C ARG D 362 -31.67 5.70 20.60
N LEU D 363 -32.47 6.33 19.75
CA LEU D 363 -32.03 6.56 18.37
C LEU D 363 -31.11 7.77 18.26
N ARG D 364 -31.37 8.82 19.04
CA ARG D 364 -30.51 10.01 18.97
C ARG D 364 -29.10 9.69 19.43
N TRP D 365 -28.96 8.93 20.49
CA TRP D 365 -27.66 8.65 21.08
C TRP D 365 -27.39 7.16 21.16
N GLU E 39 12.58 -45.44 -27.70
CA GLU E 39 12.56 -46.01 -29.05
C GLU E 39 12.21 -47.50 -29.00
N SER E 40 12.79 -48.27 -29.91
CA SER E 40 12.59 -49.71 -29.91
C SER E 40 13.15 -50.31 -28.63
N GLY E 41 12.41 -51.26 -28.07
CA GLY E 41 12.71 -51.77 -26.74
C GLY E 41 12.21 -50.82 -25.68
N ASP E 42 12.28 -51.28 -24.44
CA ASP E 42 11.75 -50.49 -23.34
C ASP E 42 12.81 -49.51 -22.83
N GLU E 43 12.36 -48.31 -22.48
CA GLU E 43 13.22 -47.23 -22.04
C GLU E 43 13.09 -47.08 -20.53
N ARG E 44 14.23 -46.86 -19.86
CA ARG E 44 14.21 -46.73 -18.41
C ARG E 44 13.66 -45.37 -17.99
N GLY E 45 14.35 -44.29 -18.32
CA GLY E 45 13.86 -42.98 -17.94
C GLY E 45 14.07 -41.90 -18.97
N LEU E 46 14.74 -42.23 -20.07
CA LEU E 46 15.21 -41.25 -21.04
C LEU E 46 14.08 -40.93 -22.01
N ILE E 47 13.53 -39.72 -21.90
CA ILE E 47 12.46 -39.32 -22.81
C ILE E 47 13.00 -39.10 -24.21
N TYR E 48 13.89 -38.13 -24.37
CA TYR E 48 14.45 -37.75 -25.66
C TYR E 48 15.96 -37.86 -25.57
N GLY E 49 16.53 -38.86 -26.23
CA GLY E 49 17.96 -38.94 -26.34
C GLY E 49 18.41 -38.54 -27.73
N TYR E 50 18.90 -37.32 -27.88
CA TYR E 50 19.17 -36.75 -29.18
C TYR E 50 20.56 -36.14 -29.20
N VAL E 51 21.45 -36.70 -30.02
CA VAL E 51 22.77 -36.14 -30.25
C VAL E 51 22.64 -35.07 -31.33
N LEU E 52 23.15 -33.88 -31.05
CA LEU E 52 23.04 -32.79 -32.00
C LEU E 52 23.99 -33.03 -33.16
N ASN E 53 24.13 -32.03 -34.02
CA ASN E 53 24.93 -32.16 -35.23
C ASN E 53 25.90 -31.01 -35.45
N GLY E 54 25.76 -29.89 -34.77
CA GLY E 54 26.53 -28.71 -35.08
C GLY E 54 26.01 -27.92 -36.25
N ARG E 55 24.98 -28.42 -36.95
CA ARG E 55 24.38 -27.72 -38.07
C ARG E 55 22.87 -27.67 -37.96
N GLY E 56 22.33 -27.79 -36.75
CA GLY E 56 20.90 -27.83 -36.54
C GLY E 56 20.28 -29.20 -36.68
N GLY E 57 20.97 -30.14 -37.31
CA GLY E 57 20.43 -31.47 -37.50
C GLY E 57 20.51 -32.33 -36.26
N GLY E 58 20.87 -33.59 -36.41
CA GLY E 58 21.11 -34.43 -35.27
C GLY E 58 20.63 -35.84 -35.53
N ARG E 59 20.39 -36.57 -34.43
CA ARG E 59 20.03 -37.97 -34.47
C ARG E 59 19.60 -38.39 -33.08
N ARG E 60 18.60 -39.27 -33.00
CA ARG E 60 18.19 -39.84 -31.73
C ARG E 60 19.05 -41.07 -31.41
N VAL E 61 19.36 -41.24 -30.13
CA VAL E 61 20.32 -42.28 -29.73
C VAL E 61 19.64 -43.38 -28.91
N GLY E 62 18.60 -43.02 -28.17
CA GLY E 62 17.92 -43.99 -27.34
C GLY E 62 18.74 -44.39 -26.11
N ARG E 63 18.34 -45.51 -25.52
CA ARG E 63 18.88 -45.97 -24.26
C ARG E 63 20.32 -46.48 -24.37
N ASN E 64 20.83 -46.68 -25.58
CA ASN E 64 22.20 -47.14 -25.76
C ASN E 64 23.09 -45.95 -26.10
N GLN E 65 23.30 -45.11 -25.09
CA GLN E 65 24.05 -43.87 -25.27
C GLN E 65 25.31 -43.78 -24.44
N ILE E 66 25.58 -44.75 -23.57
CA ILE E 66 26.80 -44.73 -22.77
C ILE E 66 28.00 -45.01 -23.66
N ALA E 67 27.74 -45.53 -24.86
CA ALA E 67 28.81 -45.95 -25.75
C ALA E 67 28.88 -45.09 -27.02
N VAL E 68 28.33 -43.88 -26.97
CA VAL E 68 28.53 -42.95 -28.07
C VAL E 68 29.91 -42.33 -27.96
N LEU E 69 30.60 -42.25 -29.09
CA LEU E 69 31.90 -41.59 -29.17
C LEU E 69 31.67 -40.37 -30.06
N ASP E 70 31.39 -39.24 -29.43
CA ASP E 70 31.17 -38.01 -30.17
C ASP E 70 32.41 -37.65 -30.96
N LEU E 71 32.22 -37.29 -32.23
CA LEU E 71 33.34 -36.94 -33.09
C LEU E 71 33.80 -35.53 -32.72
N LEU E 72 34.64 -34.94 -33.57
CA LEU E 72 35.27 -33.65 -33.29
C LEU E 72 34.24 -32.66 -32.76
N PRO E 73 34.61 -31.84 -31.79
CA PRO E 73 33.60 -31.21 -30.93
C PRO E 73 32.77 -30.11 -31.57
N GLU E 74 31.89 -30.48 -32.51
CA GLU E 74 30.83 -29.57 -32.93
C GLU E 74 29.46 -30.01 -32.47
N GLU E 75 29.27 -31.30 -32.19
CA GLU E 75 27.98 -31.86 -31.81
C GLU E 75 27.93 -32.00 -30.31
N SER E 76 26.86 -31.48 -29.71
CA SER E 76 26.60 -31.66 -28.30
C SER E 76 25.89 -32.99 -28.10
N LEU E 77 25.33 -33.18 -26.92
CA LEU E 77 24.49 -34.33 -26.65
C LEU E 77 23.41 -33.91 -25.66
N TRP E 78 22.17 -34.21 -26.00
CA TRP E 78 21.02 -33.78 -25.23
C TRP E 78 20.33 -34.99 -24.64
N LEU E 79 19.90 -34.87 -23.38
CA LEU E 79 19.20 -35.95 -22.71
C LEU E 79 18.07 -35.35 -21.91
N HIS E 80 16.84 -35.73 -22.23
CA HIS E 80 15.67 -35.30 -21.49
C HIS E 80 15.24 -36.46 -20.61
N TRP E 81 15.25 -36.23 -19.29
CA TRP E 81 14.99 -37.28 -18.33
C TRP E 81 13.68 -37.03 -17.59
N ASP E 82 13.00 -38.11 -17.26
CA ASP E 82 11.84 -38.05 -16.38
C ASP E 82 12.32 -38.05 -14.93
N ARG E 83 12.11 -36.95 -14.24
CA ARG E 83 12.61 -36.81 -12.88
C ARG E 83 11.95 -37.77 -11.91
N GLY E 84 10.82 -38.35 -12.28
CA GLY E 84 10.10 -39.24 -11.39
C GLY E 84 10.59 -40.67 -11.44
N VAL E 85 10.96 -41.14 -12.63
CA VAL E 85 11.38 -42.53 -12.75
C VAL E 85 12.66 -42.76 -11.94
N PRO E 86 12.72 -43.77 -11.09
CA PRO E 86 13.90 -43.94 -10.24
C PRO E 86 15.15 -44.33 -11.01
N GLU E 87 15.01 -44.95 -12.18
CA GLU E 87 16.19 -45.30 -12.97
C GLU E 87 16.86 -44.06 -13.54
N ALA E 88 16.07 -43.01 -13.80
CA ALA E 88 16.65 -41.75 -14.24
C ALA E 88 17.54 -41.17 -13.16
N GLN E 89 17.05 -41.12 -11.92
CA GLN E 89 17.88 -40.64 -10.82
C GLN E 89 19.04 -41.58 -10.56
N ALA E 90 18.86 -42.87 -10.84
CA ALA E 90 19.95 -43.83 -10.67
C ALA E 90 21.09 -43.49 -11.62
N TRP E 91 20.81 -43.48 -12.92
CA TRP E 91 21.83 -43.09 -13.89
C TRP E 91 22.37 -41.70 -13.63
N LEU E 92 21.53 -40.79 -13.17
CA LEU E 92 21.95 -39.41 -12.95
C LEU E 92 22.93 -39.29 -11.78
N ARG E 93 22.85 -40.21 -10.82
CA ARG E 93 23.79 -40.15 -9.70
C ARG E 93 25.19 -40.56 -10.14
N ASP E 94 25.31 -41.69 -10.82
CA ASP E 94 26.60 -42.14 -11.32
C ASP E 94 26.59 -42.30 -12.84
N SER E 95 26.75 -41.18 -13.54
CA SER E 95 27.02 -41.11 -14.97
C SER E 95 27.18 -39.65 -15.38
N ALA E 96 27.96 -39.41 -16.42
CA ALA E 96 28.32 -38.07 -16.87
C ALA E 96 29.04 -37.28 -15.79
N GLY E 97 29.48 -37.96 -14.74
CA GLY E 97 30.32 -37.33 -13.71
C GLY E 97 29.79 -36.03 -13.16
N LEU E 98 28.63 -36.06 -12.52
CA LEU E 98 28.11 -34.89 -11.85
C LEU E 98 28.45 -34.96 -10.37
N SER E 99 28.84 -33.82 -9.81
CA SER E 99 29.09 -33.74 -8.38
C SER E 99 27.82 -34.11 -7.63
N GLU E 100 27.98 -34.89 -6.55
CA GLU E 100 26.84 -35.30 -5.76
C GLU E 100 26.05 -34.11 -5.27
N PHE E 101 26.73 -33.00 -5.00
CA PHE E 101 26.04 -31.75 -4.68
C PHE E 101 25.10 -31.34 -5.79
N ALA E 102 25.58 -31.39 -7.04
CA ALA E 102 24.75 -31.02 -8.18
C ALA E 102 23.53 -31.93 -8.29
N CYS E 103 23.77 -33.25 -8.33
CA CYS E 103 22.68 -34.21 -8.41
C CYS E 103 21.63 -33.96 -7.35
N ASP E 104 22.07 -33.78 -6.10
CA ASP E 104 21.12 -33.47 -5.04
C ASP E 104 20.47 -32.12 -5.23
N LEU E 105 21.05 -31.25 -6.05
CA LEU E 105 20.51 -29.90 -6.20
C LEU E 105 19.37 -29.84 -7.21
N LEU E 106 19.38 -30.69 -8.22
CA LEU E 106 18.35 -30.68 -9.23
C LEU E 106 17.38 -31.85 -9.12
N LEU E 107 17.56 -32.72 -8.14
CA LEU E 107 16.58 -33.75 -7.83
C LEU E 107 15.75 -33.42 -6.60
N GLU E 108 15.71 -32.14 -6.21
CA GLU E 108 14.90 -31.72 -5.09
C GLU E 108 13.42 -31.86 -5.44
N GLU E 109 12.57 -31.48 -4.49
CA GLU E 109 11.13 -31.49 -4.69
C GLU E 109 10.59 -30.10 -4.99
N ALA E 110 10.91 -29.13 -4.13
CA ALA E 110 10.48 -27.76 -4.34
C ALA E 110 11.68 -26.90 -4.69
N THR E 111 11.52 -26.08 -5.72
CA THR E 111 12.59 -25.21 -6.19
C THR E 111 12.00 -23.89 -6.66
N ARG E 112 12.82 -22.91 -6.75
CA ARG E 112 12.49 -21.65 -7.39
C ARG E 112 13.47 -21.36 -8.51
N PRO E 113 13.06 -20.60 -9.52
CA PRO E 113 13.95 -20.39 -10.68
C PRO E 113 15.21 -19.64 -10.28
N ARG E 114 16.35 -20.18 -10.71
CA ARG E 114 17.63 -19.56 -10.42
C ARG E 114 18.70 -20.16 -11.32
N LEU E 115 19.74 -19.37 -11.57
CA LEU E 115 20.91 -19.83 -12.29
C LEU E 115 22.02 -20.12 -11.28
N LEU E 116 22.84 -21.12 -11.57
CA LEU E 116 23.84 -21.55 -10.61
C LEU E 116 25.07 -22.07 -11.36
N ASP E 117 26.18 -21.37 -11.20
CA ASP E 117 27.43 -21.75 -11.83
C ASP E 117 28.27 -22.55 -10.84
N LEU E 118 28.74 -23.72 -11.26
CA LEU E 118 29.63 -24.51 -10.40
C LEU E 118 30.87 -24.98 -11.18
N GLY E 119 31.81 -24.07 -11.36
CA GLY E 119 33.20 -24.43 -11.58
C GLY E 119 33.61 -24.58 -13.02
N ALA E 120 34.12 -23.52 -13.64
CA ALA E 120 34.84 -23.57 -14.92
C ALA E 120 34.01 -24.18 -16.04
N GLU E 121 32.80 -24.61 -15.72
CA GLU E 121 31.92 -25.34 -16.63
C GLU E 121 30.61 -25.56 -15.89
N SER E 122 29.66 -26.29 -16.50
CA SER E 122 28.60 -26.96 -15.75
C SER E 122 27.78 -25.97 -14.92
N LEU E 123 27.01 -25.14 -15.61
CA LEU E 123 26.06 -24.33 -14.88
C LEU E 123 24.72 -25.05 -14.78
N LEU E 124 23.91 -24.62 -13.82
CA LEU E 124 22.60 -25.20 -13.56
C LEU E 124 21.54 -24.13 -13.66
N VAL E 125 20.50 -24.40 -14.46
CA VAL E 125 19.41 -23.46 -14.65
C VAL E 125 18.11 -24.15 -14.26
N PHE E 126 17.26 -23.44 -13.52
CA PHE E 126 15.97 -23.96 -13.09
C PHE E 126 14.90 -23.07 -13.71
N LEU E 127 14.21 -23.60 -14.72
CA LEU E 127 13.21 -22.84 -15.46
C LEU E 127 11.82 -23.38 -15.18
N ARG E 128 10.83 -22.57 -15.52
CA ARG E 128 9.43 -22.86 -15.26
C ARG E 128 8.64 -22.74 -16.54
N GLY E 129 7.99 -23.82 -16.95
CA GLY E 129 7.14 -23.81 -18.14
C GLY E 129 5.86 -23.05 -17.92
N VAL E 130 4.79 -23.42 -18.62
CA VAL E 130 3.51 -22.75 -18.46
C VAL E 130 2.36 -23.74 -18.33
N ASN E 131 2.66 -25.04 -18.31
CA ASN E 131 1.70 -26.08 -17.93
C ASN E 131 0.49 -26.11 -18.86
N LEU E 132 0.75 -26.41 -20.13
CA LEU E 132 -0.33 -26.69 -21.06
C LEU E 132 -0.66 -28.17 -21.08
N ASN E 133 -0.82 -28.72 -19.94
CA ASN E 133 -1.17 -30.12 -19.82
C ASN E 133 -2.68 -30.30 -19.86
N PRO E 134 -3.17 -31.46 -20.31
CA PRO E 134 -4.61 -31.65 -20.41
C PRO E 134 -5.35 -31.45 -19.09
N GLY E 135 -4.67 -31.47 -17.96
CA GLY E 135 -5.36 -31.37 -16.69
C GLY E 135 -5.97 -30.01 -16.45
N ALA E 136 -5.14 -29.01 -16.12
CA ALA E 136 -5.65 -27.70 -15.74
C ALA E 136 -4.55 -26.70 -15.46
N GLU E 137 -4.94 -25.47 -15.10
CA GLU E 137 -4.05 -24.52 -14.45
C GLU E 137 -2.84 -24.12 -15.27
N PRO E 138 -3.00 -23.19 -16.21
CA PRO E 138 -1.82 -22.60 -16.85
C PRO E 138 -0.79 -22.09 -15.85
N GLU E 139 -1.20 -21.41 -14.78
CA GLU E 139 -0.26 -21.13 -13.71
C GLU E 139 0.02 -22.46 -13.00
N ASP E 140 0.75 -22.45 -11.89
CA ASP E 140 1.30 -23.69 -11.35
C ASP E 140 2.19 -24.31 -12.42
N MET E 141 3.26 -23.58 -12.73
CA MET E 141 4.03 -23.83 -13.94
C MET E 141 4.91 -25.06 -13.80
N VAL E 142 4.95 -25.87 -14.85
CA VAL E 142 5.85 -27.01 -14.89
C VAL E 142 7.27 -26.51 -14.73
N SER E 143 8.08 -27.27 -14.00
CA SER E 143 9.46 -26.88 -13.73
C SER E 143 10.41 -27.69 -14.58
N LEU E 144 11.29 -27.01 -15.29
CA LEU E 144 12.32 -27.62 -16.12
C LEU E 144 13.68 -27.27 -15.54
N ARG E 145 14.50 -28.28 -15.30
CA ARG E 145 15.80 -28.11 -14.68
C ARG E 145 16.87 -28.57 -15.66
N VAL E 146 17.83 -27.69 -15.96
CA VAL E 146 18.82 -27.92 -16.99
C VAL E 146 20.19 -27.94 -16.34
N PHE E 147 21.02 -28.89 -16.74
CA PHE E 147 22.43 -28.92 -16.41
C PHE E 147 23.20 -28.71 -17.71
N ALA E 148 23.78 -27.54 -17.88
CA ALA E 148 24.43 -27.17 -19.13
C ALA E 148 25.94 -27.30 -19.00
N ASP E 149 26.53 -28.12 -19.84
CA ASP E 149 27.97 -28.26 -19.95
C ASP E 149 28.43 -27.58 -21.23
N ALA E 150 29.73 -27.68 -21.52
CA ALA E 150 30.23 -27.19 -22.80
C ALA E 150 29.87 -28.11 -23.94
N ARG E 151 29.62 -29.40 -23.65
CA ARG E 151 29.29 -30.35 -24.70
C ARG E 151 28.16 -31.28 -24.31
N ARG E 152 27.44 -31.02 -23.23
CA ARG E 152 26.32 -31.84 -22.84
C ARG E 152 25.23 -30.96 -22.23
N VAL E 153 23.98 -31.35 -22.46
CA VAL E 153 22.84 -30.74 -21.79
C VAL E 153 21.99 -31.86 -21.25
N ILE E 154 21.59 -31.75 -19.99
CA ILE E 154 20.78 -32.75 -19.33
C ILE E 154 19.60 -32.03 -18.70
N SER E 155 18.40 -32.37 -19.12
CA SER E 155 17.20 -31.66 -18.70
C SER E 155 16.27 -32.60 -17.97
N LEU E 156 15.63 -32.09 -16.93
CA LEU E 156 14.80 -32.89 -16.04
C LEU E 156 13.40 -32.29 -15.99
N ARG E 157 12.39 -33.14 -15.89
CA ARG E 157 11.03 -32.66 -15.73
C ARG E 157 10.17 -33.76 -15.13
N LEU E 158 9.12 -33.35 -14.42
CA LEU E 158 8.10 -34.26 -13.92
C LEU E 158 6.94 -34.39 -14.91
N ARG E 159 6.24 -33.30 -15.16
CA ARG E 159 5.12 -33.15 -16.07
C ARG E 159 5.60 -32.71 -17.44
N PRO E 160 5.03 -33.26 -18.52
CA PRO E 160 5.55 -32.95 -19.85
C PRO E 160 5.46 -31.46 -20.16
N LEU E 161 6.38 -31.00 -21.00
CA LEU E 161 6.46 -29.61 -21.40
C LEU E 161 6.26 -29.49 -22.90
N LYS E 162 5.62 -28.41 -23.33
CA LYS E 162 5.47 -28.18 -24.76
C LYS E 162 6.78 -27.75 -25.38
N ALA E 163 7.49 -26.84 -24.71
CA ALA E 163 8.73 -26.28 -25.24
C ALA E 163 9.69 -27.36 -25.70
N VAL E 164 9.72 -28.49 -25.00
CA VAL E 164 10.65 -29.54 -25.36
C VAL E 164 10.22 -30.24 -26.64
N ALA E 165 8.93 -30.48 -26.82
CA ALA E 165 8.48 -31.04 -28.08
C ALA E 165 8.72 -30.07 -29.23
N ASP E 166 8.52 -28.78 -28.96
CA ASP E 166 8.85 -27.75 -29.95
C ASP E 166 10.30 -27.86 -30.37
N LEU E 167 11.20 -27.91 -29.39
CA LEU E 167 12.62 -28.00 -29.68
C LEU E 167 12.95 -29.27 -30.45
N LEU E 168 12.29 -30.38 -30.11
CA LEU E 168 12.59 -31.62 -30.79
C LEU E 168 12.17 -31.57 -32.25
N GLU E 169 10.89 -31.26 -32.50
CA GLU E 169 10.41 -31.15 -33.88
C GLU E 169 11.19 -30.09 -34.65
N ASP E 170 11.70 -29.09 -33.94
CA ASP E 170 12.61 -28.14 -34.55
C ASP E 170 13.88 -28.83 -35.00
N LEU E 171 14.46 -29.66 -34.12
CA LEU E 171 15.72 -30.34 -34.41
C LEU E 171 15.59 -31.26 -35.61
N GLU E 172 14.70 -32.25 -35.53
CA GLU E 172 14.64 -33.19 -36.64
C GLU E 172 14.13 -32.54 -37.92
N ALA E 173 13.63 -31.31 -37.85
CA ALA E 173 13.33 -30.56 -39.07
C ALA E 173 14.59 -30.01 -39.73
N GLY E 174 15.74 -30.11 -39.09
CA GLY E 174 16.98 -29.62 -39.64
C GLY E 174 17.27 -28.16 -39.36
N LYS E 175 16.50 -27.50 -38.50
CA LYS E 175 16.71 -26.10 -38.20
C LYS E 175 16.77 -25.82 -36.70
N GLY E 176 17.11 -26.84 -35.91
CA GLY E 176 17.19 -26.67 -34.47
C GLY E 176 18.51 -26.10 -34.04
N PRO E 177 18.80 -26.18 -32.74
CA PRO E 177 20.08 -25.66 -32.24
C PRO E 177 21.24 -26.52 -32.69
N LYS E 178 22.45 -26.05 -32.39
CA LYS E 178 23.63 -26.79 -32.77
C LYS E 178 24.66 -26.93 -31.65
N THR E 179 24.55 -26.18 -30.56
CA THR E 179 25.43 -26.34 -29.41
C THR E 179 24.62 -26.21 -28.13
N ALA E 180 25.29 -26.48 -27.01
CA ALA E 180 24.61 -26.55 -25.71
C ALA E 180 23.95 -25.22 -25.36
N SER E 181 24.70 -24.13 -25.47
CA SER E 181 24.12 -22.81 -25.22
C SER E 181 22.90 -22.58 -26.08
N GLU E 182 22.95 -23.04 -27.34
CA GLU E 182 21.79 -22.86 -28.21
C GLU E 182 20.61 -23.67 -27.73
N VAL E 183 20.85 -24.86 -27.17
CA VAL E 183 19.74 -25.66 -26.64
C VAL E 183 19.08 -24.94 -25.47
N VAL E 184 19.89 -24.45 -24.53
CA VAL E 184 19.32 -23.74 -23.40
C VAL E 184 18.57 -22.50 -23.87
N TYR E 185 19.12 -21.79 -24.86
CA TYR E 185 18.46 -20.60 -25.36
C TYR E 185 17.12 -20.96 -26.01
N TYR E 186 17.10 -22.05 -26.79
CA TYR E 186 15.85 -22.45 -27.43
C TYR E 186 14.79 -22.79 -26.40
N LEU E 187 15.18 -23.53 -25.36
CA LEU E 187 14.23 -23.87 -24.31
C LEU E 187 13.67 -22.62 -23.66
N ALA E 188 14.53 -21.67 -23.29
CA ALA E 188 14.06 -20.45 -22.66
C ALA E 188 13.19 -19.64 -23.62
N HIS E 189 13.56 -19.60 -24.88
CA HIS E 189 12.81 -18.85 -25.88
C HIS E 189 11.41 -19.39 -26.01
N TYR E 190 11.27 -20.71 -26.07
CA TYR E 190 9.94 -21.29 -26.22
C TYR E 190 9.11 -21.09 -24.95
N LEU E 191 9.73 -21.26 -23.78
CA LEU E 191 8.99 -21.00 -22.55
C LEU E 191 8.44 -19.58 -22.54
N THR E 192 9.23 -18.61 -22.99
CA THR E 192 8.74 -17.24 -23.02
C THR E 192 7.69 -17.02 -24.12
N ASP E 193 7.88 -17.64 -25.28
CA ASP E 193 6.92 -17.51 -26.35
C ASP E 193 5.56 -18.04 -25.94
N ARG E 194 5.53 -18.94 -24.96
CA ARG E 194 4.24 -19.40 -24.48
C ARG E 194 3.72 -18.58 -23.30
N VAL E 195 4.60 -18.10 -22.42
CA VAL E 195 4.11 -17.30 -21.31
C VAL E 195 3.50 -15.99 -21.83
N ASP E 196 4.06 -15.43 -22.90
CA ASP E 196 3.49 -14.17 -23.37
C ASP E 196 2.17 -14.40 -24.10
N THR E 197 2.05 -15.52 -24.79
CA THR E 197 0.75 -15.91 -25.35
C THR E 197 -0.29 -16.02 -24.26
N LEU E 198 0.04 -16.66 -23.15
CA LEU E 198 -0.91 -16.79 -22.06
C LEU E 198 -1.29 -15.42 -21.50
N ILE E 199 -0.31 -14.54 -21.33
CA ILE E 199 -0.62 -13.24 -20.73
C ILE E 199 -1.46 -12.39 -21.68
N SER E 200 -1.20 -12.47 -22.98
CA SER E 200 -2.03 -11.74 -23.93
C SER E 200 -3.45 -12.30 -23.94
N GLY E 201 -3.58 -13.61 -23.78
CA GLY E 201 -4.91 -14.18 -23.64
C GLY E 201 -5.64 -13.64 -22.42
N ILE E 202 -4.94 -13.54 -21.29
CA ILE E 202 -5.54 -12.95 -20.10
C ILE E 202 -5.99 -11.52 -20.38
N ALA E 203 -5.16 -10.76 -21.11
CA ALA E 203 -5.50 -9.38 -21.39
C ALA E 203 -6.74 -9.27 -22.26
N ASP E 204 -6.85 -10.12 -23.28
CA ASP E 204 -8.06 -10.08 -24.11
C ASP E 204 -9.29 -10.55 -23.35
N GLN E 205 -9.11 -11.48 -22.41
CA GLN E 205 -10.23 -11.89 -21.57
C GLN E 205 -10.74 -10.73 -20.74
N LEU E 206 -9.82 -10.01 -20.09
CA LEU E 206 -10.23 -8.83 -19.35
C LEU E 206 -10.87 -7.79 -20.25
N ASP E 207 -10.37 -7.65 -21.48
CA ASP E 207 -10.94 -6.69 -22.41
C ASP E 207 -12.38 -7.04 -22.73
N ALA E 208 -12.64 -8.32 -22.99
CA ALA E 208 -14.02 -8.75 -23.25
C ALA E 208 -14.91 -8.50 -22.05
N VAL E 209 -14.42 -8.84 -20.85
CA VAL E 209 -15.22 -8.62 -19.64
C VAL E 209 -15.56 -7.14 -19.49
N GLU E 210 -14.57 -6.27 -19.64
CA GLU E 210 -14.81 -4.85 -19.46
C GLU E 210 -15.77 -4.32 -20.51
N GLU E 211 -15.55 -4.67 -21.77
CA GLU E 211 -16.40 -4.12 -22.81
C GLU E 211 -17.83 -4.59 -22.64
N LEU E 212 -18.03 -5.83 -22.16
CA LEU E 212 -19.37 -6.27 -21.82
C LEU E 212 -19.96 -5.44 -20.69
N VAL E 213 -19.20 -5.28 -19.61
CA VAL E 213 -19.70 -4.58 -18.42
C VAL E 213 -20.11 -3.16 -18.76
N GLU E 214 -19.29 -2.45 -19.54
CA GLU E 214 -19.61 -1.06 -19.84
C GLU E 214 -20.58 -0.91 -21.00
N ALA E 215 -20.62 -1.87 -21.93
CA ALA E 215 -21.64 -1.86 -22.95
C ALA E 215 -23.02 -1.98 -22.34
N ASP E 216 -23.23 -3.02 -21.54
CA ASP E 216 -24.44 -3.09 -20.75
C ASP E 216 -24.33 -2.13 -19.57
N GLU E 217 -25.38 -2.07 -18.77
CA GLU E 217 -25.35 -1.31 -17.53
C GLU E 217 -25.93 -2.16 -16.42
N ARG E 218 -25.60 -1.79 -15.17
CA ARG E 218 -25.95 -2.52 -13.96
C ARG E 218 -25.72 -4.03 -14.12
N ALA E 219 -24.70 -4.39 -14.89
CA ALA E 219 -24.32 -5.78 -15.11
C ALA E 219 -23.05 -6.06 -14.33
N SER E 220 -23.12 -7.01 -13.41
CA SER E 220 -21.94 -7.33 -12.63
C SER E 220 -20.95 -8.12 -13.49
N PRO E 221 -19.66 -7.88 -13.32
CA PRO E 221 -18.67 -8.72 -13.99
C PRO E 221 -18.75 -10.14 -13.46
N ASP E 222 -18.44 -11.09 -14.33
CA ASP E 222 -18.57 -12.50 -13.96
C ASP E 222 -17.50 -12.81 -12.92
N GLN E 223 -17.90 -12.89 -11.66
CA GLN E 223 -17.01 -13.42 -10.64
C GLN E 223 -16.67 -14.87 -10.96
N HIS E 224 -15.74 -15.42 -10.17
CA HIS E 224 -15.22 -16.76 -10.40
C HIS E 224 -14.46 -16.81 -11.72
N GLN E 225 -14.41 -15.68 -12.42
CA GLN E 225 -13.49 -15.46 -13.52
C GLN E 225 -12.46 -14.39 -13.22
N LEU E 226 -12.89 -13.28 -12.63
CA LEU E 226 -11.93 -12.31 -12.11
C LEU E 226 -11.05 -12.96 -11.05
N ARG E 227 -11.62 -13.86 -10.25
CA ARG E 227 -10.82 -14.55 -9.25
C ARG E 227 -9.76 -15.43 -9.90
N THR E 228 -10.15 -16.18 -10.93
CA THR E 228 -9.18 -17.03 -11.60
C THR E 228 -8.11 -16.22 -12.30
N LEU E 229 -8.49 -15.09 -12.90
CA LEU E 229 -7.50 -14.25 -13.57
C LEU E 229 -6.54 -13.64 -12.56
N ARG E 230 -7.04 -13.25 -11.39
CA ARG E 230 -6.14 -12.71 -10.36
C ARG E 230 -5.20 -13.78 -9.85
N ARG E 231 -5.72 -14.97 -9.55
CA ARG E 231 -4.87 -16.08 -9.15
C ARG E 231 -3.83 -16.36 -10.21
N ARG E 232 -4.22 -16.31 -11.48
CA ARG E 232 -3.31 -16.62 -12.56
C ARG E 232 -2.20 -15.59 -12.65
N SER E 233 -2.54 -14.31 -12.55
CA SER E 233 -1.53 -13.27 -12.59
C SER E 233 -0.55 -13.41 -11.43
N ALA E 234 -1.06 -13.68 -10.24
CA ALA E 234 -0.19 -13.82 -9.09
C ALA E 234 0.74 -15.03 -9.24
N GLY E 235 0.19 -16.18 -9.60
CA GLY E 235 1.00 -17.37 -9.75
C GLY E 235 1.98 -17.28 -10.90
N LEU E 236 1.67 -16.45 -11.89
CA LEU E 236 2.62 -16.23 -12.98
C LEU E 236 3.76 -15.34 -12.51
N ARG E 237 3.45 -14.22 -11.87
CA ARG E 237 4.50 -13.33 -11.41
C ARG E 237 5.43 -14.02 -10.42
N ARG E 238 4.89 -14.87 -9.56
CA ARG E 238 5.70 -15.52 -8.53
C ARG E 238 6.88 -16.26 -9.15
N TYR E 239 6.72 -16.81 -10.35
CA TYR E 239 7.80 -17.52 -11.00
C TYR E 239 8.46 -16.73 -12.12
N LEU E 240 7.82 -15.67 -12.63
CA LEU E 240 8.45 -14.90 -13.69
C LEU E 240 9.42 -13.88 -13.14
N ALA E 241 9.22 -13.43 -11.91
CA ALA E 241 10.17 -12.50 -11.32
C ALA E 241 11.59 -13.05 -11.23
N PRO E 242 11.83 -14.31 -10.88
CA PRO E 242 13.22 -14.78 -10.86
C PRO E 242 13.77 -15.15 -12.23
N GLN E 243 12.92 -15.53 -13.18
CA GLN E 243 13.44 -15.88 -14.49
C GLN E 243 13.99 -14.66 -15.22
N ARG E 244 13.36 -13.50 -15.02
CA ARG E 244 13.93 -12.29 -15.58
C ARG E 244 15.36 -12.10 -15.11
N ASP E 245 15.62 -12.39 -13.84
CA ASP E 245 16.97 -12.25 -13.32
C ASP E 245 17.88 -13.33 -13.87
N ILE E 246 17.36 -14.54 -14.06
CA ILE E 246 18.15 -15.59 -14.71
C ILE E 246 18.64 -15.10 -16.07
N TYR E 247 17.73 -14.52 -16.85
CA TYR E 247 18.08 -14.07 -18.19
C TYR E 247 19.05 -12.90 -18.14
N SER E 248 18.83 -11.96 -17.23
CA SER E 248 19.77 -10.85 -17.08
C SER E 248 21.16 -11.36 -16.77
N GLN E 249 21.28 -12.29 -15.82
CA GLN E 249 22.58 -12.85 -15.49
C GLN E 249 23.20 -13.56 -16.68
N LEU E 250 22.39 -14.30 -17.43
CA LEU E 250 22.90 -15.03 -18.58
C LEU E 250 23.32 -14.07 -19.68
N ALA E 251 22.85 -12.83 -19.59
CA ALA E 251 23.15 -11.84 -20.61
C ALA E 251 24.38 -10.99 -20.31
N ARG E 252 24.84 -10.93 -19.06
CA ARG E 252 25.84 -9.91 -18.74
C ARG E 252 27.23 -10.33 -19.18
N TYR E 253 27.82 -11.37 -18.59
CA TYR E 253 29.13 -11.75 -19.09
C TYR E 253 29.17 -13.16 -19.67
N LYS E 254 28.98 -14.18 -18.82
CA LYS E 254 28.95 -15.60 -19.18
C LYS E 254 29.84 -15.90 -20.39
N LEU E 255 31.09 -15.46 -20.29
CA LEU E 255 31.99 -15.47 -21.44
C LEU E 255 32.21 -16.86 -22.01
N SER E 256 32.77 -17.76 -21.21
CA SER E 256 33.25 -19.02 -21.75
C SER E 256 32.10 -19.94 -22.10
N TRP E 257 31.09 -20.02 -21.24
CA TRP E 257 30.02 -20.99 -21.44
C TRP E 257 29.14 -20.61 -22.60
N PHE E 258 28.45 -19.49 -22.48
CA PHE E 258 27.38 -19.11 -23.39
C PHE E 258 27.84 -17.88 -24.17
N VAL E 259 28.55 -18.14 -25.28
CA VAL E 259 29.34 -17.10 -25.93
C VAL E 259 28.46 -15.89 -26.23
N GLU E 260 29.07 -14.71 -26.20
CA GLU E 260 28.29 -13.48 -26.25
C GLU E 260 27.55 -13.34 -27.58
N ASP E 261 27.79 -14.26 -28.51
CA ASP E 261 26.95 -14.36 -29.69
C ASP E 261 25.48 -14.34 -29.32
N ASP E 262 25.14 -14.95 -28.19
CA ASP E 262 23.77 -14.96 -27.69
C ASP E 262 23.55 -14.02 -26.51
N ALA E 263 24.53 -13.17 -26.19
CA ALA E 263 24.35 -12.26 -25.06
C ALA E 263 23.17 -11.33 -25.30
N ASP E 264 23.09 -10.75 -26.49
CA ASP E 264 21.99 -9.85 -26.80
C ASP E 264 20.67 -10.60 -26.92
N TYR E 265 20.71 -11.87 -27.31
CA TYR E 265 19.50 -12.67 -27.35
C TYR E 265 18.96 -12.90 -25.94
N TRP E 266 19.85 -13.27 -25.01
CA TRP E 266 19.43 -13.38 -23.62
C TRP E 266 18.93 -12.04 -23.10
N ASN E 267 19.54 -10.95 -23.55
CA ASN E 267 19.09 -9.62 -23.13
C ASN E 267 17.67 -9.35 -23.59
N GLU E 268 17.35 -9.69 -24.84
CA GLU E 268 16.01 -9.41 -25.32
C GLU E 268 14.99 -10.37 -24.70
N LEU E 269 15.41 -11.56 -24.30
CA LEU E 269 14.54 -12.41 -23.50
C LEU E 269 14.24 -11.76 -22.16
N ASN E 270 15.27 -11.19 -21.53
CA ASN E 270 15.08 -10.38 -20.34
C ASN E 270 14.07 -9.27 -20.58
N ASN E 271 14.20 -8.59 -21.71
CA ASN E 271 13.27 -7.51 -22.05
C ASN E 271 11.85 -8.03 -22.15
N ARG E 272 11.68 -9.15 -22.83
CA ARG E 272 10.33 -9.68 -23.02
C ARG E 272 9.69 -10.07 -21.70
N LEU E 273 10.46 -10.67 -20.80
CA LEU E 273 9.88 -10.94 -19.49
C LEU E 273 9.59 -9.67 -18.71
N THR E 274 10.41 -8.63 -18.88
CA THR E 274 10.10 -7.36 -18.22
C THR E 274 8.78 -6.80 -18.72
N ARG E 275 8.59 -6.83 -20.03
CA ARG E 275 7.34 -6.36 -20.62
C ARG E 275 6.16 -7.18 -20.11
N ASN E 276 6.33 -8.50 -20.01
CA ASN E 276 5.23 -9.33 -19.54
C ASN E 276 4.91 -9.07 -18.08
N LEU E 277 5.92 -8.77 -17.27
CA LEU E 277 5.64 -8.43 -15.88
C LEU E 277 4.91 -7.09 -15.78
N GLU E 278 5.28 -6.13 -16.63
CA GLU E 278 4.53 -4.88 -16.70
C GLU E 278 3.08 -5.14 -17.05
N GLU E 279 2.85 -6.01 -18.04
CA GLU E 279 1.48 -6.35 -18.42
C GLU E 279 0.75 -7.02 -17.28
N LEU E 280 1.44 -7.86 -16.50
CA LEU E 280 0.80 -8.52 -15.38
C LEU E 280 0.36 -7.51 -14.33
N GLU E 281 1.21 -6.54 -14.02
CA GLU E 281 0.82 -5.52 -13.05
C GLU E 281 -0.35 -4.69 -13.57
N LEU E 282 -0.33 -4.35 -14.84
CA LEU E 282 -1.44 -3.62 -15.43
C LEU E 282 -2.73 -4.43 -15.34
N ILE E 283 -2.64 -5.75 -15.57
CA ILE E 283 -3.81 -6.61 -15.52
C ILE E 283 -4.36 -6.67 -14.10
N ARG E 284 -3.47 -6.80 -13.12
CA ARG E 284 -3.92 -6.82 -11.74
C ARG E 284 -4.62 -5.52 -11.37
N GLU E 285 -4.08 -4.39 -11.81
CA GLU E 285 -4.72 -3.12 -11.47
C GLU E 285 -6.07 -2.98 -12.17
N ARG E 286 -6.18 -3.47 -13.41
CA ARG E 286 -7.48 -3.45 -14.08
C ARG E 286 -8.49 -4.32 -13.35
N ILE E 287 -8.07 -5.49 -12.86
CA ILE E 287 -8.98 -6.34 -12.12
C ILE E 287 -9.43 -5.65 -10.84
N SER E 288 -8.51 -4.99 -10.15
CA SER E 288 -8.89 -4.28 -8.94
C SER E 288 -9.88 -3.15 -9.24
N VAL E 289 -9.69 -2.47 -10.36
CA VAL E 289 -10.65 -1.43 -10.76
C VAL E 289 -12.02 -2.05 -11.00
N LEU E 290 -12.08 -3.18 -11.70
CA LEU E 290 -13.36 -3.83 -11.93
C LEU E 290 -14.03 -4.22 -10.61
N GLN E 291 -13.25 -4.73 -9.66
CA GLN E 291 -13.82 -5.16 -8.38
C GLN E 291 -14.37 -3.97 -7.61
N GLU E 292 -13.61 -2.87 -7.56
CA GLU E 292 -14.10 -1.69 -6.86
C GLU E 292 -15.35 -1.14 -7.52
N ALA E 293 -15.39 -1.14 -8.86
CA ALA E 293 -16.59 -0.69 -9.55
C ALA E 293 -17.79 -1.54 -9.19
N GLU E 294 -17.61 -2.87 -9.15
CA GLU E 294 -18.73 -3.74 -8.79
C GLU E 294 -19.18 -3.52 -7.37
N SER E 295 -18.24 -3.37 -6.43
CA SER E 295 -18.62 -3.15 -5.04
C SER E 295 -19.37 -1.84 -4.89
N ARG E 296 -18.88 -0.77 -5.53
CA ARG E 296 -19.60 0.50 -5.50
C ARG E 296 -20.99 0.35 -6.09
N ARG E 297 -21.11 -0.42 -7.16
CA ARG E 297 -22.42 -0.58 -7.79
C ARG E 297 -23.40 -1.27 -6.87
N ILE E 298 -22.97 -2.35 -6.20
CA ILE E 298 -23.91 -3.05 -5.32
C ILE E 298 -24.24 -2.20 -4.11
N THR E 299 -23.29 -1.40 -3.62
CA THR E 299 -23.59 -0.55 -2.48
C THR E 299 -24.58 0.54 -2.85
N GLU E 300 -24.42 1.12 -4.04
CA GLU E 300 -25.34 2.17 -4.47
C GLU E 300 -26.71 1.59 -4.74
N ARG E 301 -26.78 0.38 -5.29
CA ARG E 301 -28.08 -0.26 -5.47
C ARG E 301 -28.73 -0.57 -4.13
N MET E 302 -27.94 -0.97 -3.15
CA MET E 302 -28.43 -1.17 -1.80
C MET E 302 -29.03 0.10 -1.24
N ASN E 303 -28.32 1.22 -1.40
CA ASN E 303 -28.86 2.51 -0.96
C ASN E 303 -30.14 2.86 -1.70
N ARG E 304 -30.21 2.54 -2.99
CA ARG E 304 -31.40 2.87 -3.77
C ARG E 304 -32.61 2.08 -3.28
N THR E 305 -32.43 0.77 -3.07
CA THR E 305 -33.57 -0.02 -2.61
C THR E 305 -33.97 0.35 -1.19
N MET E 306 -33.01 0.78 -0.37
CA MET E 306 -33.38 1.29 0.95
C MET E 306 -34.19 2.57 0.82
N TYR E 307 -33.85 3.43 -0.12
CA TYR E 307 -34.62 4.64 -0.35
C TYR E 307 -36.04 4.30 -0.76
N LEU E 308 -36.20 3.38 -1.71
CA LEU E 308 -37.53 2.97 -2.13
C LEU E 308 -38.32 2.35 -0.98
N LEU E 309 -37.66 1.56 -0.16
CA LEU E 309 -38.33 0.99 1.02
C LEU E 309 -38.82 2.08 1.96
N GLY E 310 -37.97 3.06 2.24
CA GLY E 310 -38.39 4.16 3.08
C GLY E 310 -39.56 4.92 2.50
N ILE E 311 -39.57 5.10 1.18
CA ILE E 311 -40.68 5.78 0.53
C ILE E 311 -41.97 5.00 0.71
N ILE E 312 -41.91 3.69 0.43
CA ILE E 312 -43.09 2.84 0.54
C ILE E 312 -43.67 2.89 1.94
N THR E 313 -42.81 2.79 2.95
CA THR E 313 -43.30 2.84 4.33
C THR E 313 -43.84 4.23 4.66
N GLY E 314 -42.99 5.26 4.55
CA GLY E 314 -43.38 6.59 4.98
C GLY E 314 -44.60 7.13 4.27
N PHE E 315 -44.93 6.58 3.10
CA PHE E 315 -46.18 7.00 2.47
C PHE E 315 -47.38 6.27 3.08
N PHE E 316 -47.23 4.98 3.37
CA PHE E 316 -48.37 4.14 3.71
C PHE E 316 -48.54 3.89 5.20
N LEU E 317 -47.45 3.76 5.95
CA LEU E 317 -47.55 3.61 7.39
C LEU E 317 -48.35 4.73 8.05
N PRO E 318 -48.11 6.01 7.77
CA PRO E 318 -48.97 7.04 8.34
C PRO E 318 -50.37 7.00 7.75
N MET E 319 -50.45 6.86 6.42
CA MET E 319 -51.75 6.87 5.77
C MET E 319 -52.62 5.71 6.26
N SER E 320 -52.01 4.56 6.53
CA SER E 320 -52.75 3.45 7.11
C SER E 320 -53.13 3.69 8.56
N PHE E 321 -52.47 4.63 9.24
CA PHE E 321 -52.83 4.94 10.61
C PHE E 321 -53.94 5.98 10.67
N VAL E 322 -53.85 7.03 9.85
CA VAL E 322 -54.88 8.06 9.88
C VAL E 322 -56.21 7.52 9.39
N THR E 323 -56.18 6.54 8.48
CA THR E 323 -57.41 5.89 8.07
C THR E 323 -57.99 5.02 9.16
N GLY E 324 -57.28 4.84 10.27
CA GLY E 324 -57.76 4.05 11.38
C GLY E 324 -59.01 4.63 11.98
N LEU E 325 -58.97 5.90 12.37
CA LEU E 325 -60.15 6.56 12.89
C LEU E 325 -61.04 7.15 11.81
N LEU E 326 -60.76 6.88 10.54
CA LEU E 326 -61.61 7.35 9.45
C LEU E 326 -63.04 6.83 9.65
N GLY E 327 -63.99 7.53 9.04
CA GLY E 327 -65.39 7.13 9.14
C GLY E 327 -65.71 5.89 8.36
N ILE E 328 -66.96 5.80 7.87
CA ILE E 328 -67.38 4.63 7.12
C ILE E 328 -66.51 4.47 5.89
N ASN E 329 -65.99 3.27 5.68
CA ASN E 329 -65.04 3.00 4.62
C ASN E 329 -65.71 2.79 3.27
N VAL E 330 -67.03 3.01 3.18
CA VAL E 330 -67.75 2.94 1.92
C VAL E 330 -68.14 4.36 1.53
N GLY E 331 -68.15 4.62 0.22
CA GLY E 331 -68.30 5.97 -0.27
C GLY E 331 -69.73 6.49 -0.25
N GLY E 332 -69.87 7.74 0.19
CA GLY E 332 -71.13 8.45 0.15
C GLY E 332 -72.27 7.78 0.88
N ILE E 333 -72.18 7.70 2.20
CA ILE E 333 -73.22 7.05 2.99
C ILE E 333 -74.52 7.85 2.88
N PRO E 334 -74.59 9.14 3.30
CA PRO E 334 -75.82 9.92 3.14
C PRO E 334 -75.91 10.64 1.80
N GLY E 335 -75.62 9.91 0.71
CA GLY E 335 -75.79 10.44 -0.63
C GLY E 335 -74.77 11.50 -1.03
N ALA E 336 -74.86 12.69 -0.41
CA ALA E 336 -74.07 13.82 -0.86
C ALA E 336 -72.64 13.76 -0.32
N ASP E 337 -72.49 13.76 1.00
CA ASP E 337 -71.17 13.80 1.61
C ASP E 337 -71.09 12.72 2.68
N ALA E 338 -70.09 11.84 2.53
CA ALA E 338 -69.96 10.68 3.41
C ALA E 338 -69.79 11.03 4.89
N PRO E 339 -68.86 11.89 5.29
CA PRO E 339 -68.64 12.11 6.72
C PRO E 339 -69.57 13.15 7.32
N HIS E 340 -69.91 12.93 8.58
CA HIS E 340 -70.71 13.85 9.37
C HIS E 340 -70.07 14.05 10.73
N GLY E 341 -70.07 15.29 11.21
CA GLY E 341 -69.40 15.63 12.44
C GLY E 341 -67.89 15.68 12.35
N PHE E 342 -67.33 15.71 11.14
CA PHE E 342 -65.88 15.67 10.96
C PHE E 342 -65.19 16.91 11.49
N TRP E 343 -65.92 18.03 11.65
CA TRP E 343 -65.29 19.29 12.04
C TRP E 343 -64.50 19.19 13.34
N LEU E 344 -64.77 18.19 14.16
CA LEU E 344 -64.07 18.06 15.44
C LEU E 344 -62.68 17.46 15.25
N ALA E 345 -62.60 16.29 14.63
CA ALA E 345 -61.36 15.52 14.60
C ALA E 345 -60.68 15.48 13.22
N CYS E 346 -61.22 16.19 12.22
CA CYS E 346 -60.63 16.16 10.89
C CYS E 346 -59.26 16.84 10.83
N LEU E 347 -58.85 17.51 11.90
CA LEU E 347 -57.56 18.20 11.89
C LEU E 347 -56.39 17.23 11.80
N LEU E 348 -56.64 15.95 12.07
CA LEU E 348 -55.56 14.98 12.08
C LEU E 348 -55.03 14.68 10.69
N ILE E 349 -55.88 14.72 9.67
CA ILE E 349 -55.43 14.40 8.32
C ILE E 349 -54.40 15.41 7.84
N GLY E 350 -54.41 16.61 8.43
CA GLY E 350 -53.39 17.58 8.09
C GLY E 350 -52.05 17.27 8.72
N GLY E 351 -52.07 16.76 9.95
CA GLY E 351 -50.82 16.51 10.67
C GLY E 351 -49.98 15.44 10.02
N VAL E 352 -50.60 14.31 9.68
CA VAL E 352 -49.86 13.22 9.06
C VAL E 352 -49.43 13.61 7.64
N ALA E 353 -50.18 14.48 6.97
CA ALA E 353 -49.77 14.96 5.66
C ALA E 353 -48.55 15.86 5.78
N THR E 354 -48.53 16.75 6.78
CA THR E 354 -47.36 17.56 7.05
C THR E 354 -46.15 16.67 7.35
N PHE E 355 -46.35 15.66 8.19
CA PHE E 355 -45.26 14.73 8.49
C PHE E 355 -44.76 14.04 7.22
N GLN E 356 -45.70 13.63 6.36
CA GLN E 356 -45.33 12.93 5.13
C GLN E 356 -44.49 13.82 4.23
N TRP E 357 -44.96 15.04 3.96
CA TRP E 357 -44.20 15.92 3.09
C TRP E 357 -42.89 16.34 3.74
N TRP E 358 -42.86 16.43 5.06
CA TRP E 358 -41.63 16.72 5.77
C TRP E 358 -40.59 15.63 5.54
N VAL E 359 -40.95 14.38 5.84
CA VAL E 359 -40.00 13.28 5.68
C VAL E 359 -39.65 13.09 4.21
N PHE E 360 -40.58 13.38 3.30
CA PHE E 360 -40.28 13.28 1.88
C PHE E 360 -39.22 14.29 1.48
N ARG E 361 -39.39 15.54 1.90
CA ARG E 361 -38.33 16.52 1.72
C ARG E 361 -37.10 16.15 2.53
N ARG E 362 -37.30 15.45 3.65
CA ARG E 362 -36.16 15.02 4.44
C ARG E 362 -35.46 13.83 3.80
N LEU E 363 -36.17 13.06 2.97
CA LEU E 363 -35.53 11.96 2.27
C LEU E 363 -34.77 12.42 1.03
N ARG E 364 -35.32 13.42 0.31
CA ARG E 364 -34.65 13.90 -0.89
C ARG E 364 -33.31 14.54 -0.55
N TRP E 365 -33.27 15.33 0.52
CA TRP E 365 -32.06 16.06 0.86
C TRP E 365 -31.60 15.75 2.28
#